data_5AQR
#
_entry.id   5AQR
#
_cell.length_a   232.602
_cell.length_b   40.987
_cell.length_c   207.272
_cell.angle_alpha   90.00
_cell.angle_beta   122.92
_cell.angle_gamma   90.00
#
_symmetry.space_group_name_H-M   'C 1 2 1'
#
loop_
_entity.id
_entity.type
_entity.pdbx_description
1 polymer 'HEAT SHOCK COGNATE 71 KDA PROTEIN'
2 polymer 'BAG FAMILY MOLECULAR CHAPERONE REGULATOR 1'
3 non-polymer 2-AMINO-2-HYDROXYMETHYL-PROPANE-1,3-DIOL
4 non-polymer 6-methoxyquinazolin-4-amine
5 non-polymer GLYCEROL
6 non-polymer 'DIMETHYL SULFOXIDE'
7 non-polymer 'CHLORIDE ION'
8 water water
#
loop_
_entity_poly.entity_id
_entity_poly.type
_entity_poly.pdbx_seq_one_letter_code
_entity_poly.pdbx_strand_id
1 'polypeptide(L)'
;GPLGSMSKGPAVGIDLGTTYSCVGVFQHGKVEIIANDQGNRTTPSYVAFTDTERLIGDAAKNQVAMNPTNTVFDAKRLIG
RRFDDAVVQSDMKHWPFMVVNDAGRPKVQVEYKGETKSFYPEEVSSMVLTKMKEIAEAYLGKTVTNAVVTVPAYFNDSQR
QATKDAGTIAGLNVLRIINEPTAAAIAYGLDKKVGAERNVLIFDLGGGTFDVSILTIEDGIFEVKSTAGDTHLGGEDFDN
RMVNHFIAEFKRKHKKDISENKRAVRRLRTACERAKRTLSSSTQASIEIDSLYEGIDFYTSITRARFEELNADLFRGTLD
PVEKALRDAKLDKSQIHDIVLVGGSTRIPKIQKLLQDFFNGKELNKSINPDEAVAYGAAVQAAILS
;
A,C,E
2 'polypeptide(L)'
;GPLGSNSPQEEVELKKLKHLEKSVEKIADQLEELNKELTGIQQGFLPKDLQAEALCKLDRRVKATIEQFMKILEEIDTLI
LPENFKDSRLKRKGLVKKVQAFLAECDTVEQNICQETE
;
B,D,F
#
loop_
_chem_comp.id
_chem_comp.type
_chem_comp.name
_chem_comp.formula
CL non-polymer 'CHLORIDE ION' 'Cl -1'
DMS non-polymer 'DIMETHYL SULFOXIDE' 'C2 H6 O S'
GOL non-polymer GLYCEROL 'C3 H8 O3'
N8Y non-polymer 6-methoxyquinazolin-4-amine 'C9 H9 N3 O'
TRS non-polymer 2-AMINO-2-HYDROXYMETHYL-PROPANE-1,3-DIOL 'C4 H12 N O3 1'
#
# COMPACT_ATOMS: atom_id res chain seq x y z
N MET A 6 59.09 7.70 22.18
CA MET A 6 59.85 8.40 21.16
C MET A 6 60.46 9.68 21.72
N SER A 7 61.80 9.82 21.60
CA SER A 7 62.53 11.02 22.05
C SER A 7 62.32 12.20 21.07
N LYS A 8 62.64 13.43 21.49
CA LYS A 8 62.48 14.65 20.70
C LYS A 8 63.35 14.63 19.43
N GLY A 9 62.75 14.99 18.30
CA GLY A 9 63.43 15.03 17.01
C GLY A 9 63.77 16.41 16.48
N PRO A 10 64.39 16.48 15.28
CA PRO A 10 64.74 17.79 14.71
C PRO A 10 63.55 18.56 14.13
N ALA A 11 63.85 19.72 13.55
CA ALA A 11 62.90 20.60 12.87
C ALA A 11 62.87 20.21 11.40
N VAL A 12 61.69 20.25 10.79
CA VAL A 12 61.50 19.86 9.38
C VAL A 12 61.04 21.02 8.52
N GLY A 13 61.17 20.86 7.22
CA GLY A 13 60.68 21.84 6.25
C GLY A 13 59.52 21.23 5.48
N ILE A 14 58.39 21.95 5.38
CA ILE A 14 57.19 21.45 4.68
C ILE A 14 56.76 22.38 3.55
N ASP A 15 56.65 21.84 2.31
CA ASP A 15 56.10 22.56 1.15
C ASP A 15 54.64 22.12 1.11
N LEU A 16 53.72 22.99 1.53
CA LEU A 16 52.27 22.70 1.54
C LEU A 16 51.72 23.20 0.21
N GLY A 17 51.65 22.29 -0.77
CA GLY A 17 51.24 22.62 -2.13
C GLY A 17 49.76 22.48 -2.42
N THR A 18 49.35 23.00 -3.59
CA THR A 18 47.94 22.97 -4.01
C THR A 18 47.43 21.52 -4.20
N THR A 19 48.17 20.70 -4.98
CA THR A 19 47.80 19.32 -5.28
C THR A 19 48.70 18.29 -4.55
N TYR A 20 49.93 18.67 -4.17
CA TYR A 20 50.85 17.79 -3.47
C TYR A 20 51.70 18.52 -2.44
N SER A 21 52.09 17.81 -1.37
CA SER A 21 52.93 18.33 -0.30
C SER A 21 54.21 17.50 -0.15
N CYS A 22 55.29 18.11 0.36
CA CYS A 22 56.61 17.50 0.45
C CYS A 22 57.24 17.90 1.79
N VAL A 23 57.89 16.94 2.48
CA VAL A 23 58.55 17.21 3.76
C VAL A 23 60.03 16.77 3.70
N GLY A 24 60.92 17.64 4.18
CA GLY A 24 62.35 17.36 4.22
C GLY A 24 62.96 17.59 5.58
N VAL A 25 64.14 17.00 5.79
CA VAL A 25 64.90 17.15 7.04
C VAL A 25 66.38 17.25 6.76
N PHE A 26 67.05 18.21 7.41
CA PHE A 26 68.49 18.39 7.29
C PHE A 26 69.15 17.53 8.37
N GLN A 27 69.99 16.60 7.94
CA GLN A 27 70.73 15.72 8.82
C GLN A 27 72.05 15.31 8.17
N HIS A 28 73.09 15.14 8.98
CA HIS A 28 74.39 14.71 8.47
C HIS A 28 74.92 15.59 7.34
N GLY A 29 74.76 16.90 7.47
CA GLY A 29 75.21 17.82 6.45
C GLY A 29 74.52 17.73 5.11
N LYS A 30 73.29 17.24 5.10
CA LYS A 30 72.51 17.12 3.86
C LYS A 30 71.01 17.10 4.13
N VAL A 31 70.20 17.53 3.13
CA VAL A 31 68.74 17.49 3.20
C VAL A 31 68.29 16.13 2.69
N GLU A 32 67.37 15.50 3.41
CA GLU A 32 66.80 14.25 2.99
C GLU A 32 65.30 14.48 2.83
N ILE A 33 64.77 14.22 1.65
CA ILE A 33 63.34 14.39 1.40
C ILE A 33 62.76 13.06 1.86
N ILE A 34 61.77 13.14 2.73
CA ILE A 34 61.16 11.94 3.32
C ILE A 34 60.02 11.29 2.55
N ALA A 35 60.17 9.99 2.30
CA ALA A 35 59.14 9.20 1.61
C ALA A 35 58.02 8.91 2.61
N ASN A 36 56.78 8.86 2.11
CA ASN A 36 55.58 8.59 2.90
C ASN A 36 55.39 7.10 2.99
N ASP A 37 54.36 6.65 3.71
CA ASP A 37 54.09 5.24 3.95
C ASP A 37 53.93 4.38 2.66
N GLN A 38 53.64 5.01 1.50
CA GLN A 38 53.54 4.30 0.22
C GLN A 38 54.86 4.36 -0.59
N GLY A 39 55.92 4.93 0.03
CA GLY A 39 57.23 5.12 -0.58
C GLY A 39 57.34 6.30 -1.52
N ASN A 40 56.36 7.25 -1.45
CA ASN A 40 56.31 8.43 -2.31
C ASN A 40 56.91 9.66 -1.64
N ARG A 41 57.80 10.35 -2.37
CA ARG A 41 58.53 11.53 -1.89
C ARG A 41 57.67 12.82 -1.88
N THR A 42 56.46 12.77 -2.48
CA THR A 42 55.43 13.80 -2.45
C THR A 42 54.13 13.10 -2.05
N THR A 43 53.24 13.81 -1.35
CA THR A 43 51.97 13.27 -0.86
C THR A 43 50.81 14.16 -1.38
N PRO A 44 49.75 13.58 -2.02
CA PRO A 44 48.61 14.38 -2.46
C PRO A 44 47.98 15.24 -1.35
N SER A 45 47.70 16.52 -1.63
CA SER A 45 47.07 17.41 -0.65
C SER A 45 45.56 17.14 -0.74
N TYR A 46 45.19 15.87 -0.47
CA TYR A 46 43.81 15.36 -0.57
C TYR A 46 43.34 14.81 0.75
N VAL A 47 42.05 15.02 1.05
CA VAL A 47 41.37 14.51 2.25
C VAL A 47 40.00 13.98 1.76
N ALA A 48 39.70 12.73 2.07
CA ALA A 48 38.45 12.11 1.66
C ALA A 48 37.61 11.77 2.88
N PHE A 49 36.27 11.89 2.76
CA PHE A 49 35.29 11.57 3.80
C PHE A 49 34.38 10.49 3.28
N THR A 50 34.32 9.34 4.00
CA THR A 50 33.49 8.21 3.55
C THR A 50 32.43 7.88 4.60
N ASP A 51 31.74 6.75 4.40
CA ASP A 51 30.71 6.28 5.33
C ASP A 51 31.30 5.81 6.66
N THR A 52 32.61 5.46 6.70
CA THR A 52 33.24 4.94 7.92
C THR A 52 34.52 5.66 8.38
N GLU A 53 35.21 6.37 7.48
CA GLU A 53 36.49 6.96 7.85
C GLU A 53 36.82 8.25 7.13
N ARG A 54 37.96 8.82 7.52
CA ARG A 54 38.55 10.00 6.94
C ARG A 54 39.91 9.53 6.41
N LEU A 55 40.23 9.84 5.17
CA LEU A 55 41.48 9.42 4.56
C LEU A 55 42.33 10.63 4.14
N ILE A 56 43.64 10.48 4.21
CA ILE A 56 44.57 11.55 3.84
C ILE A 56 45.69 11.08 2.89
N GLY A 57 46.11 11.98 2.01
CA GLY A 57 47.15 11.71 1.02
C GLY A 57 46.86 10.65 -0.02
N ASP A 58 47.80 9.73 -0.24
CA ASP A 58 47.65 8.68 -1.26
C ASP A 58 46.36 7.92 -1.10
N ALA A 59 45.99 7.56 0.13
CA ALA A 59 44.73 6.86 0.40
C ALA A 59 43.50 7.65 -0.03
N ALA A 60 43.58 9.00 -0.01
CA ALA A 60 42.45 9.82 -0.44
C ALA A 60 42.38 9.95 -1.97
N LYS A 61 43.51 10.31 -2.64
CA LYS A 61 43.55 10.40 -4.11
C LYS A 61 43.23 9.03 -4.79
N ASN A 62 43.64 7.90 -4.16
CA ASN A 62 43.39 6.57 -4.72
C ASN A 62 41.88 6.20 -4.83
N GLN A 63 41.00 6.87 -4.06
CA GLN A 63 39.56 6.56 -4.14
C GLN A 63 38.71 7.73 -4.71
N VAL A 64 39.34 8.76 -5.32
CA VAL A 64 38.64 9.93 -5.88
C VAL A 64 37.58 9.54 -6.92
N ALA A 65 37.87 8.59 -7.83
CA ALA A 65 36.92 8.15 -8.86
C ALA A 65 35.67 7.45 -8.27
N MET A 66 35.85 6.81 -7.12
CA MET A 66 34.78 6.15 -6.37
C MET A 66 33.85 7.12 -5.65
N ASN A 67 34.46 8.16 -5.06
CA ASN A 67 33.77 9.15 -4.24
C ASN A 67 34.19 10.59 -4.56
N PRO A 68 33.91 11.08 -5.76
CA PRO A 68 34.33 12.44 -6.15
C PRO A 68 33.77 13.61 -5.34
N THR A 69 32.49 13.58 -4.98
CA THR A 69 31.86 14.65 -4.22
C THR A 69 32.40 14.86 -2.80
N ASN A 70 32.85 13.78 -2.17
CA ASN A 70 33.38 13.85 -0.81
C ASN A 70 34.91 13.87 -0.65
N THR A 71 35.64 13.99 -1.76
CA THR A 71 37.09 14.04 -1.71
C THR A 71 37.52 15.48 -2.01
N VAL A 72 38.21 16.09 -1.05
CA VAL A 72 38.64 17.48 -1.07
C VAL A 72 40.12 17.58 -1.45
N PHE A 73 40.41 18.60 -2.25
CA PHE A 73 41.74 18.96 -2.73
C PHE A 73 41.68 20.45 -3.09
N ASP A 74 42.83 21.08 -3.33
CA ASP A 74 42.84 22.51 -3.69
C ASP A 74 42.42 23.45 -2.57
N ALA A 75 42.56 23.02 -1.33
CA ALA A 75 42.19 23.83 -0.17
C ALA A 75 43.02 25.11 -0.17
N LYS A 76 44.25 24.98 -0.63
CA LYS A 76 45.21 26.08 -0.72
C LYS A 76 44.66 27.23 -1.62
N ARG A 77 43.73 26.91 -2.54
CA ARG A 77 43.09 27.93 -3.41
C ARG A 77 42.04 28.73 -2.63
N LEU A 78 41.57 28.18 -1.48
CA LEU A 78 40.54 28.77 -0.63
C LEU A 78 41.07 29.41 0.65
N ILE A 79 42.19 28.86 1.21
CA ILE A 79 42.76 29.28 2.49
C ILE A 79 42.99 30.81 2.57
N GLY A 80 42.49 31.40 3.66
CA GLY A 80 42.60 32.82 3.94
C GLY A 80 41.71 33.72 3.07
N ARG A 81 40.86 33.14 2.20
CA ARG A 81 40.01 33.94 1.30
C ARG A 81 38.59 34.14 1.81
N ARG A 82 37.92 35.20 1.36
CA ARG A 82 36.52 35.47 1.67
C ARG A 82 35.70 34.66 0.66
N PHE A 83 34.45 34.30 0.98
CA PHE A 83 33.61 33.52 0.04
C PHE A 83 33.40 34.24 -1.31
N ASP A 84 33.18 35.57 -1.25
CA ASP A 84 32.87 36.38 -2.43
C ASP A 84 34.10 36.79 -3.25
N ASP A 85 35.29 36.24 -2.90
CA ASP A 85 36.55 36.48 -3.64
C ASP A 85 36.35 35.91 -5.05
N ALA A 86 36.76 36.68 -6.08
CA ALA A 86 36.67 36.29 -7.51
C ALA A 86 37.26 34.90 -7.75
N VAL A 87 38.39 34.58 -7.09
CA VAL A 87 39.09 33.31 -7.20
C VAL A 87 38.23 32.14 -6.66
N VAL A 88 37.60 32.32 -5.49
CA VAL A 88 36.70 31.31 -4.90
C VAL A 88 35.52 31.04 -5.84
N GLN A 89 34.89 32.11 -6.34
CA GLN A 89 33.74 31.99 -7.25
C GLN A 89 34.05 31.27 -8.58
N SER A 90 35.18 31.59 -9.19
CA SER A 90 35.59 30.95 -10.43
C SER A 90 36.01 29.48 -10.25
N ASP A 91 36.78 29.22 -9.20
CA ASP A 91 37.29 27.89 -8.90
C ASP A 91 36.26 26.83 -8.52
N MET A 92 35.28 27.22 -7.71
CA MET A 92 34.29 26.27 -7.23
C MET A 92 33.49 25.59 -8.33
N LYS A 93 33.24 26.32 -9.42
CA LYS A 93 32.49 25.78 -10.53
C LYS A 93 33.12 24.48 -11.04
N HIS A 94 34.43 24.40 -10.96
CA HIS A 94 35.20 23.25 -11.44
C HIS A 94 35.54 22.13 -10.45
N TRP A 95 35.08 22.23 -9.21
CA TRP A 95 35.35 21.19 -8.22
C TRP A 95 34.12 20.31 -8.05
N PRO A 96 34.31 19.00 -7.86
CA PRO A 96 33.14 18.12 -7.66
C PRO A 96 32.55 18.25 -6.25
N PHE A 97 33.34 18.74 -5.25
CA PHE A 97 32.86 18.93 -3.88
C PHE A 97 32.20 20.31 -3.74
N MET A 98 31.34 20.44 -2.75
CA MET A 98 30.64 21.69 -2.46
C MET A 98 31.47 22.70 -1.65
N VAL A 99 31.20 23.98 -1.89
CA VAL A 99 31.79 25.11 -1.17
C VAL A 99 30.62 26.01 -0.76
N VAL A 100 30.46 26.20 0.55
CA VAL A 100 29.36 26.98 1.14
C VAL A 100 29.83 28.25 1.81
N ASN A 101 28.91 29.19 2.00
CA ASN A 101 29.20 30.47 2.62
C ASN A 101 28.80 30.43 4.10
N ASP A 102 29.76 30.65 4.99
CA ASP A 102 29.47 30.74 6.42
C ASP A 102 29.92 32.11 6.94
N ALA A 103 28.97 33.05 7.05
CA ALA A 103 29.20 34.43 7.52
C ALA A 103 30.34 35.16 6.77
N GLY A 104 30.37 34.99 5.44
CA GLY A 104 31.37 35.64 4.58
C GLY A 104 32.61 34.81 4.29
N ARG A 105 32.76 33.68 5.01
CA ARG A 105 33.91 32.76 4.88
C ARG A 105 33.54 31.49 4.12
N PRO A 106 34.44 30.95 3.24
CA PRO A 106 34.12 29.67 2.56
C PRO A 106 34.38 28.46 3.46
N LYS A 107 33.59 27.42 3.23
CA LYS A 107 33.71 26.13 3.90
C LYS A 107 33.47 25.04 2.89
N VAL A 108 34.22 23.94 3.00
CA VAL A 108 33.96 22.78 2.15
C VAL A 108 32.87 21.98 2.88
N GLN A 109 31.88 21.49 2.14
CA GLN A 109 30.78 20.73 2.73
C GLN A 109 30.78 19.37 2.09
N VAL A 110 30.76 18.35 2.94
CA VAL A 110 30.82 16.95 2.50
C VAL A 110 29.81 16.12 3.28
N GLU A 111 29.67 14.85 2.85
CA GLU A 111 28.88 13.83 3.54
C GLU A 111 29.99 12.97 4.22
N TYR A 112 29.98 12.86 5.58
CA TYR A 112 30.95 12.12 6.40
C TYR A 112 30.20 11.25 7.39
N LYS A 113 30.49 9.92 7.41
CA LYS A 113 29.82 8.94 8.30
C LYS A 113 28.27 9.13 8.33
N GLY A 114 27.70 9.35 7.14
CA GLY A 114 26.26 9.55 6.92
C GLY A 114 25.69 10.90 7.36
N GLU A 115 26.55 11.89 7.69
CA GLU A 115 26.12 13.22 8.15
C GLU A 115 26.74 14.34 7.30
N THR A 116 26.01 15.45 7.13
CA THR A 116 26.49 16.63 6.42
C THR A 116 27.39 17.39 7.40
N LYS A 117 28.66 17.60 7.02
CA LYS A 117 29.63 18.30 7.84
C LYS A 117 30.40 19.29 6.98
N SER A 118 30.79 20.42 7.59
CA SER A 118 31.54 21.46 6.90
C SER A 118 32.86 21.73 7.60
N PHE A 119 33.88 22.10 6.81
CA PHE A 119 35.20 22.39 7.35
C PHE A 119 35.75 23.63 6.70
N TYR A 120 36.45 24.45 7.48
CA TYR A 120 37.13 25.66 6.97
C TYR A 120 38.37 25.19 6.19
N PRO A 121 38.87 25.97 5.20
CA PRO A 121 40.08 25.53 4.47
C PRO A 121 41.31 25.21 5.34
N GLU A 122 41.54 25.99 6.42
CA GLU A 122 42.64 25.74 7.36
C GLU A 122 42.46 24.43 8.14
N GLU A 123 41.23 23.93 8.30
CA GLU A 123 41.00 22.64 8.97
C GLU A 123 41.42 21.52 8.01
N VAL A 124 41.10 21.69 6.70
CA VAL A 124 41.49 20.72 5.68
C VAL A 124 43.02 20.70 5.59
N SER A 125 43.63 21.88 5.53
CA SER A 125 45.10 22.02 5.46
C SER A 125 45.81 21.49 6.70
N SER A 126 45.14 21.55 7.88
CA SER A 126 45.68 21.03 9.13
C SER A 126 45.80 19.52 9.06
N MET A 127 44.83 18.84 8.39
CA MET A 127 44.83 17.38 8.21
C MET A 127 46.00 16.94 7.34
N VAL A 128 46.28 17.67 6.24
CA VAL A 128 47.42 17.41 5.33
C VAL A 128 48.74 17.64 6.13
N LEU A 129 48.79 18.71 6.95
CA LEU A 129 49.97 19.01 7.78
C LEU A 129 50.21 17.94 8.84
N THR A 130 49.12 17.39 9.46
CA THR A 130 49.19 16.27 10.41
C THR A 130 49.85 15.05 9.71
N LYS A 131 49.42 14.77 8.46
CA LYS A 131 49.98 13.68 7.67
C LYS A 131 51.47 13.93 7.39
N MET A 132 51.85 15.18 7.02
CA MET A 132 53.27 15.50 6.77
C MET A 132 54.12 15.32 8.04
N LYS A 133 53.56 15.73 9.20
CA LYS A 133 54.16 15.61 10.52
C LYS A 133 54.39 14.12 10.85
N GLU A 134 53.37 13.30 10.63
CA GLU A 134 53.44 11.87 10.88
C GLU A 134 54.46 11.18 9.98
N ILE A 135 54.54 11.61 8.73
CA ILE A 135 55.46 11.06 7.76
C ILE A 135 56.90 11.27 8.25
N ALA A 136 57.17 12.47 8.77
CA ALA A 136 58.48 12.79 9.30
C ALA A 136 58.83 11.93 10.51
N GLU A 137 57.86 11.78 11.40
CA GLU A 137 58.01 10.98 12.64
C GLU A 137 58.24 9.50 12.37
N ALA A 138 57.55 8.95 11.35
CA ALA A 138 57.68 7.53 10.97
C ALA A 138 59.09 7.21 10.46
N TYR A 139 59.69 8.16 9.73
CA TYR A 139 61.05 7.99 9.19
C TYR A 139 62.12 8.18 10.29
N LEU A 140 61.99 9.26 11.08
CA LEU A 140 63.00 9.59 12.10
C LEU A 140 62.92 8.73 13.35
N GLY A 141 61.73 8.20 13.64
CA GLY A 141 61.49 7.39 14.83
C GLY A 141 61.59 8.27 16.08
N LYS A 142 61.30 9.57 15.90
CA LYS A 142 61.34 10.61 16.91
C LYS A 142 60.15 11.55 16.71
N THR A 143 59.71 12.22 17.79
CA THR A 143 58.59 13.19 17.74
C THR A 143 59.02 14.44 16.97
N VAL A 144 58.12 14.94 16.10
CA VAL A 144 58.37 16.13 15.28
C VAL A 144 57.35 17.21 15.67
N THR A 145 57.82 18.36 16.15
CA THR A 145 56.97 19.48 16.56
C THR A 145 57.32 20.77 15.76
N ASN A 146 58.61 21.01 15.50
CA ASN A 146 59.08 22.22 14.85
C ASN A 146 59.12 22.15 13.35
N ALA A 147 58.54 23.16 12.66
CA ALA A 147 58.51 23.20 11.21
C ALA A 147 58.56 24.57 10.59
N VAL A 148 59.14 24.64 9.39
CA VAL A 148 59.12 25.82 8.54
C VAL A 148 58.11 25.39 7.47
N VAL A 149 57.05 26.23 7.26
CA VAL A 149 56.00 25.95 6.27
C VAL A 149 56.05 27.04 5.21
N THR A 150 55.95 26.65 3.93
CA THR A 150 56.06 27.62 2.84
C THR A 150 54.68 28.06 2.31
N VAL A 151 54.64 29.29 1.74
CA VAL A 151 53.47 29.92 1.12
C VAL A 151 53.88 30.68 -0.15
N PRO A 152 52.99 30.89 -1.14
CA PRO A 152 53.35 31.74 -2.28
C PRO A 152 53.69 33.19 -1.85
N ALA A 153 54.58 33.83 -2.60
CA ALA A 153 55.01 35.20 -2.30
C ALA A 153 53.86 36.22 -2.38
N TYR A 154 52.83 35.92 -3.20
CA TYR A 154 51.67 36.81 -3.37
C TYR A 154 50.60 36.64 -2.27
N PHE A 155 50.79 35.69 -1.31
CA PHE A 155 49.78 35.50 -0.25
C PHE A 155 49.65 36.76 0.60
N ASN A 156 48.42 37.15 0.94
CA ASN A 156 48.17 38.36 1.76
C ASN A 156 48.25 37.99 3.25
N ASP A 157 47.94 38.96 4.16
CA ASP A 157 47.97 38.75 5.62
C ASP A 157 47.06 37.59 6.09
N SER A 158 45.84 37.56 5.57
CA SER A 158 44.82 36.56 5.89
C SER A 158 45.23 35.16 5.41
N GLN A 159 45.84 35.06 4.20
CA GLN A 159 46.27 33.77 3.65
C GLN A 159 47.47 33.21 4.40
N ARG A 160 48.39 34.07 4.89
CA ARG A 160 49.56 33.66 5.68
C ARG A 160 49.11 33.24 7.08
N GLN A 161 48.15 33.97 7.69
CA GLN A 161 47.68 33.67 9.03
C GLN A 161 46.89 32.35 9.07
N ALA A 162 46.03 32.11 8.06
CA ALA A 162 45.24 30.89 7.95
C ALA A 162 46.15 29.67 7.77
N THR A 163 47.29 29.84 7.05
CA THR A 163 48.27 28.75 6.87
C THR A 163 48.94 28.44 8.22
N LYS A 164 49.29 29.49 9.00
CA LYS A 164 49.90 29.37 10.33
C LYS A 164 48.91 28.68 11.28
N ASP A 165 47.61 29.02 11.19
CA ASP A 165 46.57 28.39 12.01
C ASP A 165 46.44 26.90 11.67
N ALA A 166 46.59 26.51 10.38
CA ALA A 166 46.56 25.10 9.94
C ALA A 166 47.70 24.34 10.65
N GLY A 167 48.89 24.94 10.72
CA GLY A 167 50.04 24.38 11.43
C GLY A 167 49.79 24.23 12.93
N THR A 168 49.20 25.27 13.56
CA THR A 168 48.84 25.26 14.98
C THR A 168 47.83 24.12 15.31
N ILE A 169 46.73 23.99 14.52
CA ILE A 169 45.72 22.92 14.69
C ILE A 169 46.35 21.52 14.56
N ALA A 170 47.40 21.38 13.70
CA ALA A 170 48.10 20.12 13.45
C ALA A 170 49.10 19.76 14.58
N GLY A 171 49.21 20.64 15.56
CA GLY A 171 50.11 20.48 16.70
C GLY A 171 51.55 20.86 16.40
N LEU A 172 51.76 21.63 15.30
CA LEU A 172 53.11 22.08 14.90
C LEU A 172 53.44 23.45 15.46
N ASN A 173 54.71 23.65 15.84
CA ASN A 173 55.24 24.93 16.25
C ASN A 173 55.88 25.46 14.96
N VAL A 174 55.17 26.37 14.27
CA VAL A 174 55.59 26.97 13.00
C VAL A 174 56.70 27.96 13.31
N LEU A 175 57.98 27.55 13.11
CA LEU A 175 59.16 28.41 13.38
C LEU A 175 59.13 29.64 12.50
N ARG A 176 58.74 29.49 11.25
CA ARG A 176 58.63 30.59 10.31
C ARG A 176 57.76 30.23 9.11
N ILE A 177 57.10 31.21 8.53
CA ILE A 177 56.31 31.02 7.34
C ILE A 177 57.18 31.74 6.32
N ILE A 178 57.65 31.02 5.31
CA ILE A 178 58.50 31.65 4.31
C ILE A 178 57.97 31.47 2.91
N ASN A 179 58.29 32.42 2.05
CA ASN A 179 57.85 32.39 0.69
C ASN A 179 58.47 31.21 -0.04
N GLU A 180 57.70 30.61 -0.98
CA GLU A 180 58.18 29.47 -1.79
C GLU A 180 59.40 29.88 -2.64
N PRO A 181 59.42 31.06 -3.33
CA PRO A 181 60.62 31.42 -4.11
C PRO A 181 61.86 31.66 -3.25
N THR A 182 61.67 32.13 -1.99
CA THR A 182 62.77 32.34 -1.02
C THR A 182 63.37 30.99 -0.61
N ALA A 183 62.53 29.99 -0.34
CA ALA A 183 62.97 28.65 -0.01
C ALA A 183 63.76 28.03 -1.18
N ALA A 184 63.29 28.23 -2.43
CA ALA A 184 63.99 27.75 -3.64
C ALA A 184 65.39 28.38 -3.78
N ALA A 185 65.53 29.70 -3.48
CA ALA A 185 66.82 30.40 -3.51
C ALA A 185 67.74 29.87 -2.42
N ILE A 186 67.20 29.58 -1.22
CA ILE A 186 67.93 28.99 -0.08
C ILE A 186 68.46 27.59 -0.45
N ALA A 187 67.64 26.78 -1.16
CA ALA A 187 68.01 25.42 -1.60
C ALA A 187 69.31 25.40 -2.42
N TYR A 188 69.47 26.41 -3.30
CA TYR A 188 70.65 26.59 -4.16
C TYR A 188 71.76 27.43 -3.55
N GLY A 189 71.56 27.86 -2.31
CA GLY A 189 72.53 28.63 -1.56
C GLY A 189 72.87 29.97 -2.17
N LEU A 190 71.88 30.60 -2.84
CA LEU A 190 72.03 31.89 -3.52
C LEU A 190 72.28 33.06 -2.56
N ASP A 191 71.89 32.88 -1.28
CA ASP A 191 72.08 33.86 -0.20
C ASP A 191 73.48 33.74 0.44
N LYS A 192 74.24 32.69 0.09
CA LYS A 192 75.59 32.46 0.61
C LYS A 192 76.67 32.87 -0.40
N LYS A 193 76.28 33.37 -1.57
CA LYS A 193 77.21 33.80 -2.60
C LYS A 193 77.83 35.16 -2.27
N VAL A 194 79.16 35.25 -2.34
CA VAL A 194 79.94 36.45 -2.04
C VAL A 194 79.73 37.50 -3.14
N GLY A 195 79.75 38.77 -2.74
CA GLY A 195 79.58 39.90 -3.64
C GLY A 195 78.49 40.88 -3.22
N ALA A 196 77.98 41.63 -4.20
CA ALA A 196 76.97 42.66 -3.99
C ALA A 196 75.57 42.06 -4.08
N GLU A 197 74.53 42.91 -4.22
CA GLU A 197 73.15 42.45 -4.28
C GLU A 197 72.89 41.57 -5.54
N ARG A 198 72.18 40.44 -5.36
CA ARG A 198 71.87 39.55 -6.48
C ARG A 198 70.37 39.63 -6.78
N ASN A 199 70.01 39.70 -8.07
CA ASN A 199 68.64 39.68 -8.57
C ASN A 199 68.38 38.26 -9.07
N VAL A 200 67.39 37.59 -8.47
CA VAL A 200 67.08 36.21 -8.75
C VAL A 200 65.66 36.08 -9.29
N LEU A 201 65.50 35.29 -10.37
CA LEU A 201 64.19 34.98 -10.94
C LEU A 201 63.89 33.53 -10.63
N ILE A 202 62.72 33.27 -10.07
CA ILE A 202 62.35 31.89 -9.81
C ILE A 202 61.16 31.59 -10.73
N PHE A 203 61.33 30.57 -11.56
CA PHE A 203 60.33 30.12 -12.52
C PHE A 203 59.77 28.83 -11.93
N ASP A 204 58.54 28.89 -11.45
CA ASP A 204 57.90 27.74 -10.81
C ASP A 204 56.69 27.27 -11.60
N LEU A 205 56.83 26.11 -12.22
CA LEU A 205 55.80 25.50 -13.04
C LEU A 205 55.53 24.05 -12.57
N GLY A 206 54.61 23.91 -11.62
CA GLY A 206 54.25 22.61 -11.05
C GLY A 206 53.04 22.72 -10.14
N GLY A 207 52.38 21.58 -9.90
CA GLY A 207 51.21 21.50 -9.04
C GLY A 207 49.89 21.98 -9.63
N GLY A 208 49.92 22.53 -10.86
CA GLY A 208 48.77 23.05 -11.58
C GLY A 208 48.75 24.58 -11.57
N THR A 209 49.85 25.20 -11.09
CA THR A 209 50.01 26.66 -11.01
C THR A 209 51.32 27.06 -11.65
N PHE A 210 51.39 28.29 -12.15
CA PHE A 210 52.60 28.85 -12.75
C PHE A 210 52.93 30.16 -12.05
N ASP A 211 54.07 30.21 -11.33
CA ASP A 211 54.48 31.41 -10.59
C ASP A 211 55.86 31.84 -10.96
N VAL A 212 56.00 33.14 -11.32
CA VAL A 212 57.29 33.79 -11.61
C VAL A 212 57.51 34.83 -10.52
N SER A 213 58.63 34.78 -9.79
CA SER A 213 58.94 35.74 -8.75
C SER A 213 60.32 36.35 -8.97
N ILE A 214 60.50 37.61 -8.61
CA ILE A 214 61.80 38.25 -8.72
C ILE A 214 62.16 38.73 -7.32
N LEU A 215 63.34 38.34 -6.86
CA LEU A 215 63.80 38.69 -5.55
C LEU A 215 65.17 39.29 -5.65
N THR A 216 65.53 40.05 -4.62
CA THR A 216 66.84 40.66 -4.49
C THR A 216 67.42 40.15 -3.18
N ILE A 217 68.66 39.70 -3.19
CA ILE A 217 69.29 39.18 -1.98
C ILE A 217 70.52 40.04 -1.69
N GLU A 218 70.57 40.63 -0.50
CA GLU A 218 71.68 41.47 -0.05
C GLU A 218 72.04 41.11 1.39
N ASP A 219 73.23 40.53 1.60
CA ASP A 219 73.74 40.12 2.91
C ASP A 219 72.72 39.32 3.74
N GLY A 220 72.16 38.30 3.12
CA GLY A 220 71.20 37.43 3.76
C GLY A 220 69.78 37.91 3.83
N ILE A 221 69.51 39.14 3.36
CA ILE A 221 68.17 39.72 3.37
C ILE A 221 67.50 39.59 2.00
N PHE A 222 66.32 38.95 1.99
CA PHE A 222 65.53 38.73 0.79
C PHE A 222 64.46 39.81 0.66
N GLU A 223 64.28 40.32 -0.56
CA GLU A 223 63.22 41.27 -0.85
C GLU A 223 62.47 40.82 -2.09
N VAL A 224 61.12 40.70 -2.00
CA VAL A 224 60.28 40.37 -3.16
C VAL A 224 60.06 41.66 -3.96
N LYS A 225 60.58 41.71 -5.20
CA LYS A 225 60.48 42.86 -6.09
C LYS A 225 59.21 42.81 -6.96
N SER A 226 58.81 41.61 -7.40
CA SER A 226 57.61 41.40 -8.24
C SER A 226 57.19 39.93 -8.32
N THR A 227 55.91 39.68 -8.63
CA THR A 227 55.31 38.35 -8.84
C THR A 227 54.43 38.42 -10.08
N ALA A 228 54.35 37.33 -10.85
CA ALA A 228 53.49 37.18 -12.04
C ALA A 228 53.20 35.70 -12.26
N GLY A 229 52.34 35.39 -13.23
CA GLY A 229 52.02 34.00 -13.55
C GLY A 229 50.61 33.72 -14.01
N ASP A 230 50.24 32.44 -13.91
CA ASP A 230 48.94 31.91 -14.30
C ASP A 230 48.56 30.86 -13.24
N THR A 231 47.46 31.13 -12.51
CA THR A 231 46.96 30.25 -11.42
C THR A 231 46.48 28.87 -11.89
N HIS A 232 46.11 28.74 -13.19
CA HIS A 232 45.63 27.50 -13.77
C HIS A 232 46.41 27.06 -15.02
N LEU A 233 47.69 26.71 -14.83
CA LEU A 233 48.56 26.23 -15.90
C LEU A 233 49.51 25.19 -15.34
N GLY A 234 49.54 24.03 -15.98
CA GLY A 234 50.37 22.94 -15.51
C GLY A 234 50.41 21.74 -16.44
N GLY A 235 50.89 20.63 -15.90
CA GLY A 235 51.04 19.40 -16.65
C GLY A 235 49.76 18.84 -17.24
N GLU A 236 48.64 18.98 -16.55
CA GLU A 236 47.37 18.47 -17.06
C GLU A 236 47.01 19.12 -18.40
N ASP A 237 47.29 20.41 -18.54
CA ASP A 237 47.03 21.12 -19.79
C ASP A 237 47.87 20.51 -20.92
N PHE A 238 49.15 20.13 -20.62
CA PHE A 238 50.03 19.52 -21.61
C PHE A 238 49.57 18.10 -21.95
N ASP A 239 49.06 17.39 -20.96
CA ASP A 239 48.50 16.05 -21.14
C ASP A 239 47.23 16.12 -22.02
N ASN A 240 46.42 17.16 -21.79
CA ASN A 240 45.17 17.35 -22.52
C ASN A 240 45.40 17.50 -24.01
N ARG A 241 46.45 18.22 -24.36
CA ARG A 241 46.79 18.42 -25.77
C ARG A 241 47.16 17.08 -26.41
N MET A 242 47.84 16.22 -25.66
N MET A 242 47.86 16.21 -25.68
CA MET A 242 48.23 14.89 -26.13
CA MET A 242 48.23 14.88 -26.20
C MET A 242 47.00 14.02 -26.35
C MET A 242 46.99 14.00 -26.36
N VAL A 243 46.06 14.07 -25.39
CA VAL A 243 44.79 13.31 -25.44
C VAL A 243 44.01 13.72 -26.69
N ASN A 244 43.85 15.04 -26.93
CA ASN A 244 43.18 15.61 -28.11
C ASN A 244 43.80 15.10 -29.41
N HIS A 245 45.12 15.08 -29.45
CA HIS A 245 45.87 14.61 -30.60
C HIS A 245 45.61 13.14 -30.86
N PHE A 246 45.64 12.32 -29.83
CA PHE A 246 45.38 10.90 -29.98
C PHE A 246 43.94 10.59 -30.37
N ILE A 247 42.98 11.35 -29.83
CA ILE A 247 41.56 11.17 -30.15
C ILE A 247 41.33 11.44 -31.63
N ALA A 248 41.96 12.49 -32.14
CA ALA A 248 41.89 12.88 -33.56
C ALA A 248 42.54 11.76 -34.41
N GLU A 249 43.67 11.23 -33.96
CA GLU A 249 44.39 10.16 -34.64
C GLU A 249 43.54 8.89 -34.69
N PHE A 250 42.81 8.56 -33.61
CA PHE A 250 41.96 7.36 -33.59
C PHE A 250 40.79 7.52 -34.61
N LYS A 251 40.26 8.76 -34.76
CA LYS A 251 39.23 9.08 -35.73
C LYS A 251 39.78 8.91 -37.15
N ARG A 252 41.00 9.37 -37.41
CA ARG A 252 41.62 9.26 -38.75
C ARG A 252 41.87 7.83 -39.18
N LYS A 253 42.47 7.05 -38.30
CA LYS A 253 42.77 5.63 -38.51
C LYS A 253 41.58 4.66 -38.50
N HIS A 254 40.66 4.84 -37.55
CA HIS A 254 39.50 3.95 -37.41
C HIS A 254 38.10 4.50 -37.62
N LYS A 255 37.96 5.79 -37.86
CA LYS A 255 36.65 6.40 -38.09
C LYS A 255 35.68 6.15 -36.93
N LYS A 256 36.21 6.22 -35.72
CA LYS A 256 35.50 6.04 -34.46
C LYS A 256 35.91 7.08 -33.45
N ASP A 257 34.92 7.62 -32.74
CA ASP A 257 35.06 8.65 -31.72
C ASP A 257 35.02 8.01 -30.34
N ILE A 258 36.16 8.01 -29.62
CA ILE A 258 36.27 7.43 -28.28
C ILE A 258 35.91 8.39 -27.15
N SER A 259 35.79 9.71 -27.46
CA SER A 259 35.64 10.80 -26.49
C SER A 259 34.44 10.68 -25.54
N GLU A 260 33.38 9.95 -25.89
CA GLU A 260 32.25 9.86 -24.96
C GLU A 260 32.37 8.63 -24.03
N ASN A 261 33.40 7.81 -24.20
CA ASN A 261 33.60 6.66 -23.35
C ASN A 261 34.64 7.08 -22.31
N LYS A 262 34.20 7.37 -21.07
CA LYS A 262 35.05 7.85 -19.96
C LYS A 262 36.23 6.94 -19.62
N ARG A 263 36.03 5.62 -19.67
CA ARG A 263 37.09 4.64 -19.39
C ARG A 263 38.15 4.61 -20.48
N ALA A 264 37.75 4.71 -21.76
CA ALA A 264 38.73 4.75 -22.86
C ALA A 264 39.57 6.03 -22.78
N VAL A 265 38.91 7.17 -22.43
CA VAL A 265 39.61 8.47 -22.32
C VAL A 265 40.59 8.42 -21.14
N ARG A 266 40.17 7.81 -20.02
CA ARG A 266 41.02 7.64 -18.83
C ARG A 266 42.25 6.79 -19.12
N ARG A 267 42.08 5.63 -19.84
CA ARG A 267 43.23 4.78 -20.21
C ARG A 267 44.19 5.56 -21.11
N LEU A 268 43.63 6.31 -22.07
CA LEU A 268 44.47 7.12 -22.96
C LEU A 268 45.20 8.25 -22.18
N ARG A 269 44.48 8.94 -21.29
CA ARG A 269 45.03 10.03 -20.45
C ARG A 269 46.15 9.54 -19.52
N THR A 270 45.96 8.40 -18.85
CA THR A 270 47.02 7.81 -18.00
C THR A 270 48.27 7.51 -18.83
N ALA A 271 48.10 6.89 -20.03
CA ALA A 271 49.25 6.58 -20.91
C ALA A 271 49.90 7.88 -21.46
N CYS A 272 49.10 8.96 -21.68
CA CYS A 272 49.68 10.23 -22.16
C CYS A 272 50.55 10.91 -21.08
N GLU A 273 50.12 10.84 -19.80
CA GLU A 273 50.86 11.46 -18.69
C GLU A 273 52.25 10.85 -18.57
N ARG A 274 52.33 9.49 -18.69
CA ARG A 274 53.56 8.72 -18.60
C ARG A 274 54.46 8.96 -19.83
N ALA A 275 53.86 9.05 -21.05
CA ALA A 275 54.61 9.34 -22.31
C ALA A 275 55.25 10.71 -22.24
N LYS A 276 54.53 11.70 -21.64
CA LYS A 276 55.03 13.06 -21.46
C LYS A 276 56.32 13.01 -20.62
N ARG A 277 56.26 12.31 -19.49
CA ARG A 277 57.42 12.13 -18.60
C ARG A 277 58.61 11.54 -19.36
N THR A 278 58.37 10.47 -20.18
CA THR A 278 59.40 9.83 -21.03
C THR A 278 60.04 10.85 -21.97
N LEU A 279 59.21 11.72 -22.60
CA LEU A 279 59.65 12.74 -23.55
C LEU A 279 60.57 13.82 -22.95
N SER A 280 60.71 13.86 -21.62
CA SER A 280 61.63 14.80 -20.97
C SER A 280 63.06 14.27 -21.00
N SER A 281 63.24 12.93 -21.13
CA SER A 281 64.57 12.30 -21.18
C SER A 281 64.83 11.54 -22.49
N SER A 282 63.79 11.16 -23.24
CA SER A 282 63.90 10.51 -24.57
C SER A 282 63.27 11.40 -25.64
N THR A 283 63.56 11.15 -26.93
CA THR A 283 63.00 11.95 -28.03
C THR A 283 61.75 11.30 -28.66
N GLN A 284 61.35 10.12 -28.16
CA GLN A 284 60.17 9.39 -28.64
C GLN A 284 59.61 8.51 -27.51
N ALA A 285 58.28 8.32 -27.52
CA ALA A 285 57.59 7.48 -26.55
C ALA A 285 56.59 6.61 -27.30
N SER A 286 56.46 5.33 -26.88
CA SER A 286 55.52 4.37 -27.48
C SER A 286 54.40 4.03 -26.51
N ILE A 287 53.21 3.82 -27.07
CA ILE A 287 52.03 3.49 -26.30
C ILE A 287 51.32 2.29 -26.91
N GLU A 288 50.97 1.33 -26.07
CA GLU A 288 50.23 0.17 -26.53
C GLU A 288 49.04 -0.02 -25.60
N ILE A 289 47.83 0.12 -26.13
CA ILE A 289 46.63 -0.07 -25.33
C ILE A 289 45.72 -1.05 -26.05
N ASP A 290 45.61 -2.25 -25.49
CA ASP A 290 44.79 -3.29 -26.09
C ASP A 290 43.32 -3.00 -25.88
N SER A 291 42.48 -3.29 -26.89
CA SER A 291 41.01 -3.16 -26.85
C SER A 291 40.62 -1.83 -26.20
N LEU A 292 41.17 -0.71 -26.73
CA LEU A 292 40.89 0.63 -26.19
C LEU A 292 39.40 1.02 -26.34
N TYR A 293 38.83 0.77 -27.51
CA TYR A 293 37.45 1.14 -27.84
C TYR A 293 36.93 0.24 -28.94
N GLU A 294 35.77 -0.38 -28.71
CA GLU A 294 35.12 -1.32 -29.63
C GLU A 294 36.08 -2.42 -30.13
N GLY A 295 36.86 -2.96 -29.17
CA GLY A 295 37.84 -4.04 -29.36
C GLY A 295 39.05 -3.68 -30.19
N ILE A 296 39.25 -2.39 -30.51
CA ILE A 296 40.37 -1.92 -31.31
C ILE A 296 41.59 -1.65 -30.43
N ASP A 297 42.72 -2.29 -30.79
CA ASP A 297 43.99 -2.09 -30.10
C ASP A 297 44.58 -0.81 -30.62
N PHE A 298 45.08 0.06 -29.72
CA PHE A 298 45.70 1.32 -30.11
C PHE A 298 47.22 1.31 -29.83
N TYR A 299 48.03 1.04 -30.87
CA TYR A 299 49.49 1.01 -30.77
C TYR A 299 49.99 2.19 -31.55
N THR A 300 50.66 3.09 -30.85
CA THR A 300 51.12 4.35 -31.46
C THR A 300 52.39 4.86 -30.81
N SER A 301 52.86 6.01 -31.29
CA SER A 301 54.05 6.66 -30.80
C SER A 301 53.90 8.17 -31.00
N ILE A 302 54.75 8.94 -30.30
CA ILE A 302 54.80 10.40 -30.38
C ILE A 302 56.25 10.86 -30.17
N THR A 303 56.74 11.75 -31.01
CA THR A 303 58.09 12.31 -30.87
C THR A 303 58.01 13.53 -29.95
N ARG A 304 59.15 13.95 -29.40
CA ARG A 304 59.24 15.14 -28.56
C ARG A 304 58.82 16.38 -29.38
N ALA A 305 59.24 16.44 -30.67
CA ALA A 305 58.91 17.55 -31.58
C ALA A 305 57.40 17.68 -31.79
N ARG A 306 56.68 16.56 -31.95
CA ARG A 306 55.22 16.60 -32.10
C ARG A 306 54.55 17.06 -30.80
N PHE A 307 55.04 16.60 -29.64
CA PHE A 307 54.54 17.03 -28.32
C PHE A 307 54.73 18.56 -28.13
N GLU A 308 55.87 19.09 -28.60
CA GLU A 308 56.20 20.52 -28.53
C GLU A 308 55.26 21.33 -29.41
N GLU A 309 54.96 20.84 -30.63
CA GLU A 309 54.05 21.53 -31.58
C GLU A 309 52.62 21.62 -31.00
N LEU A 310 52.14 20.53 -30.35
CA LEU A 310 50.81 20.46 -29.74
C LEU A 310 50.63 21.45 -28.60
N ASN A 311 51.72 21.80 -27.91
CA ASN A 311 51.76 22.72 -26.76
C ASN A 311 52.48 24.04 -27.02
N ALA A 312 52.81 24.34 -28.29
CA ALA A 312 53.59 25.53 -28.69
C ALA A 312 53.13 26.86 -28.06
N ASP A 313 51.81 27.14 -28.08
CA ASP A 313 51.24 28.38 -27.53
C ASP A 313 51.39 28.41 -25.99
N LEU A 314 51.13 27.27 -25.35
CA LEU A 314 51.26 27.18 -23.91
C LEU A 314 52.70 27.35 -23.43
N PHE A 315 53.64 26.70 -24.11
CA PHE A 315 55.05 26.79 -23.73
C PHE A 315 55.61 28.20 -23.93
N ARG A 316 55.27 28.80 -25.07
CA ARG A 316 55.70 30.14 -25.44
C ARG A 316 55.13 31.17 -24.48
N GLY A 317 53.88 30.95 -24.10
CA GLY A 317 53.14 31.82 -23.21
C GLY A 317 53.71 31.98 -21.81
N THR A 318 54.58 31.04 -21.36
CA THR A 318 55.23 31.11 -20.04
C THR A 318 56.19 32.32 -19.94
N LEU A 319 56.62 32.87 -21.09
CA LEU A 319 57.50 34.05 -21.15
C LEU A 319 56.79 35.38 -20.90
N ASP A 320 55.48 35.46 -21.08
CA ASP A 320 54.77 36.70 -20.81
C ASP A 320 54.86 37.08 -19.34
N PRO A 321 54.65 36.12 -18.44
CA PRO A 321 54.77 36.42 -17.01
C PRO A 321 56.20 36.82 -16.66
N VAL A 322 57.20 36.26 -17.34
CA VAL A 322 58.59 36.63 -17.08
C VAL A 322 58.85 38.09 -17.47
N GLU A 323 58.35 38.47 -18.64
CA GLU A 323 58.46 39.84 -19.16
C GLU A 323 57.77 40.80 -18.19
N LYS A 324 56.54 40.48 -17.76
CA LYS A 324 55.74 41.24 -16.79
C LYS A 324 56.49 41.41 -15.46
N ALA A 325 57.01 40.30 -14.87
CA ALA A 325 57.79 40.32 -13.61
C ALA A 325 58.99 41.28 -13.69
N LEU A 326 59.78 41.23 -14.82
CA LEU A 326 60.91 42.13 -15.03
C LEU A 326 60.44 43.61 -15.10
N ARG A 327 59.31 43.90 -15.81
CA ARG A 327 58.74 45.26 -15.91
C ARG A 327 58.34 45.81 -14.54
N ASP A 328 57.60 45.01 -13.71
CA ASP A 328 57.17 45.46 -12.37
C ASP A 328 58.35 45.63 -11.38
N ALA A 329 59.47 44.89 -11.58
CA ALA A 329 60.66 44.95 -10.74
C ALA A 329 61.57 46.09 -11.20
N LYS A 330 61.23 46.69 -12.37
CA LYS A 330 61.96 47.76 -13.05
C LYS A 330 63.39 47.28 -13.40
N LEU A 331 63.48 46.03 -13.88
CA LEU A 331 64.74 45.38 -14.24
C LEU A 331 64.77 44.93 -15.68
N ASP A 332 65.96 44.99 -16.29
CA ASP A 332 66.21 44.45 -17.63
C ASP A 332 66.65 42.98 -17.41
N LYS A 333 66.42 42.11 -18.40
CA LYS A 333 66.77 40.68 -18.30
C LYS A 333 68.28 40.42 -18.05
N SER A 334 69.16 41.36 -18.48
CA SER A 334 70.62 41.32 -18.27
C SER A 334 71.03 41.52 -16.79
N GLN A 335 70.10 42.04 -16.00
CA GLN A 335 70.31 42.32 -14.59
C GLN A 335 70.00 41.12 -13.67
N ILE A 336 69.60 40.00 -14.25
CA ILE A 336 69.31 38.82 -13.44
C ILE A 336 70.56 37.97 -13.28
N HIS A 337 71.03 37.90 -12.06
CA HIS A 337 72.18 37.09 -11.64
C HIS A 337 71.96 35.57 -11.61
N ASP A 338 70.77 35.15 -11.18
CA ASP A 338 70.41 33.74 -11.03
C ASP A 338 68.99 33.42 -11.48
N ILE A 339 68.83 32.31 -12.21
CA ILE A 339 67.53 31.77 -12.67
C ILE A 339 67.38 30.39 -12.06
N VAL A 340 66.27 30.16 -11.33
CA VAL A 340 65.98 28.88 -10.65
C VAL A 340 64.72 28.22 -11.23
N LEU A 341 64.80 26.91 -11.57
CA LEU A 341 63.67 26.12 -12.06
C LEU A 341 63.06 25.31 -10.93
N VAL A 342 61.74 25.46 -10.70
CA VAL A 342 60.99 24.75 -9.63
C VAL A 342 59.69 24.22 -10.23
N GLY A 343 59.19 23.09 -9.74
CA GLY A 343 57.97 22.48 -10.24
C GLY A 343 58.29 21.44 -11.29
N GLY A 344 57.56 20.32 -11.28
CA GLY A 344 57.79 19.19 -12.17
C GLY A 344 57.86 19.48 -13.66
N SER A 345 57.03 20.41 -14.16
CA SER A 345 56.95 20.75 -15.59
C SER A 345 58.19 21.48 -16.12
N THR A 346 59.09 21.97 -15.23
CA THR A 346 60.33 22.64 -15.67
C THR A 346 61.34 21.62 -16.22
N ARG A 347 61.05 20.31 -16.10
CA ARG A 347 61.89 19.24 -16.63
C ARG A 347 61.71 19.16 -18.15
N ILE A 348 60.65 19.81 -18.71
CA ILE A 348 60.40 19.79 -20.16
C ILE A 348 61.51 20.52 -20.90
N PRO A 349 62.29 19.81 -21.77
CA PRO A 349 63.41 20.48 -22.49
C PRO A 349 63.03 21.73 -23.26
N LYS A 350 61.82 21.81 -23.85
CA LYS A 350 61.41 22.99 -24.62
C LYS A 350 61.26 24.23 -23.71
N ILE A 351 60.70 24.04 -22.52
CA ILE A 351 60.54 25.12 -21.52
C ILE A 351 61.92 25.64 -21.10
N GLN A 352 62.88 24.72 -20.79
CA GLN A 352 64.25 25.10 -20.42
C GLN A 352 64.91 25.87 -21.56
N LYS A 353 64.68 25.42 -22.83
CA LYS A 353 65.24 26.04 -24.04
C LYS A 353 64.66 27.45 -24.23
N LEU A 354 63.32 27.61 -24.12
CA LEU A 354 62.67 28.92 -24.26
C LEU A 354 63.18 29.94 -23.25
N LEU A 355 63.36 29.50 -21.97
CA LEU A 355 63.85 30.34 -20.89
C LEU A 355 65.32 30.72 -21.01
N GLN A 356 66.19 29.76 -21.39
CA GLN A 356 67.62 30.00 -21.58
C GLN A 356 67.86 30.94 -22.76
N ASP A 357 67.11 30.75 -23.87
CA ASP A 357 67.25 31.62 -25.05
C ASP A 357 66.76 33.02 -24.71
N PHE A 358 65.73 33.14 -23.83
CA PHE A 358 65.23 34.45 -23.39
C PHE A 358 66.33 35.19 -22.65
N PHE A 359 67.09 34.48 -21.79
CA PHE A 359 68.19 35.07 -21.03
C PHE A 359 69.56 34.99 -21.76
N ASN A 360 69.51 34.92 -23.10
CA ASN A 360 70.66 34.92 -24.03
C ASN A 360 71.74 33.85 -23.69
N GLY A 361 71.30 32.62 -23.44
CA GLY A 361 72.18 31.48 -23.17
C GLY A 361 72.70 31.31 -21.77
N LYS A 362 72.09 32.00 -20.79
CA LYS A 362 72.49 31.93 -19.38
C LYS A 362 72.12 30.57 -18.78
N GLU A 363 73.05 29.94 -18.05
CA GLU A 363 72.84 28.64 -17.40
C GLU A 363 71.79 28.75 -16.29
N LEU A 364 70.96 27.72 -16.19
CA LEU A 364 69.87 27.65 -15.21
C LEU A 364 70.24 26.82 -14.01
N ASN A 365 69.68 27.14 -12.83
CA ASN A 365 69.85 26.35 -11.60
C ASN A 365 68.74 25.31 -11.67
N LYS A 366 69.08 24.03 -11.83
CA LYS A 366 68.05 22.97 -12.02
C LYS A 366 68.48 21.57 -11.54
N SER A 367 69.66 21.44 -10.89
CA SER A 367 70.22 20.17 -10.37
C SER A 367 69.40 19.53 -9.24
N ILE A 368 68.63 20.33 -8.48
CA ILE A 368 67.80 19.83 -7.39
C ILE A 368 66.47 19.39 -7.99
N ASN A 369 65.98 18.16 -7.63
CA ASN A 369 64.69 17.65 -8.09
C ASN A 369 63.68 18.81 -8.00
N PRO A 370 63.12 19.34 -9.14
CA PRO A 370 62.24 20.53 -9.06
C PRO A 370 60.94 20.36 -8.27
N ASP A 371 60.48 19.12 -8.05
CA ASP A 371 59.28 18.80 -7.25
C ASP A 371 59.58 18.91 -5.74
N GLU A 372 60.89 18.86 -5.38
CA GLU A 372 61.35 18.83 -4.00
C GLU A 372 62.11 20.07 -3.55
N ALA A 373 62.55 20.95 -4.49
CA ALA A 373 63.36 22.14 -4.23
C ALA A 373 62.84 23.06 -3.13
N VAL A 374 61.51 23.34 -3.10
CA VAL A 374 60.92 24.24 -2.09
C VAL A 374 61.01 23.61 -0.66
N ALA A 375 60.68 22.32 -0.51
CA ALA A 375 60.80 21.59 0.78
C ALA A 375 62.27 21.50 1.19
N TYR A 376 63.17 21.34 0.19
CA TYR A 376 64.61 21.28 0.41
C TYR A 376 65.08 22.58 1.11
N GLY A 377 64.68 23.73 0.56
CA GLY A 377 65.05 25.02 1.14
C GLY A 377 64.46 25.25 2.52
N ALA A 378 63.19 24.84 2.71
CA ALA A 378 62.47 24.97 3.98
C ALA A 378 63.14 24.11 5.08
N ALA A 379 63.66 22.91 4.72
CA ALA A 379 64.39 21.99 5.62
C ALA A 379 65.70 22.64 6.06
N VAL A 380 66.42 23.26 5.14
CA VAL A 380 67.66 23.93 5.50
C VAL A 380 67.36 25.07 6.47
N GLN A 381 66.33 25.85 6.16
CA GLN A 381 65.93 26.98 7.00
C GLN A 381 65.50 26.52 8.38
N ALA A 382 64.80 25.39 8.43
CA ALA A 382 64.33 24.84 9.69
C ALA A 382 65.53 24.48 10.56
N ALA A 383 66.57 23.95 9.93
CA ALA A 383 67.81 23.59 10.64
C ALA A 383 68.55 24.82 11.12
N ILE A 384 68.61 25.88 10.28
CA ILE A 384 69.29 27.14 10.64
C ILE A 384 68.56 27.80 11.83
N LEU A 385 67.23 27.68 11.88
CA LEU A 385 66.42 28.26 12.97
C LEU A 385 66.39 27.40 14.23
N SER A 386 66.93 26.16 14.18
CA SER A 386 66.94 25.23 15.32
C SER A 386 67.95 25.60 16.39
N GLY B 4 63.27 -23.14 -31.38
CA GLY B 4 62.59 -22.12 -30.60
C GLY B 4 63.35 -20.82 -30.50
N SER B 5 62.61 -19.68 -30.36
CA SER B 5 63.21 -18.34 -30.24
C SER B 5 62.87 -17.63 -28.91
N ASN B 6 62.23 -18.36 -27.98
CA ASN B 6 61.82 -17.91 -26.63
C ASN B 6 63.03 -17.36 -25.91
N SER B 7 62.93 -16.10 -25.44
CA SER B 7 64.05 -15.39 -24.82
C SER B 7 63.93 -15.26 -23.30
N PRO B 8 65.05 -15.07 -22.54
CA PRO B 8 64.94 -14.82 -21.10
C PRO B 8 64.22 -13.49 -20.78
N GLN B 9 64.33 -12.48 -21.69
CA GLN B 9 63.69 -11.16 -21.54
C GLN B 9 62.15 -11.28 -21.47
N GLU B 10 61.58 -12.17 -22.31
CA GLU B 10 60.14 -12.38 -22.33
C GLU B 10 59.64 -13.00 -21.02
N GLU B 11 60.47 -13.77 -20.33
CA GLU B 11 60.12 -14.38 -19.03
C GLU B 11 59.78 -13.32 -18.00
N VAL B 12 60.51 -12.18 -18.01
CA VAL B 12 60.28 -11.03 -17.13
C VAL B 12 58.86 -10.46 -17.39
N GLU B 13 58.47 -10.31 -18.67
CA GLU B 13 57.15 -9.76 -19.03
C GLU B 13 56.01 -10.72 -18.66
N LEU B 14 56.21 -12.02 -18.89
CA LEU B 14 55.26 -13.09 -18.58
C LEU B 14 55.05 -13.20 -17.07
N LYS B 15 56.10 -12.95 -16.27
CA LYS B 15 56.06 -12.94 -14.80
C LYS B 15 55.22 -11.73 -14.33
N LYS B 16 55.38 -10.55 -14.98
CA LYS B 16 54.56 -9.37 -14.67
C LYS B 16 53.07 -9.66 -14.93
N LEU B 17 52.77 -10.33 -16.09
CA LEU B 17 51.40 -10.65 -16.52
C LEU B 17 50.73 -11.67 -15.64
N LYS B 18 51.51 -12.60 -15.10
CA LYS B 18 51.01 -13.62 -14.18
C LYS B 18 50.57 -12.98 -12.86
N HIS B 19 51.37 -12.02 -12.40
CA HIS B 19 51.06 -11.32 -11.16
C HIS B 19 49.75 -10.56 -11.35
N LEU B 20 49.60 -9.94 -12.52
CA LEU B 20 48.39 -9.21 -12.86
C LEU B 20 47.19 -10.15 -12.93
N GLU B 21 47.38 -11.33 -13.51
CA GLU B 21 46.29 -12.34 -13.59
C GLU B 21 45.87 -12.75 -12.18
N LYS B 22 46.83 -12.83 -11.24
CA LYS B 22 46.61 -13.17 -9.83
C LYS B 22 45.80 -12.10 -9.13
N SER B 23 46.10 -10.79 -9.36
CA SER B 23 45.32 -9.70 -8.77
C SER B 23 43.90 -9.67 -9.34
N VAL B 24 43.74 -9.95 -10.66
CA VAL B 24 42.43 -9.98 -11.34
C VAL B 24 41.55 -11.07 -10.72
N GLU B 25 42.11 -12.27 -10.44
CA GLU B 25 41.40 -13.36 -9.77
C GLU B 25 40.88 -12.91 -8.40
N LYS B 26 41.68 -12.15 -7.63
CA LYS B 26 41.29 -11.65 -6.31
C LYS B 26 40.13 -10.64 -6.42
N ILE B 27 40.20 -9.67 -7.37
CA ILE B 27 39.11 -8.70 -7.61
C ILE B 27 37.86 -9.46 -8.08
N ALA B 28 38.03 -10.45 -8.98
CA ALA B 28 36.93 -11.29 -9.49
C ALA B 28 36.22 -12.05 -8.36
N ASP B 29 36.97 -12.47 -7.30
CA ASP B 29 36.41 -13.15 -6.13
C ASP B 29 35.55 -12.19 -5.33
N GLN B 30 35.96 -10.90 -5.25
CA GLN B 30 35.22 -9.84 -4.57
C GLN B 30 33.93 -9.54 -5.32
N LEU B 31 33.98 -9.50 -6.67
CA LEU B 31 32.81 -9.31 -7.51
C LEU B 31 31.81 -10.49 -7.29
N GLU B 32 32.32 -11.72 -7.11
CA GLU B 32 31.46 -12.89 -6.89
C GLU B 32 30.76 -12.86 -5.53
N GLU B 33 31.47 -12.40 -4.50
CA GLU B 33 30.93 -12.22 -3.15
C GLU B 33 29.85 -11.13 -3.18
N LEU B 34 30.05 -10.06 -3.99
CA LEU B 34 29.03 -9.01 -4.15
C LEU B 34 27.77 -9.53 -4.88
N ASN B 35 27.98 -10.34 -5.96
CA ASN B 35 26.88 -10.97 -6.71
C ASN B 35 26.05 -11.86 -5.74
N LYS B 36 26.71 -12.68 -4.88
CA LYS B 36 26.07 -13.57 -3.89
C LYS B 36 25.32 -12.74 -2.85
N GLU B 37 25.93 -11.64 -2.36
CA GLU B 37 25.31 -10.73 -1.38
C GLU B 37 24.10 -10.02 -1.99
N LEU B 38 24.17 -9.64 -3.29
CA LEU B 38 23.06 -9.02 -4.03
C LEU B 38 21.90 -10.01 -4.10
N THR B 39 22.16 -11.26 -4.53
CA THR B 39 21.18 -12.35 -4.62
C THR B 39 20.58 -12.64 -3.24
N GLY B 40 21.45 -12.57 -2.22
CA GLY B 40 21.09 -12.78 -0.82
C GLY B 40 20.03 -11.82 -0.35
N ILE B 41 20.15 -10.54 -0.76
CA ILE B 41 19.20 -9.47 -0.42
C ILE B 41 17.89 -9.74 -1.17
N GLN B 42 17.98 -10.00 -2.49
CA GLN B 42 16.83 -10.26 -3.36
C GLN B 42 15.99 -11.47 -2.94
N GLN B 43 16.65 -12.56 -2.52
CA GLN B 43 15.96 -13.80 -2.11
C GLN B 43 15.90 -13.99 -0.57
N GLY B 44 16.09 -12.91 0.18
CA GLY B 44 16.14 -12.86 1.63
C GLY B 44 14.87 -12.53 2.36
N PHE B 45 15.03 -12.28 3.67
CA PHE B 45 13.98 -12.06 4.68
C PHE B 45 13.52 -10.63 4.88
N LEU B 46 14.22 -9.65 4.32
CA LEU B 46 13.83 -8.26 4.48
C LEU B 46 12.60 -7.90 3.60
N PRO B 47 11.75 -6.93 4.02
CA PRO B 47 10.66 -6.46 3.11
C PRO B 47 11.22 -5.63 1.94
N LYS B 48 10.34 -5.13 1.05
CA LYS B 48 10.64 -4.38 -0.17
C LYS B 48 11.39 -3.06 0.01
N ASP B 49 11.04 -2.28 1.05
CA ASP B 49 11.68 -0.98 1.29
C ASP B 49 13.10 -1.14 1.81
N LEU B 50 13.30 -2.01 2.83
CA LEU B 50 14.62 -2.26 3.43
C LEU B 50 15.58 -2.97 2.47
N GLN B 51 15.01 -3.70 1.49
CA GLN B 51 15.75 -4.42 0.45
C GLN B 51 16.44 -3.42 -0.47
N ALA B 52 15.71 -2.33 -0.85
CA ALA B 52 16.25 -1.28 -1.70
C ALA B 52 17.42 -0.56 -1.01
N GLU B 53 17.29 -0.26 0.31
CA GLU B 53 18.33 0.37 1.13
C GLU B 53 19.56 -0.56 1.31
N ALA B 54 19.35 -1.88 1.55
CA ALA B 54 20.45 -2.85 1.71
C ALA B 54 21.25 -2.99 0.41
N LEU B 55 20.55 -2.99 -0.73
CA LEU B 55 21.12 -3.07 -2.08
C LEU B 55 21.98 -1.84 -2.36
N CYS B 56 21.44 -0.65 -2.08
CA CYS B 56 22.19 0.60 -2.32
C CYS B 56 23.44 0.71 -1.43
N LYS B 57 23.45 0.07 -0.23
CA LYS B 57 24.62 0.02 0.68
C LYS B 57 25.86 -0.71 0.04
N LEU B 58 25.65 -1.48 -1.02
CA LEU B 58 26.71 -2.17 -1.74
C LEU B 58 27.39 -1.25 -2.75
N ASP B 59 26.87 0.00 -2.96
CA ASP B 59 27.40 0.91 -3.97
C ASP B 59 28.89 1.22 -3.81
N ARG B 60 29.34 1.55 -2.59
CA ARG B 60 30.75 1.83 -2.28
C ARG B 60 31.63 0.64 -2.72
N ARG B 61 31.19 -0.57 -2.38
CA ARG B 61 31.89 -1.81 -2.72
C ARG B 61 31.94 -2.12 -4.23
N VAL B 62 30.85 -1.92 -5.00
CA VAL B 62 30.89 -2.15 -6.47
C VAL B 62 31.81 -1.10 -7.15
N LYS B 63 31.76 0.15 -6.67
CA LYS B 63 32.59 1.24 -7.20
C LYS B 63 34.09 0.95 -6.94
N ALA B 64 34.40 0.32 -5.79
CA ALA B 64 35.77 -0.08 -5.40
C ALA B 64 36.29 -1.20 -6.30
N THR B 65 35.40 -2.12 -6.72
CA THR B 65 35.75 -3.25 -7.59
C THR B 65 36.03 -2.71 -9.02
N ILE B 66 35.15 -1.84 -9.51
CA ILE B 66 35.30 -1.17 -10.81
C ILE B 66 36.66 -0.43 -10.84
N GLU B 67 36.94 0.35 -9.77
CA GLU B 67 38.20 1.09 -9.64
C GLU B 67 39.44 0.17 -9.65
N GLN B 68 39.37 -0.98 -8.95
CA GLN B 68 40.52 -1.91 -8.91
C GLN B 68 40.79 -2.52 -10.28
N PHE B 69 39.73 -2.86 -11.04
CA PHE B 69 39.85 -3.37 -12.42
C PHE B 69 40.43 -2.28 -13.36
N MET B 70 40.03 -1.01 -13.17
CA MET B 70 40.55 0.12 -13.94
C MET B 70 42.04 0.32 -13.71
N LYS B 71 42.50 0.14 -12.45
CA LYS B 71 43.92 0.29 -12.11
C LYS B 71 44.76 -0.86 -12.68
N ILE B 72 44.16 -2.06 -12.83
CA ILE B 72 44.82 -3.20 -13.45
C ILE B 72 45.04 -2.88 -14.92
N LEU B 73 43.98 -2.38 -15.64
CA LEU B 73 44.09 -1.99 -17.07
C LEU B 73 45.19 -0.93 -17.28
N GLU B 74 45.26 0.07 -16.39
CA GLU B 74 46.30 1.13 -16.41
C GLU B 74 47.72 0.55 -16.22
N GLU B 75 47.86 -0.46 -15.34
CA GLU B 75 49.14 -1.15 -15.15
C GLU B 75 49.50 -1.98 -16.38
N ILE B 76 48.54 -2.68 -16.95
CA ILE B 76 48.74 -3.44 -18.18
C ILE B 76 49.14 -2.53 -19.37
N ASP B 77 48.56 -1.33 -19.43
CA ASP B 77 48.83 -0.35 -20.47
C ASP B 77 50.26 0.22 -20.43
N THR B 78 51.03 -0.07 -19.36
CA THR B 78 52.43 0.42 -19.26
C THR B 78 53.39 -0.54 -20.01
N LEU B 79 52.93 -1.72 -20.36
CA LEU B 79 53.74 -2.74 -21.04
C LEU B 79 53.94 -2.42 -22.50
N ILE B 80 55.16 -2.64 -23.00
CA ILE B 80 55.57 -2.47 -24.40
C ILE B 80 56.11 -3.85 -24.78
N LEU B 81 55.42 -4.54 -25.67
CA LEU B 81 55.79 -5.91 -26.01
C LEU B 81 56.14 -6.02 -27.47
N PRO B 82 57.42 -6.31 -27.82
CA PRO B 82 57.78 -6.45 -29.24
C PRO B 82 56.95 -7.51 -29.96
N GLU B 83 56.80 -7.38 -31.30
CA GLU B 83 56.01 -8.33 -32.12
C GLU B 83 56.47 -9.78 -31.90
N ASN B 84 57.79 -9.99 -31.68
CA ASN B 84 58.37 -11.32 -31.42
C ASN B 84 57.94 -11.92 -30.07
N PHE B 85 57.41 -11.08 -29.13
CA PHE B 85 56.92 -11.57 -27.84
C PHE B 85 55.47 -12.01 -28.01
N LYS B 86 55.25 -13.04 -28.85
CA LYS B 86 53.93 -13.59 -29.19
C LYS B 86 53.14 -14.11 -28.01
N ASP B 87 53.76 -14.93 -27.09
CA ASP B 87 53.04 -15.43 -25.93
C ASP B 87 52.63 -14.31 -25.00
N SER B 88 53.54 -13.31 -24.80
CA SER B 88 53.27 -12.15 -23.96
C SER B 88 52.09 -11.34 -24.50
N ARG B 89 52.04 -11.16 -25.82
CA ARG B 89 51.00 -10.38 -26.46
C ARG B 89 49.63 -11.07 -26.39
N LEU B 90 49.61 -12.41 -26.59
CA LEU B 90 48.39 -13.23 -26.49
C LEU B 90 47.83 -13.21 -25.06
N LYS B 91 48.72 -13.31 -24.05
CA LYS B 91 48.38 -13.29 -22.62
C LYS B 91 47.84 -11.91 -22.20
N ARG B 92 48.46 -10.81 -22.67
CA ARG B 92 48.05 -9.45 -22.39
C ARG B 92 46.62 -9.20 -22.94
N LYS B 93 46.39 -9.56 -24.20
CA LYS B 93 45.10 -9.39 -24.86
C LYS B 93 43.99 -10.19 -24.18
N GLY B 94 44.30 -11.42 -23.80
CA GLY B 94 43.33 -12.30 -23.10
C GLY B 94 42.94 -11.74 -21.75
N LEU B 95 43.93 -11.14 -21.03
CA LEU B 95 43.70 -10.53 -19.73
C LEU B 95 42.87 -9.27 -19.83
N VAL B 96 43.18 -8.37 -20.80
CA VAL B 96 42.39 -7.15 -21.02
C VAL B 96 40.92 -7.53 -21.33
N LYS B 97 40.69 -8.49 -22.27
CA LYS B 97 39.32 -8.92 -22.61
C LYS B 97 38.57 -9.49 -21.40
N LYS B 98 39.29 -10.23 -20.54
CA LYS B 98 38.72 -10.85 -19.34
C LYS B 98 38.30 -9.75 -18.36
N VAL B 99 39.17 -8.76 -18.13
CA VAL B 99 38.88 -7.61 -17.27
C VAL B 99 37.68 -6.81 -17.79
N GLN B 100 37.62 -6.57 -19.11
CA GLN B 100 36.50 -5.85 -19.73
C GLN B 100 35.17 -6.61 -19.60
N ALA B 101 35.17 -7.95 -19.66
CA ALA B 101 33.95 -8.75 -19.46
C ALA B 101 33.54 -8.65 -17.98
N PHE B 102 34.51 -8.58 -17.03
CA PHE B 102 34.21 -8.37 -15.61
C PHE B 102 33.65 -6.96 -15.36
N LEU B 103 34.23 -5.94 -16.02
CA LEU B 103 33.73 -4.56 -15.96
C LEU B 103 32.28 -4.46 -16.41
N ALA B 104 31.91 -5.21 -17.46
CA ALA B 104 30.51 -5.21 -17.97
C ALA B 104 29.56 -5.85 -16.97
N GLU B 105 30.04 -6.83 -16.15
CA GLU B 105 29.26 -7.46 -15.07
C GLU B 105 29.10 -6.46 -13.93
N CYS B 106 30.16 -5.67 -13.61
CA CYS B 106 30.10 -4.61 -12.59
C CYS B 106 29.04 -3.60 -12.96
N ASP B 107 29.00 -3.16 -14.23
CA ASP B 107 28.03 -2.19 -14.78
C ASP B 107 26.59 -2.67 -14.61
N THR B 108 26.38 -3.98 -14.80
CA THR B 108 25.08 -4.66 -14.61
C THR B 108 24.65 -4.50 -13.14
N VAL B 109 25.58 -4.69 -12.19
CA VAL B 109 25.30 -4.56 -10.74
C VAL B 109 24.95 -3.08 -10.44
N GLU B 110 25.76 -2.13 -10.94
CA GLU B 110 25.52 -0.68 -10.81
C GLU B 110 24.14 -0.27 -11.32
N GLN B 111 23.66 -0.88 -12.43
CA GLN B 111 22.33 -0.61 -13.03
C GLN B 111 21.17 -1.24 -12.24
N ASN B 112 21.46 -2.12 -11.29
CA ASN B 112 20.43 -2.82 -10.50
C ASN B 112 20.34 -2.36 -9.04
N ILE B 113 21.20 -1.39 -8.64
CA ILE B 113 21.22 -0.84 -7.28
C ILE B 113 21.07 0.69 -7.33
N CYS B 114 20.54 1.30 -6.25
CA CYS B 114 20.38 2.77 -6.09
C CYS B 114 19.51 3.41 -7.21
N GLN B 115 18.61 2.61 -7.83
CA GLN B 115 17.76 3.09 -8.92
C GLN B 115 16.55 3.86 -8.41
N MET C 6 10.85 6.52 46.12
CA MET C 6 11.56 7.07 44.96
C MET C 6 12.33 8.33 45.29
N SER C 7 13.57 8.42 44.82
CA SER C 7 14.45 9.57 45.06
C SER C 7 14.11 10.76 44.14
N LYS C 8 14.55 11.98 44.51
CA LYS C 8 14.31 13.17 43.68
C LYS C 8 15.08 13.08 42.35
N GLY C 9 14.38 13.41 41.26
CA GLY C 9 14.92 13.36 39.91
C GLY C 9 15.24 14.70 39.29
N PRO C 10 15.76 14.71 38.04
CA PRO C 10 16.09 15.99 37.38
C PRO C 10 14.88 16.77 36.86
N ALA C 11 15.16 17.90 36.21
CA ALA C 11 14.16 18.77 35.58
C ALA C 11 13.99 18.30 34.14
N VAL C 12 12.74 18.34 33.63
CA VAL C 12 12.43 17.90 32.28
C VAL C 12 11.92 19.02 31.39
N GLY C 13 11.94 18.76 30.09
CA GLY C 13 11.42 19.67 29.08
C GLY C 13 10.18 19.06 28.48
N ILE C 14 9.05 19.84 28.44
CA ILE C 14 7.77 19.35 27.89
C ILE C 14 7.23 20.24 26.75
N ASP C 15 7.00 19.63 25.58
CA ASP C 15 6.33 20.27 24.45
C ASP C 15 4.87 19.85 24.58
N LEU C 16 4.00 20.78 25.00
CA LEU C 16 2.57 20.56 25.15
C LEU C 16 1.89 20.96 23.83
N GLY C 17 1.68 19.97 22.96
CA GLY C 17 1.14 20.19 21.62
C GLY C 17 -0.36 20.07 21.50
N THR C 18 -0.89 20.52 20.34
CA THR C 18 -2.32 20.46 20.04
C THR C 18 -2.86 19.02 20.02
N THR C 19 -2.23 18.13 19.24
CA THR C 19 -2.68 16.72 19.14
C THR C 19 -1.72 15.75 19.81
N TYR C 20 -0.44 16.15 20.02
CA TYR C 20 0.56 15.29 20.67
C TYR C 20 1.54 16.09 21.53
N SER C 21 2.01 15.46 22.61
CA SER C 21 2.96 16.05 23.55
C SER C 21 4.23 15.19 23.61
N CYS C 22 5.37 15.80 24.00
CA CYS C 22 6.69 15.17 24.02
C CYS C 22 7.44 15.62 25.27
N VAL C 23 8.15 14.68 25.94
CA VAL C 23 8.94 15.00 27.14
C VAL C 23 10.38 14.52 26.97
N GLY C 24 11.32 15.39 27.30
CA GLY C 24 12.75 15.10 27.24
C GLY C 24 13.49 15.40 28.52
N VAL C 25 14.67 14.80 28.67
CA VAL C 25 15.53 14.99 29.84
C VAL C 25 17.00 15.09 29.42
N PHE C 26 17.73 16.03 30.00
CA PHE C 26 19.16 16.19 29.75
C PHE C 26 19.90 15.34 30.79
N GLN C 27 20.61 14.33 30.29
CA GLN C 27 21.39 13.43 31.13
C GLN C 27 22.64 13.00 30.37
N HIS C 28 23.76 12.90 31.08
CA HIS C 28 25.03 12.49 30.50
C HIS C 28 25.47 13.33 29.30
N GLY C 29 25.30 14.63 29.40
CA GLY C 29 25.71 15.52 28.32
C GLY C 29 24.90 15.44 27.05
N LYS C 30 23.70 14.88 27.15
CA LYS C 30 22.81 14.75 26.00
C LYS C 30 21.35 14.76 26.40
N VAL C 31 20.47 15.15 25.47
CA VAL C 31 19.02 15.12 25.70
C VAL C 31 18.48 13.74 25.29
N GLU C 32 17.65 13.16 26.13
CA GLU C 32 17.04 11.89 25.80
C GLU C 32 15.52 12.10 25.77
N ILE C 33 14.89 11.76 24.67
CA ILE C 33 13.45 11.89 24.55
C ILE C 33 12.90 10.62 25.18
N ILE C 34 11.94 10.77 26.08
CA ILE C 34 11.39 9.64 26.80
C ILE C 34 10.16 8.97 26.20
N ALA C 35 10.27 7.68 25.94
CA ALA C 35 9.17 6.90 25.39
C ALA C 35 8.10 6.66 26.45
N ASN C 36 6.84 6.58 26.02
CA ASN C 36 5.74 6.34 26.95
C ASN C 36 5.56 4.86 27.26
N ASP C 37 4.53 4.52 28.01
CA ASP C 37 4.29 3.14 28.41
C ASP C 37 4.08 2.20 27.22
N GLN C 38 3.65 2.74 26.09
CA GLN C 38 3.42 1.94 24.88
C GLN C 38 4.65 1.98 23.93
N GLY C 39 5.74 2.59 24.41
CA GLY C 39 6.99 2.73 23.66
C GLY C 39 7.00 3.85 22.64
N ASN C 40 6.05 4.80 22.76
CA ASN C 40 5.93 5.94 21.84
C ASN C 40 6.64 7.17 22.37
N ARG C 41 7.48 7.79 21.52
CA ARG C 41 8.27 8.98 21.86
C ARG C 41 7.43 10.28 21.90
N THR C 42 6.18 10.23 21.40
CA THR C 42 5.19 11.32 21.49
C THR C 42 3.90 10.67 22.02
N THR C 43 3.11 11.44 22.79
CA THR C 43 1.88 10.97 23.43
C THR C 43 0.68 11.84 23.00
N PRO C 44 -0.45 11.24 22.59
CA PRO C 44 -1.62 12.05 22.18
C PRO C 44 -2.13 12.98 23.27
N SER C 45 -2.41 14.25 22.93
CA SER C 45 -2.92 15.20 23.90
C SER C 45 -4.43 14.96 24.02
N TYR C 46 -4.79 13.73 24.41
CA TYR C 46 -6.18 13.25 24.49
C TYR C 46 -6.51 12.82 25.88
N VAL C 47 -7.73 13.16 26.30
CA VAL C 47 -8.28 12.76 27.60
C VAL C 47 -9.66 12.17 27.31
N ALA C 48 -9.92 10.93 27.76
CA ALA C 48 -11.23 10.28 27.55
C ALA C 48 -11.94 10.01 28.87
N PHE C 49 -13.26 10.29 28.92
CA PHE C 49 -14.10 10.04 30.11
C PHE C 49 -15.08 8.93 29.81
N THR C 50 -15.08 7.87 30.62
CA THR C 50 -15.95 6.72 30.39
C THR C 50 -16.90 6.50 31.57
N ASP C 51 -17.64 5.39 31.54
CA ASP C 51 -18.56 4.99 32.61
C ASP C 51 -17.82 4.60 33.90
N THR C 52 -16.52 4.23 33.81
CA THR C 52 -15.75 3.78 34.98
C THR C 52 -14.42 4.48 35.24
N GLU C 53 -13.82 5.12 34.21
CA GLU C 53 -12.50 5.70 34.39
C GLU C 53 -12.22 6.91 33.50
N ARG C 54 -11.04 7.48 33.70
CA ARG C 54 -10.51 8.60 32.93
C ARG C 54 -9.23 8.05 32.30
N LEU C 55 -9.07 8.22 31.00
CA LEU C 55 -7.89 7.71 30.30
C LEU C 55 -7.08 8.83 29.66
N ILE C 56 -5.76 8.66 29.62
CA ILE C 56 -4.88 9.67 29.04
C ILE C 56 -3.92 9.11 27.99
N GLY C 57 -3.56 9.94 27.02
CA GLY C 57 -2.66 9.57 25.94
C GLY C 57 -3.12 8.47 24.99
N ASP C 58 -2.23 7.52 24.71
CA ASP C 58 -2.53 6.43 23.78
C ASP C 58 -3.78 5.67 24.16
N ALA C 59 -3.98 5.35 25.45
CA ALA C 59 -5.22 4.65 25.85
C ALA C 59 -6.48 5.48 25.55
N ALA C 60 -6.35 6.83 25.59
CA ALA C 60 -7.51 7.67 25.26
C ALA C 60 -7.70 7.68 23.74
N LYS C 61 -6.63 7.91 22.95
CA LYS C 61 -6.75 7.89 21.48
C LYS C 61 -7.23 6.53 20.94
N ASN C 62 -6.82 5.41 21.59
CA ASN C 62 -7.18 4.04 21.17
C ASN C 62 -8.69 3.72 21.26
N GLN C 63 -9.47 4.48 22.04
CA GLN C 63 -10.91 4.21 22.17
C GLN C 63 -11.79 5.35 21.62
N VAL C 64 -11.20 6.32 20.86
CA VAL C 64 -11.94 7.47 20.31
C VAL C 64 -13.15 7.01 19.43
N ALA C 65 -12.99 5.95 18.60
CA ALA C 65 -14.08 5.44 17.75
C ALA C 65 -15.26 4.85 18.53
N MET C 66 -14.99 4.38 19.75
CA MET C 66 -16.00 3.83 20.65
C MET C 66 -16.71 4.87 21.52
N ASN C 67 -15.99 5.94 21.87
CA ASN C 67 -16.50 7.00 22.73
C ASN C 67 -16.14 8.38 22.17
N PRO C 68 -16.63 8.72 20.99
CA PRO C 68 -16.28 10.00 20.38
C PRO C 68 -16.70 11.29 21.11
N THR C 69 -17.91 11.33 21.67
CA THR C 69 -18.43 12.50 22.37
C THR C 69 -17.72 12.85 23.68
N ASN C 70 -17.18 11.84 24.35
CA ASN C 70 -16.50 12.01 25.62
C ASN C 70 -14.97 11.97 25.61
N THR C 71 -14.38 12.04 24.42
CA THR C 71 -12.92 12.01 24.24
C THR C 71 -12.52 13.40 23.78
N VAL C 72 -11.76 14.11 24.64
CA VAL C 72 -11.32 15.49 24.41
C VAL C 72 -9.91 15.52 23.87
N PHE C 73 -9.68 16.46 22.96
CA PHE C 73 -8.41 16.74 22.32
C PHE C 73 -8.45 18.19 21.84
N ASP C 74 -7.32 18.75 21.44
CA ASP C 74 -7.29 20.13 20.95
C ASP C 74 -7.60 21.17 22.02
N ALA C 75 -7.33 20.84 23.28
CA ALA C 75 -7.56 21.76 24.38
C ALA C 75 -6.71 23.02 24.20
N LYS C 76 -5.53 22.83 23.63
CA LYS C 76 -4.58 23.92 23.37
C LYS C 76 -5.22 25.01 22.46
N ARG C 77 -6.23 24.64 21.65
CA ARG C 77 -6.94 25.60 20.79
C ARG C 77 -7.89 26.49 21.60
N LEU C 78 -8.23 26.05 22.85
CA LEU C 78 -9.15 26.72 23.77
C LEU C 78 -8.48 27.43 24.94
N ILE C 79 -7.31 26.93 25.39
CA ILE C 79 -6.60 27.40 26.56
C ILE C 79 -6.34 28.92 26.51
N GLY C 80 -6.69 29.60 27.60
CA GLY C 80 -6.53 31.04 27.75
C GLY C 80 -7.47 31.90 26.92
N ARG C 81 -8.43 31.28 26.18
CA ARG C 81 -9.35 32.03 25.32
C ARG C 81 -10.70 32.29 25.98
N ARG C 82 -11.39 33.35 25.53
CA ARG C 82 -12.73 33.67 25.98
C ARG C 82 -13.65 32.84 25.11
N PHE C 83 -14.87 32.53 25.58
CA PHE C 83 -15.82 31.72 24.78
C PHE C 83 -16.16 32.36 23.42
N ASP C 84 -16.33 33.67 23.41
CA ASP C 84 -16.73 34.42 22.21
C ASP C 84 -15.56 34.73 21.25
N ASP C 85 -14.37 34.16 21.51
CA ASP C 85 -13.21 34.32 20.63
C ASP C 85 -13.58 33.67 19.27
N ALA C 86 -13.25 34.34 18.15
CA ALA C 86 -13.52 33.85 16.79
C ALA C 86 -12.99 32.43 16.59
N VAL C 87 -11.81 32.14 17.15
CA VAL C 87 -11.15 30.82 17.05
C VAL C 87 -11.99 29.73 17.75
N VAL C 88 -12.49 30.00 18.98
CA VAL C 88 -13.35 29.07 19.72
C VAL C 88 -14.63 28.78 18.95
N GLN C 89 -15.28 29.85 18.40
CA GLN C 89 -16.53 29.69 17.65
C GLN C 89 -16.37 28.86 16.37
N SER C 90 -15.32 29.11 15.62
CA SER C 90 -15.03 28.38 14.39
C SER C 90 -14.61 26.93 14.65
N ASP C 91 -13.75 26.74 15.65
CA ASP C 91 -13.21 25.42 16.02
C ASP C 91 -14.20 24.39 16.57
N MET C 92 -15.12 24.83 17.41
CA MET C 92 -16.08 23.92 18.03
C MET C 92 -16.99 23.17 17.06
N LYS C 93 -17.37 23.82 15.96
CA LYS C 93 -18.25 23.18 14.97
C LYS C 93 -17.67 21.87 14.41
N HIS C 94 -16.33 21.68 14.52
CA HIS C 94 -15.62 20.52 14.01
C HIS C 94 -15.24 19.48 15.10
N TRP C 95 -15.60 19.72 16.38
CA TRP C 95 -15.29 18.76 17.45
C TRP C 95 -16.51 17.91 17.82
N PRO C 96 -16.31 16.60 18.10
CA PRO C 96 -17.46 15.75 18.50
C PRO C 96 -17.92 15.99 19.95
N PHE C 97 -17.05 16.60 20.75
CA PHE C 97 -17.34 16.92 22.16
C PHE C 97 -17.99 18.31 22.33
N MET C 98 -18.75 18.47 23.40
CA MET C 98 -19.45 19.73 23.71
C MET C 98 -18.54 20.79 24.31
N VAL C 99 -18.71 22.06 23.86
CA VAL C 99 -18.03 23.26 24.38
C VAL C 99 -19.12 24.23 24.85
N VAL C 100 -19.13 24.52 26.17
CA VAL C 100 -20.15 25.37 26.80
C VAL C 100 -19.57 26.70 27.29
N ASN C 101 -20.44 27.71 27.47
CA ASN C 101 -20.02 29.03 27.95
C ASN C 101 -20.30 29.16 29.44
N ASP C 102 -19.26 29.32 30.24
CA ASP C 102 -19.43 29.51 31.68
C ASP C 102 -18.90 30.89 32.03
N ALA C 103 -19.82 31.88 32.18
CA ALA C 103 -19.53 33.26 32.52
C ALA C 103 -18.44 33.91 31.62
N GLY C 104 -18.51 33.66 30.31
CA GLY C 104 -17.58 34.21 29.32
C GLY C 104 -16.40 33.32 28.99
N ARG C 105 -16.22 32.23 29.77
CA ARG C 105 -15.11 31.29 29.60
C ARG C 105 -15.54 29.93 28.98
N PRO C 106 -14.75 29.34 28.05
CA PRO C 106 -15.17 28.03 27.49
C PRO C 106 -14.86 26.88 28.43
N LYS C 107 -15.69 25.85 28.38
CA LYS C 107 -15.53 24.62 29.15
C LYS C 107 -15.93 23.45 28.26
N VAL C 108 -15.20 22.34 28.37
CA VAL C 108 -15.58 21.12 27.64
C VAL C 108 -16.58 20.40 28.54
N GLN C 109 -17.67 19.88 27.96
CA GLN C 109 -18.70 19.19 28.73
C GLN C 109 -18.82 17.76 28.25
N VAL C 110 -18.74 16.78 29.18
CA VAL C 110 -18.75 15.35 28.86
C VAL C 110 -19.60 14.56 29.86
N GLU C 111 -19.69 13.24 29.66
CA GLU C 111 -20.29 12.29 30.58
C GLU C 111 -19.08 11.60 31.21
N TYR C 112 -19.04 11.52 32.54
CA TYR C 112 -17.96 10.86 33.27
C TYR C 112 -18.57 10.13 34.46
N LYS C 113 -18.50 8.78 34.43
CA LYS C 113 -19.05 7.90 35.45
C LYS C 113 -20.58 8.14 35.64
N GLY C 114 -21.29 8.25 34.50
CA GLY C 114 -22.74 8.43 34.42
C GLY C 114 -23.29 9.81 34.77
N GLU C 115 -22.43 10.83 34.85
CA GLU C 115 -22.83 12.19 35.21
C GLU C 115 -22.31 13.24 34.23
N THR C 116 -23.07 14.33 34.03
CA THR C 116 -22.63 15.43 33.16
C THR C 116 -21.61 16.27 33.95
N LYS C 117 -20.39 16.44 33.41
CA LYS C 117 -19.31 17.18 34.07
C LYS C 117 -18.65 18.12 33.07
N SER C 118 -18.18 19.28 33.55
CA SER C 118 -17.48 20.25 32.72
C SER C 118 -16.09 20.54 33.23
N PHE C 119 -15.15 20.81 32.32
CA PHE C 119 -13.77 21.11 32.69
C PHE C 119 -13.26 22.28 31.90
N TYR C 120 -12.46 23.14 32.54
CA TYR C 120 -11.82 24.28 31.87
C TYR C 120 -10.67 23.73 31.01
N PRO C 121 -10.26 24.40 29.91
CA PRO C 121 -9.15 23.89 29.09
C PRO C 121 -7.85 23.60 29.85
N GLU C 122 -7.49 24.46 30.84
CA GLU C 122 -6.30 24.25 31.70
C GLU C 122 -6.41 23.00 32.58
N GLU C 123 -7.65 22.53 32.90
CA GLU C 123 -7.83 21.30 33.68
C GLU C 123 -7.52 20.13 32.77
N VAL C 124 -8.00 20.19 31.50
CA VAL C 124 -7.73 19.13 30.52
C VAL C 124 -6.21 19.07 30.25
N SER C 125 -5.58 20.24 30.05
CA SER C 125 -4.13 20.32 29.83
C SER C 125 -3.31 19.85 31.04
N SER C 126 -3.82 20.03 32.28
CA SER C 126 -3.18 19.55 33.50
C SER C 126 -3.12 18.01 33.49
N MET C 127 -4.16 17.34 32.98
CA MET C 127 -4.23 15.89 32.88
C MET C 127 -3.17 15.34 31.94
N VAL C 128 -2.99 15.97 30.77
CA VAL C 128 -1.95 15.63 29.76
C VAL C 128 -0.56 15.87 30.41
N LEU C 129 -0.39 16.99 31.14
CA LEU C 129 0.87 17.29 31.83
C LEU C 129 1.19 16.28 32.93
N THR C 130 0.17 15.81 33.68
CA THR C 130 0.30 14.74 34.68
C THR C 130 0.82 13.46 34.00
N LYS C 131 0.26 13.12 32.82
CA LYS C 131 0.69 11.96 32.03
C LYS C 131 2.15 12.13 31.58
N MET C 132 2.54 13.33 31.11
CA MET C 132 3.93 13.60 30.69
C MET C 132 4.89 13.46 31.87
N LYS C 133 4.47 13.95 33.05
CA LYS C 133 5.20 13.87 34.32
C LYS C 133 5.40 12.39 34.70
N GLU C 134 4.34 11.58 34.59
CA GLU C 134 4.36 10.14 34.93
C GLU C 134 5.24 9.30 33.97
N ILE C 135 5.24 9.67 32.68
CA ILE C 135 6.07 9.05 31.63
C ILE C 135 7.56 9.25 31.98
N ALA C 136 7.93 10.48 32.41
CA ALA C 136 9.30 10.80 32.80
C ALA C 136 9.71 10.01 34.04
N GLU C 137 8.81 9.93 35.06
CA GLU C 137 9.05 9.21 36.31
C GLU C 137 9.21 7.72 36.10
N ALA C 138 8.43 7.12 35.18
CA ALA C 138 8.47 5.67 34.89
C ALA C 138 9.82 5.29 34.28
N TYR C 139 10.38 6.16 33.42
CA TYR C 139 11.67 5.94 32.77
C TYR C 139 12.83 6.14 33.73
N LEU C 140 12.84 7.28 34.46
CA LEU C 140 13.93 7.65 35.36
C LEU C 140 13.96 6.86 36.66
N GLY C 141 12.80 6.37 37.10
CA GLY C 141 12.65 5.65 38.37
C GLY C 141 12.88 6.60 39.54
N LYS C 142 12.61 7.90 39.29
CA LYS C 142 12.78 8.99 40.24
C LYS C 142 11.60 9.95 40.10
N THR C 143 11.28 10.69 41.18
CA THR C 143 10.17 11.67 41.17
C THR C 143 10.54 12.88 40.32
N VAL C 144 9.59 13.37 39.50
CA VAL C 144 9.79 14.53 38.63
C VAL C 144 8.83 15.64 39.04
N THR C 145 9.36 16.82 39.38
CA THR C 145 8.56 17.99 39.79
C THR C 145 8.85 19.23 38.90
N ASN C 146 10.13 19.43 38.53
CA ASN C 146 10.56 20.62 37.78
C ASN C 146 10.49 20.48 36.29
N ALA C 147 9.89 21.49 35.61
CA ALA C 147 9.73 21.47 34.16
C ALA C 147 9.74 22.81 33.49
N VAL C 148 10.21 22.81 32.25
CA VAL C 148 10.10 23.96 31.36
C VAL C 148 9.03 23.47 30.37
N VAL C 149 7.99 24.30 30.16
CA VAL C 149 6.87 24.00 29.28
C VAL C 149 6.87 25.01 28.13
N THR C 150 6.59 24.54 26.89
CA THR C 150 6.61 25.44 25.73
C THR C 150 5.21 25.87 25.27
N VAL C 151 5.17 27.07 24.62
CA VAL C 151 3.93 27.67 24.06
C VAL C 151 4.22 28.33 22.71
N PRO C 152 3.22 28.49 21.80
CA PRO C 152 3.49 29.22 20.56
C PRO C 152 3.89 30.68 20.82
N ALA C 153 4.70 31.25 19.92
CA ALA C 153 5.19 32.62 20.02
C ALA C 153 4.05 33.67 19.97
N TYR C 154 2.93 33.31 19.30
CA TYR C 154 1.77 34.20 19.16
C TYR C 154 0.80 34.14 20.39
N PHE C 155 1.04 33.25 21.38
CA PHE C 155 0.18 33.18 22.58
C PHE C 155 0.20 34.50 23.33
N ASN C 156 -0.99 34.98 23.77
CA ASN C 156 -1.12 36.23 24.52
C ASN C 156 -0.88 35.98 26.02
N ASP C 157 -1.06 37.01 26.88
CA ASP C 157 -0.87 36.93 28.33
C ASP C 157 -1.75 35.86 28.99
N SER C 158 -3.02 35.82 28.60
CA SER C 158 -4.03 34.89 29.11
C SER C 158 -3.70 33.43 28.71
N GLN C 159 -3.24 33.22 27.47
CA GLN C 159 -2.90 31.87 26.98
C GLN C 159 -1.62 31.32 27.65
N ARG C 160 -0.65 32.20 27.98
CA ARG C 160 0.58 31.81 28.67
C ARG C 160 0.26 31.51 30.14
N GLN C 161 -0.61 32.35 30.77
CA GLN C 161 -0.98 32.16 32.18
C GLN C 161 -1.76 30.86 32.41
N ALA C 162 -2.71 30.56 31.50
CA ALA C 162 -3.53 29.36 31.58
C ALA C 162 -2.67 28.10 31.43
N THR C 163 -1.60 28.17 30.59
CA THR C 163 -0.67 27.05 30.40
C THR C 163 0.12 26.83 31.70
N LYS C 164 0.56 27.94 32.36
CA LYS C 164 1.28 27.90 33.63
C LYS C 164 0.39 27.31 34.72
N ASP C 165 -0.89 27.69 34.75
CA ASP C 165 -1.87 27.15 35.70
C ASP C 165 -2.08 25.65 35.48
N ALA C 166 -2.05 25.20 34.20
CA ALA C 166 -2.18 23.77 33.88
C ALA C 166 -0.97 22.99 34.47
N GLY C 167 0.23 23.57 34.41
CA GLY C 167 1.44 23.02 35.03
C GLY C 167 1.32 22.93 36.54
N THR C 168 0.79 24.00 37.19
CA THR C 168 0.56 24.09 38.64
C THR C 168 -0.43 23.00 39.12
N ILE C 169 -1.62 22.89 38.47
CA ILE C 169 -2.65 21.89 38.83
C ILE C 169 -2.10 20.45 38.72
N ALA C 170 -1.23 20.21 37.72
CA ALA C 170 -0.59 18.90 37.50
C ALA C 170 0.50 18.54 38.55
N GLY C 171 0.77 19.45 39.48
CA GLY C 171 1.77 19.27 40.52
C GLY C 171 3.18 19.58 40.07
N LEU C 172 3.31 20.32 38.95
CA LEU C 172 4.63 20.69 38.43
C LEU C 172 5.04 22.08 38.87
N ASN C 173 6.35 22.22 39.07
CA ASN C 173 6.95 23.50 39.37
C ASN C 173 7.48 23.95 38.01
N VAL C 174 6.75 24.87 37.35
CA VAL C 174 7.08 25.42 36.04
C VAL C 174 8.22 26.39 36.20
N LEU C 175 9.46 25.92 35.91
CA LEU C 175 10.67 26.75 36.02
C LEU C 175 10.59 27.96 35.09
N ARG C 176 10.11 27.74 33.86
CA ARG C 176 9.94 28.79 32.87
C ARG C 176 9.00 28.38 31.75
N ILE C 177 8.45 29.36 31.05
CA ILE C 177 7.60 29.13 29.89
C ILE C 177 8.37 29.78 28.76
N ILE C 178 8.65 29.04 27.70
CA ILE C 178 9.38 29.59 26.58
C ILE C 178 8.68 29.26 25.28
N ASN C 179 8.91 30.10 24.28
CA ASN C 179 8.30 29.96 22.95
C ASN C 179 8.81 28.72 22.25
N GLU C 180 7.93 28.05 21.48
CA GLU C 180 8.28 26.86 20.72
C GLU C 180 9.40 27.13 19.70
N PRO C 181 9.37 28.24 18.90
CA PRO C 181 10.48 28.48 17.95
C PRO C 181 11.82 28.76 18.65
N THR C 182 11.78 29.37 19.85
CA THR C 182 12.98 29.66 20.67
C THR C 182 13.60 28.32 21.17
N ALA C 183 12.72 27.37 21.61
CA ALA C 183 13.11 26.02 22.06
C ALA C 183 13.82 25.28 20.90
N ALA C 184 13.27 25.40 19.67
CA ALA C 184 13.83 24.79 18.46
C ALA C 184 15.23 25.34 18.12
N ALA C 185 15.42 26.67 18.22
CA ALA C 185 16.71 27.34 17.99
C ALA C 185 17.74 26.91 19.03
N ILE C 186 17.32 26.80 20.31
CA ILE C 186 18.18 26.35 21.42
C ILE C 186 18.64 24.88 21.18
N ALA C 187 17.73 24.02 20.66
CA ALA C 187 18.01 22.60 20.35
C ALA C 187 19.23 22.46 19.43
N TYR C 188 19.34 23.36 18.41
CA TYR C 188 20.43 23.37 17.43
C TYR C 188 21.62 24.23 17.83
N GLY C 189 21.56 24.84 19.03
CA GLY C 189 22.61 25.69 19.57
C GLY C 189 22.90 26.91 18.72
N LEU C 190 21.85 27.48 18.08
CA LEU C 190 21.94 28.65 17.21
C LEU C 190 22.32 29.94 17.95
N ASP C 191 22.10 29.97 19.28
CA ASP C 191 22.43 31.09 20.18
C ASP C 191 23.90 31.04 20.64
N LYS C 192 24.61 29.93 20.35
CA LYS C 192 26.00 29.71 20.73
C LYS C 192 26.95 29.88 19.53
N LYS C 193 26.42 30.28 18.38
CA LYS C 193 27.21 30.50 17.18
C LYS C 193 27.94 31.84 17.21
N VAL C 194 29.24 31.83 16.93
CA VAL C 194 30.05 33.04 16.96
C VAL C 194 29.71 34.02 15.85
N GLY C 195 29.67 35.31 16.19
CA GLY C 195 29.37 36.33 15.20
C GLY C 195 28.39 37.40 15.63
N ALA C 196 27.86 38.11 14.64
CA ALA C 196 26.89 39.18 14.84
C ALA C 196 25.49 38.59 14.96
N GLU C 197 24.47 39.44 14.91
CA GLU C 197 23.10 38.99 15.05
C GLU C 197 22.74 37.99 13.96
N ARG C 198 21.98 36.97 14.34
CA ARG C 198 21.56 35.91 13.44
C ARG C 198 20.06 35.94 13.29
N ASN C 199 19.58 35.88 12.04
CA ASN C 199 18.16 35.82 11.70
C ASN C 199 17.82 34.36 11.43
N VAL C 200 16.87 33.82 12.18
CA VAL C 200 16.49 32.41 12.11
C VAL C 200 15.02 32.28 11.72
N LEU C 201 14.75 31.38 10.77
CA LEU C 201 13.38 31.06 10.35
C LEU C 201 13.07 29.66 10.87
N ILE C 202 11.97 29.54 11.60
CA ILE C 202 11.54 28.26 12.11
C ILE C 202 10.29 27.86 11.31
N PHE C 203 10.37 26.74 10.61
CA PHE C 203 9.30 26.22 9.78
C PHE C 203 8.71 25.04 10.55
N ASP C 204 7.55 25.25 11.15
CA ASP C 204 6.92 24.22 11.95
C ASP C 204 5.65 23.67 11.29
N LEU C 205 5.73 22.44 10.79
CA LEU C 205 4.60 21.77 10.15
C LEU C 205 4.37 20.41 10.80
N GLY C 206 3.53 20.40 11.84
CA GLY C 206 3.23 19.20 12.61
C GLY C 206 2.11 19.41 13.60
N GLY C 207 1.44 18.31 13.96
CA GLY C 207 0.34 18.32 14.91
C GLY C 207 -1.01 18.81 14.41
N GLY C 208 -1.07 19.25 13.15
CA GLY C 208 -2.30 19.77 12.53
C GLY C 208 -2.27 21.28 12.39
N THR C 209 -1.11 21.89 12.69
CA THR C 209 -0.91 23.34 12.62
C THR C 209 0.35 23.64 11.83
N PHE C 210 0.38 24.80 11.18
CA PHE C 210 1.53 25.26 10.40
C PHE C 210 1.95 26.63 10.91
N ASP C 211 3.14 26.71 11.52
CA ASP C 211 3.64 27.96 12.10
C ASP C 211 5.01 28.30 11.56
N VAL C 212 5.15 29.54 11.03
CA VAL C 212 6.42 30.09 10.55
C VAL C 212 6.75 31.23 11.51
N SER C 213 7.98 31.22 12.08
CA SER C 213 8.40 32.28 12.99
C SER C 213 9.76 32.78 12.55
N ILE C 214 9.98 34.07 12.70
CA ILE C 214 11.27 34.64 12.35
C ILE C 214 11.82 35.26 13.62
N LEU C 215 13.04 34.88 13.96
CA LEU C 215 13.66 35.38 15.16
C LEU C 215 15.04 35.92 14.85
N THR C 216 15.47 36.86 15.68
CA THR C 216 16.80 37.41 15.60
C THR C 216 17.45 37.12 16.94
N ILE C 217 18.63 36.55 16.88
CA ILE C 217 19.41 36.18 18.07
C ILE C 217 20.60 37.10 18.08
N GLU C 218 20.68 37.94 19.12
CA GLU C 218 21.74 38.92 19.29
C GLU C 218 22.25 38.81 20.71
N ASP C 219 23.53 38.38 20.83
CA ASP C 219 24.24 38.20 22.08
C ASP C 219 23.40 37.42 23.11
N GLY C 220 22.87 36.26 22.70
CA GLY C 220 22.04 35.36 23.51
C GLY C 220 20.61 35.77 23.76
N ILE C 221 20.20 36.94 23.24
CA ILE C 221 18.83 37.43 23.38
C ILE C 221 18.01 37.07 22.14
N PHE C 222 16.86 36.42 22.35
CA PHE C 222 15.93 36.05 21.28
C PHE C 222 14.83 37.07 21.13
N GLU C 223 14.59 37.51 19.91
CA GLU C 223 13.53 38.47 19.64
C GLU C 223 12.65 37.93 18.54
N VAL C 224 11.33 37.87 18.79
CA VAL C 224 10.36 37.41 17.78
C VAL C 224 10.07 38.60 16.87
N LYS C 225 10.47 38.50 15.60
CA LYS C 225 10.30 39.56 14.58
C LYS C 225 8.96 39.46 13.87
N SER C 226 8.50 38.21 13.65
CA SER C 226 7.24 37.93 12.96
C SER C 226 6.79 36.49 13.15
N THR C 227 5.46 36.28 13.01
CA THR C 227 4.81 34.97 13.06
C THR C 227 3.77 34.96 11.91
N ALA C 228 3.63 33.80 11.24
CA ALA C 228 2.68 33.57 10.14
C ALA C 228 2.33 32.10 10.08
N GLY C 229 1.38 31.72 9.22
CA GLY C 229 1.02 30.31 9.05
C GLY C 229 -0.44 30.04 8.76
N ASP C 230 -0.83 28.79 9.05
CA ASP C 230 -2.17 28.25 8.87
C ASP C 230 -2.47 27.36 10.09
N THR C 231 -3.48 27.73 10.90
CA THR C 231 -3.87 27.00 12.12
C THR C 231 -4.45 25.59 11.85
N HIS C 232 -4.95 25.35 10.62
CA HIS C 232 -5.53 24.06 10.24
C HIS C 232 -4.87 23.45 8.97
N LEU C 233 -3.58 23.10 9.05
CA LEU C 233 -2.85 22.46 7.96
C LEU C 233 -1.88 21.46 8.53
N GLY C 234 -1.95 20.23 8.03
CA GLY C 234 -1.12 19.15 8.52
C GLY C 234 -1.15 17.88 7.70
N GLY C 235 -0.66 16.81 8.32
CA GLY C 235 -0.58 15.51 7.70
C GLY C 235 -1.92 14.94 7.27
N GLU C 236 -2.97 15.20 8.05
CA GLU C 236 -4.30 14.69 7.72
C GLU C 236 -4.75 15.21 6.35
N ASP C 237 -4.45 16.47 6.05
CA ASP C 237 -4.80 17.05 4.75
C ASP C 237 -4.07 16.30 3.62
N PHE C 238 -2.81 15.91 3.85
CA PHE C 238 -2.03 15.17 2.85
C PHE C 238 -2.55 13.74 2.75
N ASP C 239 -2.98 13.20 3.88
CA ASP C 239 -3.57 11.86 3.91
C ASP C 239 -4.89 11.86 3.13
N ASN C 240 -5.67 12.94 3.27
CA ASN C 240 -6.96 13.07 2.61
C ASN C 240 -6.84 13.04 1.10
N ARG C 241 -5.81 13.69 0.57
CA ARG C 241 -5.61 13.70 -0.87
C ARG C 241 -5.34 12.28 -1.34
N MET C 242 -4.57 11.53 -0.55
CA MET C 242 -4.27 10.13 -0.88
C MET C 242 -5.57 9.28 -0.86
N VAL C 243 -6.40 9.43 0.19
CA VAL C 243 -7.71 8.73 0.33
C VAL C 243 -8.61 9.02 -0.88
N ASN C 244 -8.73 10.32 -1.27
CA ASN C 244 -9.52 10.76 -2.41
C ASN C 244 -9.06 10.10 -3.68
N HIS C 245 -7.74 10.00 -3.84
CA HIS C 245 -7.13 9.38 -5.00
C HIS C 245 -7.50 7.88 -5.09
N PHE C 246 -7.38 7.20 -3.97
CA PHE C 246 -7.72 5.77 -3.93
C PHE C 246 -9.21 5.50 -4.15
N ILE C 247 -10.07 6.34 -3.59
CA ILE C 247 -11.51 6.20 -3.77
C ILE C 247 -11.88 6.37 -5.26
N ALA C 248 -11.29 7.37 -5.91
CA ALA C 248 -11.50 7.62 -7.33
C ALA C 248 -10.97 6.43 -8.15
N GLU C 249 -9.77 5.93 -7.81
CA GLU C 249 -9.18 4.74 -8.44
C GLU C 249 -10.11 3.51 -8.30
N PHE C 250 -10.73 3.30 -7.12
CA PHE C 250 -11.64 2.15 -6.93
C PHE C 250 -12.91 2.29 -7.81
N LYS C 251 -13.40 3.53 -7.99
CA LYS C 251 -14.54 3.84 -8.87
C LYS C 251 -14.18 3.53 -10.31
N ARG C 252 -12.99 3.93 -10.76
CA ARG C 252 -12.52 3.67 -12.13
C ARG C 252 -12.40 2.20 -12.49
N LYS C 253 -11.75 1.44 -11.61
CA LYS C 253 -11.55 0.00 -11.77
C LYS C 253 -12.78 -0.87 -11.59
N HIS C 254 -13.57 -0.60 -10.56
CA HIS C 254 -14.72 -1.43 -10.26
C HIS C 254 -16.13 -0.81 -10.37
N LYS C 255 -16.21 0.48 -10.61
CA LYS C 255 -17.50 1.15 -10.70
C LYS C 255 -18.33 0.99 -9.43
N LYS C 256 -17.65 1.08 -8.30
CA LYS C 256 -18.20 1.00 -6.95
C LYS C 256 -17.64 2.11 -6.08
N ASP C 257 -18.52 2.74 -5.31
CA ASP C 257 -18.22 3.84 -4.41
C ASP C 257 -18.11 3.30 -2.98
N ILE C 258 -16.91 3.35 -2.39
CA ILE C 258 -16.68 2.85 -1.03
C ILE C 258 -16.89 3.92 0.05
N SER C 259 -16.99 5.23 -0.35
CA SER C 259 -17.03 6.38 0.54
C SER C 259 -18.15 6.38 1.60
N GLU C 260 -19.26 5.65 1.41
CA GLU C 260 -20.31 5.66 2.45
C GLU C 260 -20.15 4.50 3.45
N ASN C 261 -19.14 3.65 3.24
CA ASN C 261 -18.88 2.56 4.17
C ASN C 261 -17.72 3.03 5.06
N LYS C 262 -18.03 3.45 6.31
CA LYS C 262 -17.06 4.00 7.26
C LYS C 262 -15.86 3.10 7.55
N ARG C 263 -16.09 1.77 7.64
CA ARG C 263 -15.03 0.78 7.91
C ARG C 263 -14.09 0.63 6.72
N ALA C 264 -14.62 0.66 5.49
CA ALA C 264 -13.76 0.56 4.30
C ALA C 264 -12.89 1.80 4.20
N VAL C 265 -13.46 2.98 4.48
CA VAL C 265 -12.74 4.28 4.41
C VAL C 265 -11.65 4.30 5.49
N ARG C 266 -11.95 3.80 6.70
CA ARG C 266 -11.00 3.73 7.80
C ARG C 266 -9.83 2.80 7.46
N ARG C 267 -10.09 1.60 6.89
CA ARG C 267 -9.01 0.68 6.48
C ARG C 267 -8.13 1.35 5.39
N LEU C 268 -8.77 2.07 4.46
CA LEU C 268 -8.03 2.75 3.41
C LEU C 268 -7.20 3.93 4.01
N ARG C 269 -7.79 4.70 4.92
CA ARG C 269 -7.14 5.85 5.59
C ARG C 269 -5.96 5.40 6.43
N THR C 270 -6.14 4.33 7.20
CA THR C 270 -5.05 3.76 8.02
C THR C 270 -3.86 3.31 7.15
N ALA C 271 -4.15 2.66 6.00
CA ALA C 271 -3.10 2.23 5.06
C ALA C 271 -2.40 3.45 4.40
N CYS C 272 -3.18 4.54 4.13
CA CYS C 272 -2.64 5.77 3.50
C CYS C 272 -1.68 6.49 4.41
N GLU C 273 -1.98 6.51 5.72
CA GLU C 273 -1.14 7.22 6.69
C GLU C 273 0.21 6.56 6.71
N ARG C 274 0.22 5.21 6.77
CA ARG C 274 1.39 4.36 6.77
C ARG C 274 2.15 4.54 5.45
N ALA C 275 1.44 4.55 4.29
CA ALA C 275 2.03 4.74 2.97
C ALA C 275 2.75 6.09 2.81
N LYS C 276 2.16 7.19 3.35
CA LYS C 276 2.75 8.52 3.31
C LYS C 276 4.08 8.52 4.08
N ARG C 277 4.14 7.84 5.26
CA ARG C 277 5.39 7.79 6.03
C ARG C 277 6.50 7.05 5.27
N THR C 278 6.15 5.96 4.54
CA THR C 278 7.07 5.18 3.71
C THR C 278 7.66 6.05 2.57
N LEU C 279 6.80 6.91 1.97
CA LEU C 279 7.18 7.80 0.86
C LEU C 279 8.17 8.90 1.23
N SER C 280 8.42 9.07 2.54
CA SER C 280 9.41 10.02 3.02
C SER C 280 10.84 9.45 2.91
N SER C 281 10.99 8.10 2.90
CA SER C 281 12.29 7.45 2.77
C SER C 281 12.41 6.53 1.54
N SER C 282 11.29 6.13 0.93
CA SER C 282 11.24 5.32 -0.30
C SER C 282 10.52 6.10 -1.40
N THR C 283 10.69 5.69 -2.66
CA THR C 283 10.05 6.38 -3.79
C THR C 283 8.72 5.71 -4.22
N GLN C 284 8.36 4.59 -3.56
CA GLN C 284 7.11 3.87 -3.83
C GLN C 284 6.63 3.16 -2.57
N ALA C 285 5.29 3.05 -2.42
CA ALA C 285 4.67 2.34 -1.31
C ALA C 285 3.57 1.45 -1.88
N SER C 286 3.45 0.21 -1.36
CA SER C 286 2.44 -0.76 -1.79
C SER C 286 1.43 -1.00 -0.68
N ILE C 287 0.19 -1.20 -1.08
CA ILE C 287 -0.90 -1.45 -0.15
C ILE C 287 -1.69 -2.66 -0.60
N GLU C 288 -1.98 -3.55 0.33
CA GLU C 288 -2.79 -4.70 0.00
C GLU C 288 -3.87 -4.79 1.07
N ILE C 289 -5.13 -4.66 0.64
CA ILE C 289 -6.25 -4.75 1.56
C ILE C 289 -7.25 -5.72 0.97
N ASP C 290 -7.40 -6.86 1.61
CA ASP C 290 -8.32 -7.88 1.16
C ASP C 290 -9.72 -7.52 1.52
N SER C 291 -10.68 -7.85 0.63
CA SER C 291 -12.11 -7.66 0.84
C SER C 291 -12.41 -6.24 1.40
N LEU C 292 -11.84 -5.21 0.75
CA LEU C 292 -12.02 -3.82 1.18
C LEU C 292 -13.51 -3.41 1.10
N TYR C 293 -14.21 -3.76 0.01
CA TYR C 293 -15.61 -3.38 -0.19
C TYR C 293 -16.27 -4.36 -1.14
N GLU C 294 -17.41 -4.92 -0.72
CA GLU C 294 -18.20 -5.92 -1.45
C GLU C 294 -17.31 -7.12 -1.88
N GLY C 295 -16.44 -7.57 -0.97
CA GLY C 295 -15.54 -8.70 -1.19
C GLY C 295 -14.41 -8.44 -2.17
N ILE C 296 -14.25 -7.18 -2.62
CA ILE C 296 -13.20 -6.80 -3.58
C ILE C 296 -11.89 -6.51 -2.89
N ASP C 297 -10.81 -7.20 -3.34
CA ASP C 297 -9.46 -7.00 -2.82
C ASP C 297 -8.89 -5.77 -3.49
N PHE C 298 -8.16 -4.92 -2.75
CA PHE C 298 -7.60 -3.72 -3.35
C PHE C 298 -6.09 -3.72 -3.13
N TYR C 299 -5.37 -4.11 -4.18
CA TYR C 299 -3.94 -4.21 -4.22
C TYR C 299 -3.48 -3.12 -5.13
N THR C 300 -2.72 -2.19 -4.58
CA THR C 300 -2.29 -1.02 -5.32
C THR C 300 -0.96 -0.52 -4.85
N SER C 301 -0.49 0.56 -5.48
CA SER C 301 0.74 1.22 -5.16
C SER C 301 0.60 2.71 -5.48
N ILE C 302 1.52 3.52 -4.94
CA ILE C 302 1.60 4.96 -5.18
C ILE C 302 3.07 5.35 -5.13
N THR C 303 3.51 6.12 -6.13
CA THR C 303 4.89 6.61 -6.18
C THR C 303 4.95 7.92 -5.41
N ARG C 304 6.16 8.35 -5.03
CA ARG C 304 6.37 9.63 -4.34
C ARG C 304 5.90 10.78 -5.26
N ALA C 305 6.21 10.69 -6.58
CA ALA C 305 5.83 11.69 -7.59
C ALA C 305 4.32 11.88 -7.66
N ARG C 306 3.53 10.76 -7.61
CA ARG C 306 2.07 10.86 -7.63
C ARG C 306 1.55 11.49 -6.35
N PHE C 307 2.14 11.14 -5.18
CA PHE C 307 1.79 11.74 -3.87
C PHE C 307 2.06 13.26 -3.88
N GLU C 308 3.17 13.68 -4.51
CA GLU C 308 3.54 15.10 -4.64
C GLU C 308 2.56 15.86 -5.53
N GLU C 309 2.14 15.26 -6.68
CA GLU C 309 1.16 15.86 -7.61
C GLU C 309 -0.20 16.08 -6.92
N LEU C 310 -0.66 15.08 -6.11
CA LEU C 310 -1.94 15.14 -5.38
C LEU C 310 -1.97 16.26 -4.34
N ASN C 311 -0.80 16.62 -3.78
CA ASN C 311 -0.63 17.67 -2.75
C ASN C 311 0.10 18.93 -3.22
N ALA C 312 0.32 19.07 -4.55
CA ALA C 312 1.09 20.18 -5.15
C ALA C 312 0.74 21.58 -4.64
N ASP C 313 -0.54 21.92 -4.58
CA ASP C 313 -1.02 23.24 -4.13
C ASP C 313 -0.78 23.42 -2.63
N LEU C 314 -0.99 22.37 -1.84
CA LEU C 314 -0.78 22.40 -0.39
C LEU C 314 0.68 22.56 -0.03
N PHE C 315 1.56 21.78 -0.69
CA PHE C 315 3.00 21.90 -0.48
C PHE C 315 3.58 23.26 -0.96
N ARG C 316 3.18 23.72 -2.15
CA ARG C 316 3.63 25.01 -2.71
C ARG C 316 3.13 26.20 -1.84
N GLY C 317 1.93 26.03 -1.27
CA GLY C 317 1.28 27.03 -0.43
C GLY C 317 1.97 27.31 0.91
N THR C 318 2.83 26.39 1.37
CA THR C 318 3.58 26.57 2.64
C THR C 318 4.59 27.74 2.53
N LEU C 319 4.93 28.13 1.29
CA LEU C 319 5.86 29.23 1.02
C LEU C 319 5.22 30.63 1.15
N ASP C 320 3.90 30.74 1.08
CA ASP C 320 3.27 32.04 1.24
C ASP C 320 3.49 32.57 2.65
N PRO C 321 3.29 31.76 3.68
CA PRO C 321 3.56 32.21 5.04
C PRO C 321 5.04 32.57 5.23
N VAL C 322 5.95 31.88 4.57
CA VAL C 322 7.37 32.20 4.68
C VAL C 322 7.60 33.62 4.15
N GLU C 323 7.00 33.94 3.00
CA GLU C 323 7.03 35.27 2.40
C GLU C 323 6.33 36.30 3.27
N LYS C 324 5.15 35.97 3.88
CA LYS C 324 4.44 36.90 4.76
C LYS C 324 5.28 37.24 6.01
N ALA C 325 5.98 36.24 6.58
CA ALA C 325 6.85 36.42 7.74
C ALA C 325 8.08 37.29 7.40
N LEU C 326 8.69 37.11 6.20
CA LEU C 326 9.85 37.92 5.75
C LEU C 326 9.46 39.37 5.53
N ARG C 327 8.22 39.59 5.06
CA ARG C 327 7.60 40.89 4.79
C ARG C 327 7.43 41.62 6.12
N ASP C 328 6.71 41.01 7.08
CA ASP C 328 6.46 41.61 8.40
C ASP C 328 7.72 41.81 9.24
N ALA C 329 8.77 40.94 9.08
CA ALA C 329 10.04 41.06 9.80
C ALA C 329 11.00 42.03 9.10
N LYS C 330 10.57 42.59 7.93
CA LYS C 330 11.29 43.56 7.09
C LYS C 330 12.66 43.01 6.65
N LEU C 331 12.68 41.71 6.28
CA LEU C 331 13.90 41.02 5.88
C LEU C 331 13.80 40.43 4.48
N ASP C 332 14.94 40.36 3.78
CA ASP C 332 15.04 39.68 2.48
C ASP C 332 15.43 38.23 2.80
N LYS C 333 15.10 37.25 1.93
CA LYS C 333 15.42 35.83 2.16
C LYS C 333 16.94 35.55 2.32
N SER C 334 17.80 36.41 1.72
CA SER C 334 19.27 36.32 1.78
C SER C 334 19.80 36.64 3.20
N GLN C 335 18.97 37.32 4.03
CA GLN C 335 19.29 37.76 5.39
C GLN C 335 19.02 36.67 6.44
N ILE C 336 18.53 35.51 6.00
CA ILE C 336 18.25 34.40 6.91
C ILE C 336 19.48 33.48 7.05
N HIS C 337 20.11 33.54 8.22
CA HIS C 337 21.27 32.72 8.59
C HIS C 337 21.01 31.23 8.83
N ASP C 338 19.90 30.93 9.49
CA ASP C 338 19.53 29.55 9.78
C ASP C 338 18.05 29.24 9.53
N ILE C 339 17.80 28.06 8.99
CA ILE C 339 16.46 27.52 8.72
C ILE C 339 16.33 26.23 9.51
N VAL C 340 15.29 26.12 10.36
CA VAL C 340 15.04 24.97 11.22
C VAL C 340 13.72 24.31 10.86
N LEU C 341 13.74 22.98 10.65
CA LEU C 341 12.54 22.19 10.35
C LEU C 341 12.02 21.56 11.63
N VAL C 342 10.74 21.80 11.96
CA VAL C 342 10.06 21.26 13.16
C VAL C 342 8.71 20.70 12.73
N GLY C 343 8.26 19.63 13.39
CA GLY C 343 6.98 19.00 13.06
C GLY C 343 7.19 17.86 12.11
N GLY C 344 6.45 16.77 12.31
CA GLY C 344 6.55 15.53 11.55
C GLY C 344 6.45 15.64 10.05
N SER C 345 5.60 16.55 9.54
CA SER C 345 5.41 16.72 8.10
C SER C 345 6.61 17.33 7.38
N THR C 346 7.61 17.88 8.12
CA THR C 346 8.82 18.43 7.49
C THR C 346 9.76 17.31 6.98
N ARG C 347 9.42 16.05 7.26
CA ARG C 347 10.16 14.88 6.79
C ARG C 347 9.87 14.64 5.31
N ILE C 348 8.80 15.25 4.78
CA ILE C 348 8.42 15.09 3.37
C ILE C 348 9.50 15.71 2.46
N PRO C 349 10.18 14.89 1.62
CA PRO C 349 11.23 15.43 0.73
C PRO C 349 10.82 16.59 -0.15
N LYS C 350 9.54 16.65 -0.62
CA LYS C 350 9.11 17.77 -1.49
C LYS C 350 9.09 19.10 -0.72
N ILE C 351 8.65 19.07 0.53
CA ILE C 351 8.59 20.25 1.40
C ILE C 351 10.03 20.78 1.63
N GLN C 352 10.99 19.86 1.96
CA GLN C 352 12.40 20.20 2.16
C GLN C 352 12.98 20.80 0.88
N LYS C 353 12.63 20.23 -0.30
CA LYS C 353 13.08 20.68 -1.62
C LYS C 353 12.53 22.08 -1.92
N LEU C 354 11.21 22.30 -1.71
CA LEU C 354 10.58 23.61 -1.95
C LEU C 354 11.22 24.71 -1.11
N LEU C 355 11.50 24.43 0.17
CA LEU C 355 12.10 25.37 1.10
C LEU C 355 13.58 25.65 0.82
N GLN C 356 14.36 24.59 0.48
CA GLN C 356 15.79 24.71 0.15
C GLN C 356 15.99 25.49 -1.15
N ASP C 357 15.13 25.25 -2.17
CA ASP C 357 15.18 25.96 -3.46
C ASP C 357 14.79 27.42 -3.26
N PHE C 358 13.84 27.69 -2.32
CA PHE C 358 13.41 29.06 -2.00
C PHE C 358 14.61 29.84 -1.45
N PHE C 359 15.41 29.21 -0.57
CA PHE C 359 16.60 29.82 0.04
C PHE C 359 17.88 29.57 -0.77
N ASN C 360 17.73 29.36 -2.09
CA ASN C 360 18.82 29.21 -3.08
C ASN C 360 19.87 28.12 -2.73
N GLY C 361 19.40 26.95 -2.32
CA GLY C 361 20.24 25.79 -2.00
C GLY C 361 20.87 25.75 -0.62
N LYS C 362 20.39 26.59 0.31
CA LYS C 362 20.91 26.66 1.67
C LYS C 362 20.53 25.41 2.46
N GLU C 363 21.50 24.80 3.18
CA GLU C 363 21.25 23.60 3.96
C GLU C 363 20.33 23.88 5.13
N LEU C 364 19.44 22.92 5.42
CA LEU C 364 18.45 23.04 6.49
C LEU C 364 18.90 22.34 7.74
N ASN C 365 18.46 22.85 8.91
CA ASN C 365 18.73 22.20 10.18
C ASN C 365 17.60 21.20 10.36
N LYS C 366 17.93 19.90 10.23
CA LYS C 366 16.96 18.80 10.26
C LYS C 366 17.43 17.53 10.97
N SER C 367 18.71 17.48 11.44
CA SER C 367 19.30 16.31 12.09
C SER C 367 18.56 15.82 13.35
N ILE C 368 17.89 16.74 14.06
CA ILE C 368 17.10 16.39 15.25
C ILE C 368 15.70 15.96 14.78
N ASN C 369 15.20 14.83 15.29
CA ASN C 369 13.88 14.31 14.96
C ASN C 369 12.90 15.52 15.03
N PRO C 370 12.26 15.93 13.91
CA PRO C 370 11.41 17.14 13.95
C PRO C 370 10.19 17.10 14.89
N ASP C 371 9.71 15.92 15.27
CA ASP C 371 8.61 15.75 16.23
C ASP C 371 9.08 16.01 17.66
N GLU C 372 10.39 15.98 17.88
CA GLU C 372 11.01 16.06 19.19
C GLU C 372 11.84 17.29 19.43
N ALA C 373 12.15 18.08 18.37
CA ALA C 373 13.04 19.26 18.45
C ALA C 373 12.63 20.28 19.51
N VAL C 374 11.31 20.58 19.66
CA VAL C 374 10.81 21.56 20.63
C VAL C 374 11.04 21.07 22.08
N ALA C 375 10.65 19.82 22.40
CA ALA C 375 10.90 19.25 23.74
C ALA C 375 12.41 19.15 24.02
N TYR C 376 13.22 18.88 22.96
CA TYR C 376 14.69 18.78 23.04
C TYR C 376 15.23 20.12 23.55
N GLY C 377 14.81 21.21 22.92
CA GLY C 377 15.19 22.56 23.31
C GLY C 377 14.69 22.95 24.69
N ALA C 378 13.46 22.49 25.06
CA ALA C 378 12.85 22.73 26.37
C ALA C 378 13.61 21.98 27.49
N ALA C 379 14.14 20.77 27.18
CA ALA C 379 14.95 19.92 28.08
C ALA C 379 16.31 20.57 28.38
N VAL C 380 16.89 21.19 27.36
CA VAL C 380 18.17 21.90 27.50
C VAL C 380 17.99 23.07 28.45
N GLN C 381 16.88 23.79 28.28
CA GLN C 381 16.55 24.94 29.11
C GLN C 381 16.31 24.54 30.56
N ALA C 382 15.66 23.41 30.77
CA ALA C 382 15.37 22.92 32.11
C ALA C 382 16.68 22.62 32.85
N ALA C 383 17.63 22.02 32.14
CA ALA C 383 18.95 21.69 32.72
C ALA C 383 19.75 22.95 33.03
N ILE C 384 19.60 24.01 32.21
CA ILE C 384 20.30 25.29 32.44
C ILE C 384 19.76 25.96 33.71
N LEU C 385 18.43 25.86 33.93
CA LEU C 385 17.76 26.45 35.09
C LEU C 385 17.76 25.55 36.36
N SER C 386 18.39 24.35 36.29
CA SER C 386 18.49 23.42 37.43
C SER C 386 19.61 23.81 38.39
N SER D 5 7.89 -25.26 -3.98
CA SER D 5 8.63 -23.99 -3.97
C SER D 5 8.55 -23.25 -2.62
N ASN D 6 8.00 -23.91 -1.58
CA ASN D 6 7.88 -23.43 -0.19
C ASN D 6 9.21 -22.89 0.30
N SER D 7 9.22 -21.65 0.74
CA SER D 7 10.39 -20.92 1.18
C SER D 7 10.41 -20.68 2.69
N PRO D 8 11.61 -20.52 3.33
CA PRO D 8 11.62 -20.19 4.77
C PRO D 8 10.98 -18.83 5.06
N GLN D 9 11.06 -17.87 4.10
CA GLN D 9 10.48 -16.52 4.22
C GLN D 9 8.96 -16.53 4.43
N GLU D 10 8.21 -17.36 3.69
CA GLU D 10 6.77 -17.49 3.84
C GLU D 10 6.41 -18.01 5.25
N GLU D 11 7.27 -18.85 5.89
CA GLU D 11 7.05 -19.36 7.26
C GLU D 11 6.89 -18.22 8.25
N VAL D 12 7.67 -17.13 8.07
CA VAL D 12 7.63 -15.91 8.89
C VAL D 12 6.22 -15.26 8.76
N GLU D 13 5.70 -15.15 7.53
CA GLU D 13 4.38 -14.57 7.28
C GLU D 13 3.24 -15.45 7.82
N LEU D 14 3.37 -16.78 7.70
CA LEU D 14 2.35 -17.72 8.20
C LEU D 14 2.30 -17.68 9.72
N LYS D 15 3.45 -17.46 10.38
CA LYS D 15 3.49 -17.34 11.84
C LYS D 15 2.77 -16.08 12.31
N LYS D 16 2.96 -14.95 11.63
CA LYS D 16 2.27 -13.67 11.96
C LYS D 16 0.76 -13.84 11.83
N LEU D 17 0.32 -14.51 10.76
CA LEU D 17 -1.09 -14.80 10.50
C LEU D 17 -1.67 -15.76 11.54
N LYS D 18 -0.86 -16.71 12.00
CA LYS D 18 -1.28 -17.64 13.03
C LYS D 18 -1.54 -16.90 14.34
N HIS D 19 -0.67 -15.95 14.68
CA HIS D 19 -0.84 -15.16 15.89
C HIS D 19 -2.12 -14.33 15.80
N LEU D 20 -2.35 -13.77 14.61
CA LEU D 20 -3.56 -12.98 14.36
C LEU D 20 -4.80 -13.86 14.48
N GLU D 21 -4.72 -15.07 13.92
CA GLU D 21 -5.83 -16.04 14.03
C GLU D 21 -6.20 -16.29 15.51
N LYS D 22 -5.17 -16.39 16.40
CA LYS D 22 -5.35 -16.61 17.85
C LYS D 22 -6.02 -15.44 18.51
N SER D 23 -5.58 -14.23 18.23
CA SER D 23 -6.18 -13.00 18.77
C SER D 23 -7.67 -12.93 18.37
N VAL D 24 -7.99 -13.34 17.13
CA VAL D 24 -9.36 -13.37 16.58
C VAL D 24 -10.19 -14.36 17.40
N GLU D 25 -9.62 -15.54 17.74
CA GLU D 25 -10.32 -16.55 18.57
C GLU D 25 -10.70 -15.94 19.92
N LYS D 26 -9.80 -15.15 20.54
CA LYS D 26 -10.06 -14.51 21.85
C LYS D 26 -11.20 -13.47 21.77
N ILE D 27 -11.21 -12.62 20.72
CA ILE D 27 -12.28 -11.63 20.48
C ILE D 27 -13.58 -12.38 20.19
N ALA D 28 -13.52 -13.45 19.37
CA ALA D 28 -14.68 -14.31 19.05
C ALA D 28 -15.30 -14.94 20.31
N ASP D 29 -14.47 -15.30 21.33
CA ASP D 29 -14.92 -15.85 22.61
C ASP D 29 -15.71 -14.79 23.39
N GLN D 30 -15.30 -13.50 23.27
CA GLN D 30 -15.96 -12.37 23.92
C GLN D 30 -17.31 -12.12 23.23
N LEU D 31 -17.36 -12.20 21.88
CA LEU D 31 -18.62 -12.07 21.15
C LEU D 31 -19.61 -13.17 21.59
N GLU D 32 -19.15 -14.44 21.65
CA GLU D 32 -19.97 -15.60 22.03
C GLU D 32 -20.58 -15.45 23.41
N GLU D 33 -19.83 -14.85 24.36
CA GLU D 33 -20.32 -14.57 25.71
C GLU D 33 -21.38 -13.46 25.71
N LEU D 34 -21.22 -12.43 24.85
CA LEU D 34 -22.19 -11.34 24.71
C LEU D 34 -23.51 -11.90 24.18
N ASN D 35 -23.42 -12.79 23.17
CA ASN D 35 -24.57 -13.46 22.57
C ASN D 35 -25.31 -14.30 23.64
N LYS D 36 -24.55 -14.93 24.57
CA LYS D 36 -25.13 -15.71 25.68
C LYS D 36 -25.77 -14.80 26.73
N GLU D 37 -25.18 -13.63 27.00
CA GLU D 37 -25.74 -12.66 27.94
C GLU D 37 -26.99 -12.00 27.37
N LEU D 38 -27.02 -11.81 26.02
CA LEU D 38 -28.13 -11.25 25.25
C LEU D 38 -29.36 -12.14 25.38
N THR D 39 -29.18 -13.46 25.19
CA THR D 39 -30.23 -14.49 25.31
C THR D 39 -30.71 -14.61 26.76
N GLY D 40 -29.75 -14.61 27.71
CA GLY D 40 -30.00 -14.65 29.15
C GLY D 40 -30.96 -13.55 29.58
N ILE D 41 -30.75 -12.30 29.11
CA ILE D 41 -31.62 -11.13 29.37
C ILE D 41 -33.00 -11.36 28.70
N GLN D 42 -33.00 -11.58 27.36
CA GLN D 42 -34.20 -11.82 26.55
C GLN D 42 -35.14 -12.90 27.10
N GLN D 43 -34.57 -13.99 27.67
CA GLN D 43 -35.32 -15.12 28.22
C GLN D 43 -35.44 -15.10 29.76
N GLY D 44 -35.16 -13.96 30.39
CA GLY D 44 -35.21 -13.84 31.85
C GLY D 44 -36.43 -13.15 32.41
N PHE D 45 -36.44 -12.94 33.75
CA PHE D 45 -37.55 -12.37 34.49
C PHE D 45 -37.48 -10.85 34.69
N LEU D 46 -36.60 -10.17 33.96
CA LEU D 46 -36.55 -8.72 34.06
C LEU D 46 -37.76 -8.17 33.31
N PRO D 47 -38.47 -7.23 33.91
CA PRO D 47 -39.63 -6.61 33.23
C PRO D 47 -39.17 -5.84 31.99
N LYS D 48 -40.07 -5.71 30.97
CA LYS D 48 -39.82 -5.02 29.69
C LYS D 48 -38.93 -3.77 29.78
N ASP D 49 -39.07 -2.96 30.86
CA ASP D 49 -38.27 -1.75 31.05
C ASP D 49 -36.83 -2.09 31.43
N LEU D 50 -36.63 -2.96 32.43
CA LEU D 50 -35.31 -3.38 32.89
C LEU D 50 -34.56 -4.23 31.85
N GLN D 51 -35.30 -4.86 30.92
CA GLN D 51 -34.76 -5.65 29.81
C GLN D 51 -34.05 -4.71 28.83
N ALA D 52 -34.68 -3.56 28.52
CA ALA D 52 -34.11 -2.53 27.62
C ALA D 52 -32.84 -1.95 28.23
N GLU D 53 -32.85 -1.75 29.57
CA GLU D 53 -31.73 -1.23 30.36
C GLU D 53 -30.56 -2.21 30.35
N ALA D 54 -30.83 -3.52 30.57
CA ALA D 54 -29.81 -4.56 30.60
C ALA D 54 -29.18 -4.74 29.21
N LEU D 55 -29.99 -4.69 28.15
CA LEU D 55 -29.55 -4.82 26.75
C LEU D 55 -28.61 -3.71 26.35
N CYS D 56 -28.96 -2.46 26.69
CA CYS D 56 -28.16 -1.28 26.37
C CYS D 56 -26.85 -1.21 27.17
N LYS D 57 -26.80 -1.88 28.32
CA LYS D 57 -25.60 -1.99 29.16
C LYS D 57 -24.51 -2.85 28.47
N LEU D 58 -24.88 -3.65 27.43
CA LEU D 58 -23.97 -4.46 26.62
C LEU D 58 -23.28 -3.63 25.54
N ASP D 59 -23.85 -2.45 25.18
CA ASP D 59 -23.39 -1.54 24.13
C ASP D 59 -21.91 -1.23 24.21
N ARG D 60 -21.39 -0.88 25.40
CA ARG D 60 -19.97 -0.58 25.59
C ARG D 60 -19.13 -1.79 25.15
N ARG D 61 -19.54 -3.00 25.58
CA ARG D 61 -18.87 -4.25 25.27
C ARG D 61 -18.95 -4.65 23.79
N VAL D 62 -20.13 -4.48 23.10
CA VAL D 62 -20.21 -4.78 21.66
C VAL D 62 -19.34 -3.78 20.84
N LYS D 63 -19.33 -2.51 21.23
CA LYS D 63 -18.54 -1.47 20.57
C LYS D 63 -17.03 -1.74 20.72
N ALA D 64 -16.62 -2.25 21.89
CA ALA D 64 -15.23 -2.65 22.19
C ALA D 64 -14.81 -3.85 21.37
N THR D 65 -15.74 -4.80 21.15
CA THR D 65 -15.54 -6.04 20.36
C THR D 65 -15.34 -5.68 18.88
N ILE D 66 -16.21 -4.78 18.33
CA ILE D 66 -16.17 -4.24 16.97
C ILE D 66 -14.81 -3.59 16.76
N GLU D 67 -14.39 -2.73 17.72
CA GLU D 67 -13.11 -2.03 17.67
C GLU D 67 -11.91 -2.99 17.65
N GLN D 68 -11.96 -4.07 18.44
CA GLN D 68 -10.85 -5.04 18.48
C GLN D 68 -10.71 -5.77 17.14
N PHE D 69 -11.83 -6.11 16.51
CA PHE D 69 -11.86 -6.75 15.18
C PHE D 69 -11.33 -5.79 14.12
N MET D 70 -11.68 -4.50 14.22
CA MET D 70 -11.20 -3.44 13.30
C MET D 70 -9.69 -3.24 13.40
N LYS D 71 -9.12 -3.33 14.60
CA LYS D 71 -7.67 -3.24 14.81
C LYS D 71 -6.93 -4.46 14.27
N ILE D 72 -7.60 -5.64 14.24
CA ILE D 72 -7.03 -6.86 13.66
C ILE D 72 -6.94 -6.65 12.15
N LEU D 73 -8.04 -6.16 11.51
CA LEU D 73 -8.05 -5.87 10.06
C LEU D 73 -6.94 -4.89 9.67
N GLU D 74 -6.74 -3.83 10.46
CA GLU D 74 -5.68 -2.83 10.27
C GLU D 74 -4.29 -3.44 10.35
N GLU D 75 -4.08 -4.38 11.29
CA GLU D 75 -2.82 -5.13 11.42
C GLU D 75 -2.63 -6.05 10.22
N ILE D 76 -3.67 -6.78 9.78
CA ILE D 76 -3.62 -7.65 8.58
C ILE D 76 -3.28 -6.82 7.31
N ASP D 77 -3.82 -5.60 7.24
CA ASP D 77 -3.63 -4.69 6.11
C ASP D 77 -2.18 -4.18 5.98
N THR D 78 -1.32 -4.48 6.97
CA THR D 78 0.11 -4.03 6.90
C THR D 78 0.95 -5.09 6.13
N LEU D 79 0.36 -6.28 5.90
CA LEU D 79 1.08 -7.39 5.23
C LEU D 79 1.14 -7.19 3.73
N ILE D 80 2.28 -7.54 3.13
CA ILE D 80 2.52 -7.48 1.68
C ILE D 80 2.99 -8.90 1.35
N LEU D 81 2.19 -9.62 0.59
CA LEU D 81 2.48 -11.03 0.30
C LEU D 81 2.67 -11.24 -1.17
N PRO D 82 3.87 -11.65 -1.63
CA PRO D 82 4.09 -11.87 -3.06
C PRO D 82 3.14 -12.91 -3.64
N GLU D 83 2.85 -12.85 -4.95
CA GLU D 83 1.95 -13.77 -5.66
C GLU D 83 2.35 -15.25 -5.41
N ASN D 84 3.67 -15.51 -5.31
CA ASN D 84 4.22 -16.85 -5.06
C ASN D 84 3.92 -17.37 -3.64
N PHE D 85 3.55 -16.48 -2.69
CA PHE D 85 3.18 -16.89 -1.32
C PHE D 85 1.68 -17.26 -1.32
N LYS D 86 1.32 -18.28 -2.10
CA LYS D 86 -0.06 -18.78 -2.27
C LYS D 86 -0.74 -19.19 -0.94
N ASP D 87 -0.06 -19.99 -0.09
CA ASP D 87 -0.62 -20.42 1.19
C ASP D 87 -0.88 -19.26 2.13
N SER D 88 0.05 -18.31 2.21
CA SER D 88 -0.11 -17.09 3.03
C SER D 88 -1.27 -16.22 2.50
N ARG D 89 -1.41 -16.08 1.17
CA ARG D 89 -2.50 -15.28 0.58
C ARG D 89 -3.87 -15.93 0.87
N LEU D 90 -3.95 -17.26 0.81
CA LEU D 90 -5.17 -17.99 1.11
C LEU D 90 -5.56 -17.83 2.56
N LYS D 91 -4.58 -17.91 3.47
CA LYS D 91 -4.78 -17.82 4.92
C LYS D 91 -5.20 -16.38 5.31
N ARG D 92 -4.56 -15.36 4.71
CA ARG D 92 -4.91 -13.94 4.96
C ARG D 92 -6.37 -13.66 4.54
N LYS D 93 -6.74 -14.08 3.33
CA LYS D 93 -8.08 -13.87 2.79
C LYS D 93 -9.14 -14.57 3.64
N GLY D 94 -8.86 -15.81 4.04
CA GLY D 94 -9.77 -16.58 4.89
C GLY D 94 -9.98 -15.95 6.26
N LEU D 95 -8.91 -15.39 6.83
CA LEU D 95 -8.96 -14.70 8.14
C LEU D 95 -9.75 -13.39 8.03
N VAL D 96 -9.51 -12.57 6.99
CA VAL D 96 -10.28 -11.32 6.76
C VAL D 96 -11.79 -11.67 6.62
N LYS D 97 -12.15 -12.66 5.80
CA LYS D 97 -13.57 -13.05 5.63
C LYS D 97 -14.18 -13.53 6.95
N LYS D 98 -13.38 -14.23 7.80
CA LYS D 98 -13.85 -14.72 9.10
C LYS D 98 -14.13 -13.55 10.02
N VAL D 99 -13.21 -12.58 10.06
CA VAL D 99 -13.38 -11.35 10.86
C VAL D 99 -14.62 -10.55 10.39
N GLN D 100 -14.80 -10.40 9.07
CA GLN D 100 -15.97 -9.72 8.50
C GLN D 100 -17.30 -10.41 8.81
N ALA D 101 -17.32 -11.75 8.87
CA ALA D 101 -18.55 -12.47 9.23
C ALA D 101 -18.82 -12.24 10.74
N PHE D 102 -17.77 -12.12 11.57
CA PHE D 102 -17.95 -11.80 13.00
C PHE D 102 -18.45 -10.35 13.16
N LEU D 103 -17.92 -9.40 12.36
CA LEU D 103 -18.34 -8.00 12.35
C LEU D 103 -19.84 -7.88 11.98
N ALA D 104 -20.32 -8.72 11.04
CA ALA D 104 -21.75 -8.73 10.66
C ALA D 104 -22.64 -9.24 11.80
N GLU D 105 -22.11 -10.17 12.65
CA GLU D 105 -22.83 -10.66 13.84
C GLU D 105 -22.89 -9.57 14.91
N CYS D 106 -21.79 -8.81 15.09
CA CYS D 106 -21.69 -7.67 16.00
C CYS D 106 -22.75 -6.61 15.60
N ASP D 107 -22.90 -6.31 14.28
CA ASP D 107 -23.88 -5.36 13.73
C ASP D 107 -25.31 -5.78 14.07
N THR D 108 -25.59 -7.11 13.99
CA THR D 108 -26.86 -7.72 14.35
C THR D 108 -27.17 -7.42 15.81
N VAL D 109 -26.17 -7.59 16.72
CA VAL D 109 -26.30 -7.30 18.16
C VAL D 109 -26.60 -5.79 18.30
N GLU D 110 -25.78 -4.91 17.66
CA GLU D 110 -25.94 -3.45 17.65
C GLU D 110 -27.33 -2.97 17.21
N GLN D 111 -28.00 -3.71 16.28
CA GLN D 111 -29.35 -3.42 15.77
C GLN D 111 -30.47 -3.93 16.71
N ASN D 112 -30.13 -4.74 17.70
CA ASN D 112 -31.08 -5.32 18.63
C ASN D 112 -31.01 -4.72 20.05
N ILE D 113 -30.09 -3.78 20.28
CA ILE D 113 -29.87 -3.11 21.57
C ILE D 113 -29.95 -1.58 21.41
N CYS D 114 -30.31 -0.87 22.49
CA CYS D 114 -30.41 0.60 22.57
C CYS D 114 -31.40 1.20 21.54
N GLN D 115 -32.38 0.41 21.07
CA GLN D 115 -33.36 0.85 20.08
C GLN D 115 -34.51 1.61 20.75
N GLU D 116 -34.88 2.77 20.18
CA GLU D 116 -35.95 3.63 20.67
C GLU D 116 -37.05 3.79 19.61
N MET E 6 -37.99 -52.75 -26.84
CA MET E 6 -39.22 -52.62 -26.07
C MET E 6 -40.45 -53.00 -26.90
N SER E 7 -41.22 -53.99 -26.41
CA SER E 7 -42.45 -54.46 -27.06
C SER E 7 -43.59 -53.45 -26.82
N LYS E 8 -44.70 -53.56 -27.59
CA LYS E 8 -45.87 -52.67 -27.51
C LYS E 8 -46.57 -52.78 -26.16
N GLY E 9 -46.90 -51.63 -25.58
CA GLY E 9 -47.55 -51.54 -24.29
C GLY E 9 -49.02 -51.16 -24.32
N PRO E 10 -49.67 -51.03 -23.14
CA PRO E 10 -51.09 -50.64 -23.13
C PRO E 10 -51.34 -49.16 -23.40
N ALA E 11 -52.61 -48.75 -23.34
CA ALA E 11 -53.08 -47.39 -23.50
C ALA E 11 -53.12 -46.76 -22.11
N VAL E 12 -52.76 -45.47 -22.02
CA VAL E 12 -52.73 -44.75 -20.75
C VAL E 12 -53.73 -43.59 -20.71
N GLY E 13 -53.99 -43.09 -19.50
CA GLY E 13 -54.86 -41.95 -19.28
C GLY E 13 -54.05 -40.81 -18.71
N ILE E 14 -54.12 -39.63 -19.35
CA ILE E 14 -53.35 -38.44 -18.97
C ILE E 14 -54.22 -37.24 -18.59
N ASP E 15 -54.03 -36.71 -17.36
CA ASP E 15 -54.67 -35.46 -16.92
C ASP E 15 -53.62 -34.38 -17.18
N LEU E 16 -53.83 -33.56 -18.21
CA LEU E 16 -52.93 -32.48 -18.60
C LEU E 16 -53.43 -31.21 -17.88
N GLY E 17 -52.86 -30.95 -16.70
CA GLY E 17 -53.27 -29.83 -15.85
C GLY E 17 -52.52 -28.52 -16.06
N THR E 18 -53.05 -27.43 -15.48
CA THR E 18 -52.46 -26.10 -15.58
C THR E 18 -51.03 -26.06 -14.97
N THR E 19 -50.87 -26.53 -13.71
CA THR E 19 -49.58 -26.52 -13.01
C THR E 19 -48.98 -27.92 -12.85
N TYR E 20 -49.82 -28.98 -12.90
CA TYR E 20 -49.33 -30.37 -12.77
C TYR E 20 -50.10 -31.34 -13.64
N SER E 21 -49.42 -32.38 -14.10
CA SER E 21 -49.98 -33.44 -14.93
C SER E 21 -49.82 -34.81 -14.26
N CYS E 22 -50.71 -35.75 -14.58
CA CYS E 22 -50.79 -37.06 -13.95
C CYS E 22 -51.08 -38.11 -15.02
N VAL E 23 -50.39 -39.27 -14.95
CA VAL E 23 -50.57 -40.37 -15.90
C VAL E 23 -50.89 -41.67 -15.15
N GLY E 24 -51.91 -42.37 -15.63
CA GLY E 24 -52.35 -43.63 -15.06
C GLY E 24 -52.49 -44.74 -16.08
N VAL E 25 -52.47 -45.99 -15.60
CA VAL E 25 -52.63 -47.18 -16.43
C VAL E 25 -53.49 -48.23 -15.72
N PHE E 26 -54.42 -48.83 -16.46
CA PHE E 26 -55.26 -49.90 -15.94
C PHE E 26 -54.55 -51.23 -16.22
N GLN E 27 -54.23 -51.96 -15.16
CA GLN E 27 -53.59 -53.25 -15.29
C GLN E 27 -53.96 -54.12 -14.10
N HIS E 28 -54.08 -55.42 -14.34
CA HIS E 28 -54.42 -56.38 -13.29
C HIS E 28 -55.69 -56.02 -12.53
N GLY E 29 -56.71 -55.54 -13.23
CA GLY E 29 -57.96 -55.17 -12.60
C GLY E 29 -57.97 -53.94 -11.71
N LYS E 30 -57.00 -53.06 -11.90
CA LYS E 30 -56.90 -51.83 -11.11
C LYS E 30 -56.13 -50.73 -11.84
N VAL E 31 -56.41 -49.45 -11.49
CA VAL E 31 -55.69 -48.29 -12.06
C VAL E 31 -54.46 -48.05 -11.21
N GLU E 32 -53.32 -47.86 -11.87
CA GLU E 32 -52.09 -47.55 -11.18
C GLU E 32 -51.62 -46.18 -11.65
N ILE E 33 -51.44 -45.26 -10.72
CA ILE E 33 -50.97 -43.95 -11.06
C ILE E 33 -49.46 -44.09 -11.06
N ILE E 34 -48.85 -43.72 -12.17
CA ILE E 34 -47.41 -43.87 -12.34
C ILE E 34 -46.53 -42.74 -11.80
N ALA E 35 -45.54 -43.13 -11.00
CA ALA E 35 -44.57 -42.20 -10.44
C ALA E 35 -43.53 -41.86 -11.51
N ASN E 36 -43.04 -40.61 -11.52
CA ASN E 36 -42.03 -40.15 -12.47
C ASN E 36 -40.63 -40.53 -12.01
N ASP E 37 -39.59 -40.07 -12.73
CA ASP E 37 -38.18 -40.35 -12.40
C ASP E 37 -37.73 -39.86 -11.01
N GLN E 38 -38.46 -38.87 -10.39
CA GLN E 38 -38.13 -38.39 -9.04
C GLN E 38 -39.02 -39.06 -7.98
N GLY E 39 -39.81 -40.05 -8.38
CA GLY E 39 -40.74 -40.78 -7.53
C GLY E 39 -42.04 -40.05 -7.21
N ASN E 40 -42.38 -39.00 -7.99
CA ASN E 40 -43.59 -38.18 -7.79
C ASN E 40 -44.75 -38.65 -8.68
N ARG E 41 -45.93 -38.81 -8.08
CA ARG E 41 -47.16 -39.28 -8.72
C ARG E 41 -47.86 -38.20 -9.58
N THR E 42 -47.40 -36.93 -9.47
CA THR E 42 -47.80 -35.82 -10.32
C THR E 42 -46.49 -35.16 -10.80
N THR E 43 -46.52 -34.58 -12.01
CA THR E 43 -45.36 -33.94 -12.63
C THR E 43 -45.71 -32.47 -12.97
N PRO E 44 -44.86 -31.47 -12.61
CA PRO E 44 -45.20 -30.08 -12.94
C PRO E 44 -45.30 -29.83 -14.45
N SER E 45 -46.33 -29.11 -14.87
CA SER E 45 -46.53 -28.80 -16.29
C SER E 45 -45.62 -27.60 -16.64
N TYR E 46 -44.32 -27.80 -16.41
CA TYR E 46 -43.27 -26.78 -16.58
C TYR E 46 -42.25 -27.24 -17.61
N VAL E 47 -41.80 -26.30 -18.42
CA VAL E 47 -40.75 -26.55 -19.41
C VAL E 47 -39.78 -25.40 -19.20
N ALA E 48 -38.49 -25.72 -19.03
CA ALA E 48 -37.46 -24.74 -18.85
C ALA E 48 -36.46 -24.80 -19.99
N PHE E 49 -36.04 -23.63 -20.50
CA PHE E 49 -35.06 -23.49 -21.57
C PHE E 49 -33.83 -22.83 -20.99
N THR E 50 -32.67 -23.50 -21.12
CA THR E 50 -31.42 -22.97 -20.56
C THR E 50 -30.36 -22.77 -21.66
N ASP E 51 -29.15 -22.43 -21.25
CA ASP E 51 -28.01 -22.25 -22.15
C ASP E 51 -27.54 -23.57 -22.78
N THR E 52 -27.88 -24.74 -22.16
CA THR E 52 -27.43 -26.04 -22.64
C THR E 52 -28.50 -27.09 -22.88
N GLU E 53 -29.69 -26.96 -22.26
CA GLU E 53 -30.72 -27.98 -22.39
C GLU E 53 -32.15 -27.47 -22.28
N ARG E 54 -33.08 -28.40 -22.48
CA ARG E 54 -34.51 -28.20 -22.31
C ARG E 54 -34.88 -29.16 -21.18
N LEU E 55 -35.45 -28.62 -20.09
CA LEU E 55 -35.87 -29.41 -18.92
C LEU E 55 -37.39 -29.43 -18.88
N ILE E 56 -37.97 -30.54 -18.45
CA ILE E 56 -39.44 -30.69 -18.37
C ILE E 56 -39.80 -31.32 -17.01
N GLY E 57 -40.85 -30.79 -16.38
CA GLY E 57 -41.35 -31.32 -15.10
C GLY E 57 -40.63 -30.87 -13.86
N ASP E 58 -40.19 -31.85 -13.03
CA ASP E 58 -39.55 -31.54 -11.75
C ASP E 58 -38.26 -30.78 -11.91
N ALA E 59 -37.40 -31.17 -12.88
CA ALA E 59 -36.13 -30.45 -13.11
C ALA E 59 -36.38 -29.02 -13.61
N ALA E 60 -37.49 -28.80 -14.37
CA ALA E 60 -37.91 -27.46 -14.86
C ALA E 60 -38.42 -26.61 -13.71
N LYS E 61 -39.27 -27.18 -12.83
CA LYS E 61 -39.80 -26.45 -11.67
C LYS E 61 -38.70 -26.21 -10.59
N ASN E 62 -37.76 -27.17 -10.41
CA ASN E 62 -36.68 -27.05 -9.42
C ASN E 62 -35.68 -25.91 -9.70
N GLN E 63 -35.64 -25.39 -10.94
CA GLN E 63 -34.72 -24.29 -11.26
C GLN E 63 -35.43 -22.95 -11.61
N VAL E 64 -36.75 -22.84 -11.34
CA VAL E 64 -37.54 -21.64 -11.66
C VAL E 64 -36.96 -20.36 -11.00
N ALA E 65 -36.55 -20.41 -9.75
CA ALA E 65 -36.00 -19.22 -9.10
C ALA E 65 -34.75 -18.76 -9.85
N MET E 66 -33.94 -19.72 -10.28
CA MET E 66 -32.72 -19.45 -11.03
C MET E 66 -32.93 -18.85 -12.43
N ASN E 67 -33.94 -19.34 -13.15
CA ASN E 67 -34.22 -18.92 -14.51
C ASN E 67 -35.72 -18.63 -14.70
N PRO E 68 -36.25 -17.61 -14.05
CA PRO E 68 -37.68 -17.30 -14.15
C PRO E 68 -38.21 -16.91 -15.55
N THR E 69 -37.46 -16.13 -16.31
CA THR E 69 -37.87 -15.68 -17.64
C THR E 69 -38.02 -16.77 -18.69
N ASN E 70 -37.15 -17.78 -18.64
CA ASN E 70 -37.16 -18.89 -19.58
C ASN E 70 -37.86 -20.18 -19.12
N THR E 71 -38.55 -20.11 -17.98
CA THR E 71 -39.26 -21.27 -17.44
C THR E 71 -40.75 -21.02 -17.67
N VAL E 72 -41.36 -21.84 -18.54
CA VAL E 72 -42.74 -21.73 -18.94
C VAL E 72 -43.61 -22.70 -18.16
N PHE E 73 -44.79 -22.20 -17.82
CA PHE E 73 -45.84 -22.91 -17.09
C PHE E 73 -47.17 -22.24 -17.46
N ASP E 74 -48.28 -22.86 -17.10
CA ASP E 74 -49.61 -22.30 -17.41
C ASP E 74 -49.90 -22.22 -18.90
N ALA E 75 -49.32 -23.13 -19.67
CA ALA E 75 -49.52 -23.16 -21.13
C ALA E 75 -51.00 -23.40 -21.42
N LYS E 76 -51.62 -24.17 -20.54
CA LYS E 76 -53.04 -24.56 -20.61
C LYS E 76 -53.96 -23.31 -20.56
N ARG E 77 -53.47 -22.19 -19.98
CA ARG E 77 -54.24 -20.95 -19.91
C ARG E 77 -54.23 -20.22 -21.26
N LEU E 78 -53.28 -20.60 -22.16
CA LEU E 78 -53.09 -20.00 -23.48
C LEU E 78 -53.58 -20.87 -24.63
N ILE E 79 -53.51 -22.21 -24.47
CA ILE E 79 -53.82 -23.19 -25.52
C ILE E 79 -55.20 -22.94 -26.18
N GLY E 80 -55.20 -22.91 -27.50
CA GLY E 80 -56.38 -22.69 -28.33
C GLY E 80 -56.97 -21.28 -28.30
N ARG E 81 -56.32 -20.33 -27.60
CA ARG E 81 -56.84 -18.95 -27.47
C ARG E 81 -56.22 -17.99 -28.45
N ARG E 82 -56.95 -16.90 -28.78
CA ARG E 82 -56.44 -15.83 -29.64
C ARG E 82 -55.61 -14.92 -28.73
N PHE E 83 -54.64 -14.18 -29.27
CA PHE E 83 -53.81 -13.26 -28.45
C PHE E 83 -54.66 -12.21 -27.70
N ASP E 84 -55.68 -11.66 -28.38
CA ASP E 84 -56.53 -10.60 -27.86
C ASP E 84 -57.65 -11.08 -26.92
N ASP E 85 -57.63 -12.37 -26.55
CA ASP E 85 -58.60 -12.96 -25.62
C ASP E 85 -58.39 -12.27 -24.26
N ALA E 86 -59.49 -11.88 -23.57
CA ALA E 86 -59.47 -11.22 -22.26
C ALA E 86 -58.58 -11.96 -21.26
N VAL E 87 -58.66 -13.32 -21.27
CA VAL E 87 -57.91 -14.21 -20.39
C VAL E 87 -56.40 -14.09 -20.65
N VAL E 88 -55.97 -14.11 -21.92
CA VAL E 88 -54.56 -13.98 -22.32
C VAL E 88 -54.01 -12.62 -21.85
N GLN E 89 -54.76 -11.54 -22.09
CA GLN E 89 -54.35 -10.18 -21.70
C GLN E 89 -54.19 -9.99 -20.18
N SER E 90 -55.16 -10.47 -19.42
CA SER E 90 -55.12 -10.39 -17.96
C SER E 90 -54.03 -11.27 -17.35
N ASP E 91 -53.92 -12.49 -17.87
CA ASP E 91 -52.96 -13.50 -17.40
C ASP E 91 -51.48 -13.20 -17.58
N MET E 92 -51.12 -12.65 -18.72
CA MET E 92 -49.72 -12.41 -19.03
C MET E 92 -49.02 -11.45 -18.07
N LYS E 93 -49.74 -10.44 -17.61
CA LYS E 93 -49.17 -9.44 -16.70
C LYS E 93 -48.56 -10.06 -15.43
N HIS E 94 -48.97 -11.28 -15.10
CA HIS E 94 -48.46 -11.99 -13.92
C HIS E 94 -47.42 -13.09 -14.19
N TRP E 95 -47.07 -13.32 -15.45
CA TRP E 95 -46.05 -14.32 -15.78
C TRP E 95 -44.69 -13.68 -15.98
N PRO E 96 -43.60 -14.36 -15.53
CA PRO E 96 -42.26 -13.79 -15.73
C PRO E 96 -41.74 -13.95 -17.17
N PHE E 97 -42.34 -14.86 -17.98
CA PHE E 97 -41.95 -15.14 -19.37
C PHE E 97 -42.72 -14.28 -20.38
N MET E 98 -42.12 -14.06 -21.57
CA MET E 98 -42.70 -13.22 -22.62
C MET E 98 -43.78 -13.90 -23.45
N VAL E 99 -44.93 -13.23 -23.65
CA VAL E 99 -46.02 -13.69 -24.50
C VAL E 99 -46.14 -12.68 -25.65
N VAL E 100 -45.92 -13.16 -26.89
CA VAL E 100 -45.92 -12.34 -28.11
C VAL E 100 -47.11 -12.65 -29.02
N ASN E 101 -47.47 -11.70 -29.89
CA ASN E 101 -48.57 -11.87 -30.83
C ASN E 101 -48.03 -12.26 -32.21
N ASP E 102 -48.37 -13.45 -32.68
CA ASP E 102 -47.96 -13.88 -34.01
C ASP E 102 -49.22 -14.09 -34.85
N ALA E 103 -49.55 -13.08 -35.68
CA ALA E 103 -50.70 -13.07 -36.58
C ALA E 103 -52.05 -13.40 -35.89
N GLY E 104 -52.26 -12.83 -34.71
CA GLY E 104 -53.49 -13.04 -33.92
C GLY E 104 -53.42 -14.15 -32.89
N ARG E 105 -52.35 -14.98 -32.94
CA ARG E 105 -52.14 -16.12 -32.06
C ARG E 105 -51.05 -15.85 -31.00
N PRO E 106 -51.22 -16.29 -29.73
CA PRO E 106 -50.14 -16.10 -28.73
C PRO E 106 -49.01 -17.11 -28.88
N LYS E 107 -47.79 -16.67 -28.53
CA LYS E 107 -46.60 -17.50 -28.51
C LYS E 107 -45.79 -17.12 -27.28
N VAL E 108 -45.17 -18.12 -26.63
CA VAL E 108 -44.26 -17.84 -25.52
C VAL E 108 -42.90 -17.59 -26.17
N GLN E 109 -42.18 -16.57 -25.71
CA GLN E 109 -40.87 -16.22 -26.26
C GLN E 109 -39.82 -16.39 -25.18
N VAL E 110 -38.82 -17.26 -25.46
CA VAL E 110 -37.78 -17.62 -24.50
C VAL E 110 -36.36 -17.63 -25.09
N GLU E 111 -35.34 -17.66 -24.23
CA GLU E 111 -33.95 -17.80 -24.63
C GLU E 111 -33.63 -19.30 -24.48
N TYR E 112 -33.12 -19.97 -25.54
CA TYR E 112 -32.78 -21.40 -25.51
C TYR E 112 -31.48 -21.60 -26.27
N LYS E 113 -30.43 -22.12 -25.57
CA LYS E 113 -29.08 -22.35 -26.10
C LYS E 113 -28.50 -21.09 -26.80
N GLY E 114 -28.66 -19.93 -26.13
CA GLY E 114 -28.17 -18.63 -26.59
C GLY E 114 -28.95 -17.95 -27.70
N GLU E 115 -30.12 -18.48 -28.08
CA GLU E 115 -30.95 -17.94 -29.16
C GLU E 115 -32.37 -17.60 -28.70
N THR E 116 -32.98 -16.53 -29.25
CA THR E 116 -34.36 -16.15 -28.96
C THR E 116 -35.27 -17.06 -29.79
N LYS E 117 -36.17 -17.79 -29.13
CA LYS E 117 -37.06 -18.72 -29.80
C LYS E 117 -38.49 -18.53 -29.29
N SER E 118 -39.46 -18.77 -30.15
CA SER E 118 -40.87 -18.70 -29.77
C SER E 118 -41.57 -20.03 -29.99
N PHE E 119 -42.54 -20.34 -29.14
CA PHE E 119 -43.28 -21.59 -29.23
C PHE E 119 -44.74 -21.32 -29.04
N TYR E 120 -45.60 -22.02 -29.79
CA TYR E 120 -47.04 -21.95 -29.65
C TYR E 120 -47.42 -22.72 -28.37
N PRO E 121 -48.54 -22.39 -27.69
CA PRO E 121 -48.91 -23.14 -26.47
C PRO E 121 -49.00 -24.67 -26.63
N GLU E 122 -49.50 -25.15 -27.79
CA GLU E 122 -49.59 -26.58 -28.09
C GLU E 122 -48.21 -27.24 -28.23
N GLU E 123 -47.17 -26.46 -28.57
CA GLU E 123 -45.81 -27.01 -28.65
C GLU E 123 -45.29 -27.22 -27.23
N VAL E 124 -45.58 -26.27 -26.32
CA VAL E 124 -45.18 -26.37 -24.92
C VAL E 124 -45.92 -27.56 -24.29
N SER E 125 -47.24 -27.67 -24.54
CA SER E 125 -48.04 -28.79 -24.04
C SER E 125 -47.62 -30.15 -24.61
N SER E 126 -47.10 -30.17 -25.84
CA SER E 126 -46.59 -31.39 -26.46
C SER E 126 -45.35 -31.91 -25.72
N MET E 127 -44.51 -31.00 -25.19
CA MET E 127 -43.31 -31.33 -24.41
C MET E 127 -43.68 -31.98 -23.08
N VAL E 128 -44.72 -31.46 -22.41
CA VAL E 128 -45.25 -32.01 -21.15
C VAL E 128 -45.83 -33.41 -21.43
N LEU E 129 -46.54 -33.56 -22.57
CA LEU E 129 -47.12 -34.84 -22.99
C LEU E 129 -46.05 -35.87 -23.32
N THR E 130 -44.94 -35.45 -23.97
CA THR E 130 -43.76 -36.31 -24.25
C THR E 130 -43.20 -36.84 -22.92
N LYS E 131 -43.08 -35.97 -21.90
CA LYS E 131 -42.61 -36.34 -20.57
C LYS E 131 -43.56 -37.35 -19.92
N MET E 132 -44.89 -37.13 -20.03
CA MET E 132 -45.89 -38.05 -19.46
C MET E 132 -45.81 -39.41 -20.15
N LYS E 133 -45.60 -39.41 -21.49
CA LYS E 133 -45.44 -40.61 -22.33
C LYS E 133 -44.20 -41.39 -21.88
N GLU E 134 -43.08 -40.68 -21.64
CA GLU E 134 -41.81 -41.27 -21.22
C GLU E 134 -41.87 -41.85 -19.79
N ILE E 135 -42.61 -41.20 -18.89
CA ILE E 135 -42.85 -41.63 -17.51
C ILE E 135 -43.57 -42.98 -17.52
N ALA E 136 -44.60 -43.12 -18.38
CA ALA E 136 -45.35 -44.37 -18.52
C ALA E 136 -44.46 -45.48 -19.08
N GLU E 137 -43.63 -45.18 -20.11
CA GLU E 137 -42.72 -46.15 -20.75
C GLU E 137 -41.64 -46.63 -19.81
N ALA E 138 -41.10 -45.74 -18.95
CA ALA E 138 -40.05 -46.06 -17.99
C ALA E 138 -40.54 -47.06 -16.95
N TYR E 139 -41.80 -46.90 -16.50
CA TYR E 139 -42.41 -47.79 -15.53
C TYR E 139 -42.78 -49.15 -16.15
N LEU E 140 -43.48 -49.14 -17.31
CA LEU E 140 -43.96 -50.36 -17.96
C LEU E 140 -42.88 -51.17 -18.65
N GLY E 141 -41.81 -50.50 -19.07
CA GLY E 141 -40.72 -51.14 -19.81
C GLY E 141 -41.20 -51.56 -21.19
N LYS E 142 -42.21 -50.85 -21.71
CA LYS E 142 -42.86 -51.08 -22.98
C LYS E 142 -43.17 -49.74 -23.65
N THR E 143 -43.26 -49.70 -24.99
CA THR E 143 -43.58 -48.48 -25.73
C THR E 143 -45.03 -48.07 -25.50
N VAL E 144 -45.28 -46.77 -25.32
CA VAL E 144 -46.60 -46.21 -25.08
C VAL E 144 -46.92 -45.23 -26.22
N THR E 145 -48.00 -45.49 -26.96
CA THR E 145 -48.44 -44.66 -28.08
C THR E 145 -49.89 -44.18 -27.86
N ASN E 146 -50.77 -45.03 -27.32
CA ASN E 146 -52.19 -44.74 -27.17
C ASN E 146 -52.54 -44.08 -25.86
N ALA E 147 -53.31 -42.97 -25.93
CA ALA E 147 -53.72 -42.21 -24.75
C ALA E 147 -55.08 -41.53 -24.84
N VAL E 148 -55.77 -41.43 -23.68
CA VAL E 148 -57.01 -40.66 -23.45
C VAL E 148 -56.51 -39.42 -22.67
N VAL E 149 -56.68 -38.20 -23.25
CA VAL E 149 -56.23 -36.93 -22.64
C VAL E 149 -57.46 -36.12 -22.21
N THR E 150 -57.40 -35.50 -21.02
CA THR E 150 -58.53 -34.72 -20.52
C THR E 150 -58.39 -33.21 -20.73
N VAL E 151 -59.56 -32.49 -20.82
CA VAL E 151 -59.69 -31.03 -21.00
C VAL E 151 -60.85 -30.48 -20.12
N PRO E 152 -60.83 -29.20 -19.70
CA PRO E 152 -61.99 -28.67 -18.97
C PRO E 152 -63.27 -28.69 -19.82
N ALA E 153 -64.43 -28.81 -19.15
CA ALA E 153 -65.72 -28.86 -19.82
C ALA E 153 -66.04 -27.58 -20.58
N TYR E 154 -65.48 -26.43 -20.13
CA TYR E 154 -65.72 -25.12 -20.76
C TYR E 154 -64.83 -24.86 -21.99
N PHE E 155 -63.87 -25.76 -22.30
CA PHE E 155 -63.01 -25.58 -23.48
C PHE E 155 -63.83 -25.53 -24.76
N ASN E 156 -63.51 -24.58 -25.66
CA ASN E 156 -64.23 -24.44 -26.94
C ASN E 156 -63.60 -25.37 -28.00
N ASP E 157 -64.05 -25.29 -29.27
CA ASP E 157 -63.55 -26.11 -30.38
C ASP E 157 -62.04 -25.96 -30.61
N SER E 158 -61.55 -24.71 -30.59
CA SER E 158 -60.16 -24.35 -30.79
C SER E 158 -59.26 -24.87 -29.65
N GLN E 159 -59.74 -24.79 -28.39
CA GLN E 159 -58.98 -25.24 -27.23
C GLN E 159 -58.88 -26.79 -27.18
N ARG E 160 -59.93 -27.51 -27.66
CA ARG E 160 -59.93 -28.97 -27.72
C ARG E 160 -59.03 -29.45 -28.85
N GLN E 161 -59.08 -28.75 -30.00
CA GLN E 161 -58.26 -29.12 -31.16
C GLN E 161 -56.77 -28.90 -30.90
N ALA E 162 -56.41 -27.77 -30.26
CA ALA E 162 -55.03 -27.44 -29.90
C ALA E 162 -54.46 -28.46 -28.91
N THR E 163 -55.29 -28.99 -27.99
CA THR E 163 -54.87 -30.03 -27.04
C THR E 163 -54.59 -31.33 -27.81
N LYS E 164 -55.45 -31.68 -28.80
CA LYS E 164 -55.29 -32.87 -29.64
C LYS E 164 -54.02 -32.76 -30.48
N ASP E 165 -53.74 -31.55 -31.01
CA ASP E 165 -52.51 -31.28 -31.77
C ASP E 165 -51.26 -31.47 -30.89
N ALA E 166 -51.33 -31.13 -29.58
CA ALA E 166 -50.21 -31.34 -28.65
C ALA E 166 -49.91 -32.84 -28.49
N GLY E 167 -50.95 -33.67 -28.48
CA GLY E 167 -50.83 -35.13 -28.39
C GLY E 167 -50.18 -35.67 -29.64
N THR E 168 -50.61 -35.16 -30.81
CA THR E 168 -50.09 -35.54 -32.12
C THR E 168 -48.59 -35.22 -32.22
N ILE E 169 -48.17 -33.97 -31.92
CA ILE E 169 -46.76 -33.53 -31.94
C ILE E 169 -45.88 -34.40 -31.00
N ALA E 170 -46.44 -34.83 -29.85
CA ALA E 170 -45.81 -35.67 -28.83
C ALA E 170 -45.64 -37.15 -29.28
N GLY E 171 -46.15 -37.47 -30.46
CA GLY E 171 -46.08 -38.83 -31.00
C GLY E 171 -47.11 -39.76 -30.41
N LEU E 172 -48.12 -39.18 -29.79
CA LEU E 172 -49.20 -39.94 -29.19
C LEU E 172 -50.37 -40.07 -30.12
N ASN E 173 -51.09 -41.17 -30.03
CA ASN E 173 -52.28 -41.36 -30.82
C ASN E 173 -53.36 -41.11 -29.79
N VAL E 174 -54.06 -39.98 -29.92
CA VAL E 174 -55.08 -39.65 -28.94
C VAL E 174 -56.35 -40.37 -29.29
N LEU E 175 -56.62 -41.40 -28.50
CA LEU E 175 -57.81 -42.25 -28.71
C LEU E 175 -59.09 -41.43 -28.53
N ARG E 176 -59.08 -40.57 -27.52
CA ARG E 176 -60.22 -39.75 -27.22
C ARG E 176 -59.83 -38.57 -26.36
N ILE E 177 -60.62 -37.51 -26.42
CA ILE E 177 -60.39 -36.35 -25.58
C ILE E 177 -61.67 -36.31 -24.76
N ILE E 178 -61.54 -36.24 -23.44
CA ILE E 178 -62.73 -36.20 -22.61
C ILE E 178 -62.67 -35.11 -21.56
N ASN E 179 -63.84 -34.62 -21.16
CA ASN E 179 -63.95 -33.56 -20.16
C ASN E 179 -63.42 -34.06 -18.82
N GLU E 180 -62.76 -33.17 -18.06
CA GLU E 180 -62.23 -33.50 -16.73
C GLU E 180 -63.34 -33.92 -15.75
N PRO E 181 -64.51 -33.22 -15.67
CA PRO E 181 -65.58 -33.67 -14.76
C PRO E 181 -66.18 -35.03 -15.15
N THR E 182 -66.19 -35.35 -16.46
CA THR E 182 -66.65 -36.63 -16.99
C THR E 182 -65.69 -37.76 -16.57
N ALA E 183 -64.36 -37.48 -16.65
CA ALA E 183 -63.29 -38.39 -16.22
C ALA E 183 -63.46 -38.73 -14.74
N ALA E 184 -63.75 -37.71 -13.89
CA ALA E 184 -63.96 -37.83 -12.45
C ALA E 184 -65.19 -38.68 -12.12
N ALA E 185 -66.28 -38.51 -12.88
CA ALA E 185 -67.52 -39.29 -12.70
C ALA E 185 -67.28 -40.76 -13.09
N ILE E 186 -66.49 -41.00 -14.16
CA ILE E 186 -66.11 -42.35 -14.62
C ILE E 186 -65.25 -43.06 -13.54
N ALA E 187 -64.30 -42.32 -12.88
CA ALA E 187 -63.43 -42.84 -11.82
C ALA E 187 -64.24 -43.48 -10.68
N TYR E 188 -65.39 -42.87 -10.30
CA TYR E 188 -66.28 -43.33 -9.26
C TYR E 188 -67.41 -44.26 -9.74
N GLY E 189 -67.41 -44.56 -11.04
CA GLY E 189 -68.39 -45.44 -11.69
C GLY E 189 -69.82 -44.96 -11.59
N LEU E 190 -70.02 -43.63 -11.62
CA LEU E 190 -71.33 -42.98 -11.52
C LEU E 190 -72.25 -43.25 -12.72
N ASP E 191 -71.66 -43.62 -13.87
CA ASP E 191 -72.36 -43.98 -15.12
C ASP E 191 -72.84 -45.43 -15.12
N LYS E 192 -72.38 -46.23 -14.14
CA LYS E 192 -72.73 -47.66 -14.01
C LYS E 192 -73.78 -47.88 -12.90
N LYS E 193 -74.26 -46.81 -12.27
CA LYS E 193 -75.24 -46.90 -11.19
C LYS E 193 -76.64 -47.15 -11.73
N VAL E 194 -77.34 -48.14 -11.16
CA VAL E 194 -78.70 -48.53 -11.54
C VAL E 194 -79.71 -47.43 -11.18
N GLY E 195 -80.73 -47.26 -12.04
CA GLY E 195 -81.78 -46.27 -11.87
C GLY E 195 -81.99 -45.35 -13.03
N ALA E 196 -82.59 -44.18 -12.77
CA ALA E 196 -82.88 -43.17 -13.79
C ALA E 196 -81.68 -42.20 -14.00
N GLU E 197 -81.93 -41.02 -14.61
CA GLU E 197 -80.90 -40.01 -14.87
C GLU E 197 -80.31 -39.48 -13.56
N ARG E 198 -78.97 -39.33 -13.50
CA ARG E 198 -78.28 -38.85 -12.30
C ARG E 198 -77.68 -37.50 -12.52
N ASN E 199 -77.98 -36.54 -11.62
CA ASN E 199 -77.41 -35.20 -11.66
C ASN E 199 -76.18 -35.23 -10.76
N VAL E 200 -75.02 -34.91 -11.31
CA VAL E 200 -73.75 -34.98 -10.62
C VAL E 200 -73.09 -33.61 -10.60
N LEU E 201 -72.59 -33.22 -9.42
CA LEU E 201 -71.85 -31.97 -9.26
C LEU E 201 -70.40 -32.35 -9.03
N ILE E 202 -69.51 -31.78 -9.83
CA ILE E 202 -68.10 -32.06 -9.64
C ILE E 202 -67.49 -30.77 -9.13
N PHE E 203 -66.89 -30.87 -7.95
CA PHE E 203 -66.27 -29.75 -7.29
C PHE E 203 -64.78 -29.98 -7.49
N ASP E 204 -64.14 -29.12 -8.25
CA ASP E 204 -62.74 -29.25 -8.55
C ASP E 204 -61.94 -28.05 -8.06
N LEU E 205 -61.16 -28.27 -7.02
CA LEU E 205 -60.33 -27.21 -6.43
C LEU E 205 -58.88 -27.70 -6.30
N GLY E 206 -58.10 -27.46 -7.34
CA GLY E 206 -56.70 -27.88 -7.39
C GLY E 206 -55.98 -27.31 -8.59
N GLY E 207 -54.65 -27.23 -8.49
CA GLY E 207 -53.80 -26.72 -9.56
C GLY E 207 -53.74 -25.22 -9.76
N GLY E 208 -54.50 -24.47 -8.94
CA GLY E 208 -54.56 -23.01 -9.00
C GLY E 208 -55.83 -22.50 -9.65
N THR E 209 -56.77 -23.42 -9.94
CA THR E 209 -58.05 -23.13 -10.58
C THR E 209 -59.17 -23.76 -9.76
N PHE E 210 -60.37 -23.18 -9.84
CA PHE E 210 -61.55 -23.67 -9.17
C PHE E 210 -62.64 -23.86 -10.22
N ASP E 211 -63.07 -25.11 -10.45
CA ASP E 211 -64.09 -25.43 -11.45
C ASP E 211 -65.21 -26.25 -10.85
N VAL E 212 -66.45 -25.77 -11.04
CA VAL E 212 -67.68 -26.46 -10.62
C VAL E 212 -68.40 -26.82 -11.91
N SER E 213 -68.74 -28.10 -12.07
CA SER E 213 -69.48 -28.56 -13.26
C SER E 213 -70.69 -29.36 -12.83
N ILE E 214 -71.80 -29.23 -13.56
CA ILE E 214 -72.98 -30.01 -13.25
C ILE E 214 -73.26 -30.85 -14.48
N LEU E 215 -73.43 -32.15 -14.28
CA LEU E 215 -73.68 -33.06 -15.38
C LEU E 215 -74.85 -33.96 -15.12
N THR E 216 -75.47 -34.42 -16.20
CA THR E 216 -76.57 -35.34 -16.09
C THR E 216 -76.13 -36.60 -16.83
N ILE E 217 -76.22 -37.74 -16.18
CA ILE E 217 -75.82 -39.02 -16.79
C ILE E 217 -77.08 -39.82 -17.02
N GLU E 218 -77.36 -40.13 -18.29
CA GLU E 218 -78.54 -40.88 -18.69
C GLU E 218 -78.10 -41.91 -19.72
N ASP E 219 -78.26 -43.21 -19.37
CA ASP E 219 -77.92 -44.34 -20.22
C ASP E 219 -76.51 -44.23 -20.80
N GLY E 220 -75.53 -43.96 -19.94
CA GLY E 220 -74.12 -43.81 -20.31
C GLY E 220 -73.73 -42.53 -21.05
N ILE E 221 -74.68 -41.62 -21.23
CA ILE E 221 -74.45 -40.36 -21.90
C ILE E 221 -74.25 -39.24 -20.87
N PHE E 222 -73.15 -38.50 -20.97
CA PHE E 222 -72.88 -37.40 -20.03
C PHE E 222 -73.21 -36.06 -20.66
N GLU E 223 -74.08 -35.30 -20.02
CA GLU E 223 -74.43 -33.99 -20.56
C GLU E 223 -73.99 -32.86 -19.63
N VAL E 224 -73.26 -31.89 -20.17
CA VAL E 224 -72.82 -30.78 -19.35
C VAL E 224 -73.97 -29.78 -19.29
N LYS E 225 -74.56 -29.61 -18.10
CA LYS E 225 -75.68 -28.71 -17.84
C LYS E 225 -75.24 -27.28 -17.54
N SER E 226 -74.10 -27.12 -16.82
CA SER E 226 -73.54 -25.83 -16.44
C SER E 226 -72.10 -25.95 -15.92
N THR E 227 -71.34 -24.87 -16.05
CA THR E 227 -69.97 -24.72 -15.55
C THR E 227 -69.88 -23.35 -14.86
N ALA E 228 -69.09 -23.27 -13.78
CA ALA E 228 -68.86 -22.06 -13.00
C ALA E 228 -67.51 -22.19 -12.27
N GLY E 229 -67.07 -21.12 -11.63
CA GLY E 229 -65.84 -21.15 -10.85
C GLY E 229 -65.04 -19.86 -10.84
N ASP E 230 -63.77 -20.03 -10.48
CA ASP E 230 -62.77 -18.97 -10.37
C ASP E 230 -61.48 -19.52 -10.96
N THR E 231 -61.00 -18.90 -12.06
CA THR E 231 -59.79 -19.31 -12.77
C THR E 231 -58.51 -19.11 -11.97
N HIS E 232 -58.52 -18.23 -10.95
CA HIS E 232 -57.37 -17.94 -10.11
C HIS E 232 -57.63 -18.12 -8.61
N LEU E 233 -57.89 -19.36 -8.20
CA LEU E 233 -58.13 -19.70 -6.79
C LEU E 233 -57.58 -21.08 -6.49
N GLY E 234 -56.73 -21.15 -5.46
CA GLY E 234 -56.08 -22.38 -5.10
C GLY E 234 -55.33 -22.33 -3.79
N GLY E 235 -54.48 -23.33 -3.57
CA GLY E 235 -53.71 -23.47 -2.35
C GLY E 235 -52.78 -22.31 -2.05
N GLU E 236 -52.20 -21.70 -3.06
CA GLU E 236 -51.29 -20.59 -2.85
C GLU E 236 -51.98 -19.44 -2.12
N ASP E 237 -53.24 -19.18 -2.47
CA ASP E 237 -54.03 -18.13 -1.83
C ASP E 237 -54.21 -18.44 -0.33
N PHE E 238 -54.42 -19.72 0.01
CA PHE E 238 -54.59 -20.16 1.40
C PHE E 238 -53.27 -20.08 2.16
N ASP E 239 -52.17 -20.43 1.50
CA ASP E 239 -50.84 -20.34 2.12
C ASP E 239 -50.49 -18.89 2.40
N ASN E 240 -50.88 -18.01 1.49
CA ASN E 240 -50.61 -16.57 1.59
C ASN E 240 -51.25 -15.95 2.82
N ARG E 241 -52.45 -16.39 3.14
CA ARG E 241 -53.16 -15.92 4.32
C ARG E 241 -52.38 -16.29 5.58
N MET E 242 -51.77 -17.47 5.56
CA MET E 242 -50.98 -17.94 6.70
C MET E 242 -49.73 -17.09 6.83
N VAL E 243 -49.05 -16.83 5.69
CA VAL E 243 -47.84 -16.00 5.62
C VAL E 243 -48.13 -14.63 6.24
N ASN E 244 -49.25 -13.97 5.82
CA ASN E 244 -49.69 -12.68 6.34
C ASN E 244 -49.85 -12.70 7.85
N HIS E 245 -50.43 -13.78 8.35
CA HIS E 245 -50.64 -14.02 9.77
C HIS E 245 -49.32 -14.09 10.54
N PHE E 246 -48.39 -14.86 10.01
CA PHE E 246 -47.08 -14.98 10.65
C PHE E 246 -46.25 -13.69 10.59
N ILE E 247 -46.33 -12.97 9.48
CA ILE E 247 -45.60 -11.72 9.35
C ILE E 247 -46.09 -10.72 10.40
N ALA E 248 -47.41 -10.67 10.61
CA ALA E 248 -48.04 -9.80 11.62
C ALA E 248 -47.60 -10.22 13.01
N GLU E 249 -47.55 -11.54 13.26
CA GLU E 249 -47.11 -12.13 14.53
C GLU E 249 -45.65 -11.76 14.81
N PHE E 250 -44.78 -11.81 13.79
CA PHE E 250 -43.37 -11.45 13.98
C PHE E 250 -43.21 -9.94 14.31
N LYS E 251 -44.06 -9.08 13.72
CA LYS E 251 -44.09 -7.64 14.01
C LYS E 251 -44.51 -7.41 15.46
N ARG E 252 -45.57 -8.11 15.92
CA ARG E 252 -46.05 -7.98 17.31
C ARG E 252 -45.00 -8.38 18.35
N LYS E 253 -44.38 -9.54 18.16
CA LYS E 253 -43.35 -10.06 19.06
C LYS E 253 -42.00 -9.36 19.04
N HIS E 254 -41.49 -9.06 17.85
CA HIS E 254 -40.17 -8.45 17.73
C HIS E 254 -40.06 -7.04 17.17
N LYS E 255 -41.16 -6.46 16.73
CA LYS E 255 -41.12 -5.11 16.18
C LYS E 255 -40.21 -5.00 14.97
N LYS E 256 -40.23 -6.04 14.15
CA LYS E 256 -39.45 -6.14 12.94
C LYS E 256 -40.32 -6.66 11.80
N ASP E 257 -40.17 -6.04 10.64
CA ASP E 257 -40.87 -6.36 9.41
C ASP E 257 -39.95 -7.21 8.51
N ILE E 258 -40.33 -8.48 8.31
CA ILE E 258 -39.55 -9.43 7.48
C ILE E 258 -39.97 -9.41 6.01
N SER E 259 -41.13 -8.76 5.69
CA SER E 259 -41.77 -8.79 4.36
C SER E 259 -40.92 -8.31 3.19
N GLU E 260 -39.88 -7.48 3.40
CA GLU E 260 -39.09 -7.06 2.25
C GLU E 260 -37.87 -7.95 2.01
N ASN E 261 -37.66 -8.97 2.89
CA ASN E 261 -36.57 -9.91 2.74
C ASN E 261 -37.16 -11.16 2.06
N LYS E 262 -36.93 -11.31 0.75
CA LYS E 262 -37.43 -12.42 -0.10
C LYS E 262 -37.14 -13.82 0.43
N ARG E 263 -35.93 -14.03 0.98
CA ARG E 263 -35.49 -15.32 1.54
C ARG E 263 -36.21 -15.67 2.83
N ALA E 264 -36.44 -14.68 3.69
CA ALA E 264 -37.16 -14.93 4.96
C ALA E 264 -38.62 -15.27 4.63
N VAL E 265 -39.22 -14.57 3.66
CA VAL E 265 -40.63 -14.79 3.25
C VAL E 265 -40.75 -16.19 2.61
N ARG E 266 -39.78 -16.57 1.80
CA ARG E 266 -39.75 -17.90 1.17
C ARG E 266 -39.64 -19.03 2.20
N ARG E 267 -38.77 -18.89 3.23
CA ARG E 267 -38.63 -19.90 4.29
C ARG E 267 -39.98 -20.02 5.05
N LEU E 268 -40.59 -18.86 5.35
CA LEU E 268 -41.88 -18.83 6.02
C LEU E 268 -43.01 -19.46 5.15
N ARG E 269 -43.04 -19.12 3.85
CA ARG E 269 -44.01 -19.64 2.89
C ARG E 269 -43.92 -21.15 2.72
N THR E 270 -42.69 -21.70 2.57
CA THR E 270 -42.47 -23.14 2.46
C THR E 270 -43.01 -23.85 3.70
N ALA E 271 -42.70 -23.30 4.91
CA ALA E 271 -43.17 -23.89 6.17
C ALA E 271 -44.68 -23.87 6.26
N CYS E 272 -45.33 -22.78 5.75
CA CYS E 272 -46.79 -22.58 5.76
C CYS E 272 -47.52 -23.60 4.88
N GLU E 273 -47.02 -23.86 3.67
CA GLU E 273 -47.61 -24.80 2.71
C GLU E 273 -47.59 -26.21 3.31
N ARG E 274 -46.48 -26.59 3.99
CA ARG E 274 -46.28 -27.87 4.69
C ARG E 274 -47.22 -27.91 5.92
N ALA E 275 -47.27 -26.82 6.72
CA ALA E 275 -48.19 -26.76 7.85
C ALA E 275 -49.68 -26.86 7.43
N LYS E 276 -50.05 -26.25 6.28
CA LYS E 276 -51.42 -26.28 5.71
C LYS E 276 -51.86 -27.71 5.43
N ARG E 277 -50.94 -28.54 4.90
CA ARG E 277 -51.12 -29.95 4.60
C ARG E 277 -51.32 -30.75 5.91
N THR E 278 -50.54 -30.44 6.97
CA THR E 278 -50.67 -31.08 8.29
C THR E 278 -52.06 -30.80 8.90
N LEU E 279 -52.59 -29.57 8.69
CA LEU E 279 -53.88 -29.13 9.22
C LEU E 279 -55.10 -29.82 8.57
N SER E 280 -54.88 -30.58 7.48
CA SER E 280 -55.94 -31.35 6.84
C SER E 280 -56.18 -32.66 7.58
N SER E 281 -55.18 -33.17 8.33
CA SER E 281 -55.30 -34.41 9.11
C SER E 281 -55.13 -34.23 10.62
N SER E 282 -54.49 -33.12 11.06
CA SER E 282 -54.29 -32.77 12.49
C SER E 282 -55.00 -31.44 12.78
N THR E 283 -55.22 -31.13 14.07
CA THR E 283 -55.89 -29.88 14.44
C THR E 283 -54.90 -28.75 14.82
N GLN E 284 -53.59 -29.05 14.79
CA GLN E 284 -52.53 -28.09 15.09
C GLN E 284 -51.25 -28.46 14.33
N ALA E 285 -50.46 -27.45 13.96
CA ALA E 285 -49.17 -27.62 13.28
C ALA E 285 -48.15 -26.70 13.94
N SER E 286 -46.92 -27.17 14.07
CA SER E 286 -45.83 -26.42 14.70
C SER E 286 -44.71 -26.09 13.73
N ILE E 287 -44.15 -24.90 13.84
CA ILE E 287 -43.07 -24.47 12.98
C ILE E 287 -41.85 -23.94 13.75
N GLU E 288 -40.67 -24.37 13.36
CA GLU E 288 -39.43 -23.90 13.96
C GLU E 288 -38.50 -23.45 12.84
N ILE E 289 -38.12 -22.17 12.86
CA ILE E 289 -37.26 -21.57 11.85
C ILE E 289 -36.19 -20.80 12.56
N ASP E 290 -34.97 -21.33 12.53
CA ASP E 290 -33.85 -20.66 13.16
C ASP E 290 -33.39 -19.52 12.33
N SER E 291 -32.99 -18.41 12.99
CA SER E 291 -32.41 -17.23 12.37
C SER E 291 -33.22 -16.78 11.13
N LEU E 292 -34.55 -16.69 11.28
CA LEU E 292 -35.43 -16.30 10.18
C LEU E 292 -35.10 -14.90 9.65
N TYR E 293 -34.89 -13.94 10.58
CA TYR E 293 -34.62 -12.55 10.20
C TYR E 293 -33.84 -11.86 11.31
N GLU E 294 -32.71 -11.25 10.94
CA GLU E 294 -31.78 -10.55 11.84
C GLU E 294 -31.34 -11.44 13.03
N GLY E 295 -31.09 -12.71 12.75
CA GLY E 295 -30.69 -13.71 13.72
C GLY E 295 -31.76 -14.17 14.68
N ILE E 296 -33.05 -13.76 14.45
CA ILE E 296 -34.17 -14.12 15.34
C ILE E 296 -34.77 -15.44 14.95
N ASP E 297 -34.87 -16.37 15.93
CA ASP E 297 -35.47 -17.69 15.73
C ASP E 297 -36.94 -17.54 15.86
N PHE E 298 -37.69 -18.18 14.96
CA PHE E 298 -39.14 -18.12 14.95
C PHE E 298 -39.76 -19.48 15.20
N TYR E 299 -40.21 -19.71 16.44
CA TYR E 299 -40.83 -20.98 16.87
C TYR E 299 -42.27 -20.67 17.21
N THR E 300 -43.18 -21.26 16.42
CA THR E 300 -44.60 -20.97 16.61
C THR E 300 -45.51 -22.17 16.28
N SER E 301 -46.81 -21.97 16.38
CA SER E 301 -47.84 -22.95 16.06
C SER E 301 -49.09 -22.24 15.50
N ILE E 302 -49.99 -23.01 14.88
CA ILE E 302 -51.27 -22.55 14.33
C ILE E 302 -52.28 -23.69 14.43
N THR E 303 -53.49 -23.39 14.90
CA THR E 303 -54.58 -24.37 14.99
C THR E 303 -55.34 -24.38 13.67
N ARG E 304 -56.11 -25.45 13.43
CA ARG E 304 -56.95 -25.57 12.23
C ARG E 304 -57.99 -24.44 12.22
N ALA E 305 -58.57 -24.12 13.42
CA ALA E 305 -59.58 -23.08 13.58
C ALA E 305 -59.06 -21.71 13.16
N ARG E 306 -57.79 -21.38 13.55
CA ARG E 306 -57.18 -20.12 13.15
C ARG E 306 -56.94 -20.07 11.65
N PHE E 307 -56.48 -21.19 11.05
CA PHE E 307 -56.27 -21.30 9.59
C PHE E 307 -57.61 -21.08 8.83
N GLU E 308 -58.72 -21.61 9.37
CA GLU E 308 -60.07 -21.45 8.79
C GLU E 308 -60.55 -20.00 8.85
N GLU E 309 -60.30 -19.30 9.98
CA GLU E 309 -60.67 -17.90 10.17
C GLU E 309 -59.92 -16.99 9.18
N LEU E 310 -58.63 -17.26 8.96
CA LEU E 310 -57.78 -16.50 8.04
C LEU E 310 -58.23 -16.60 6.58
N ASN E 311 -58.90 -17.72 6.22
CA ASN E 311 -59.38 -18.02 4.87
C ASN E 311 -60.92 -18.06 4.74
N ALA E 312 -61.64 -17.59 5.78
CA ALA E 312 -63.10 -17.62 5.85
C ALA E 312 -63.83 -17.14 4.59
N ASP E 313 -63.45 -15.97 4.04
CA ASP E 313 -64.06 -15.41 2.83
C ASP E 313 -63.79 -16.26 1.59
N LEU E 314 -62.54 -16.70 1.46
CA LEU E 314 -62.15 -17.54 0.32
C LEU E 314 -62.86 -18.89 0.36
N PHE E 315 -62.92 -19.52 1.53
CA PHE E 315 -63.58 -20.80 1.68
C PHE E 315 -65.10 -20.72 1.45
N ARG E 316 -65.73 -19.70 2.02
CA ARG E 316 -67.17 -19.50 1.88
C ARG E 316 -67.52 -19.21 0.44
N GLY E 317 -66.65 -18.42 -0.18
CA GLY E 317 -66.79 -17.98 -1.56
C GLY E 317 -66.88 -19.10 -2.59
N THR E 318 -66.43 -20.32 -2.26
CA THR E 318 -66.49 -21.49 -3.16
C THR E 318 -67.95 -21.92 -3.44
N LEU E 319 -68.88 -21.50 -2.55
CA LEU E 319 -70.30 -21.81 -2.68
C LEU E 319 -71.07 -20.90 -3.65
N ASP E 320 -70.52 -19.72 -3.93
CA ASP E 320 -71.17 -18.80 -4.86
C ASP E 320 -71.20 -19.38 -6.28
N PRO E 321 -70.08 -19.95 -6.74
CA PRO E 321 -70.04 -20.58 -8.06
C PRO E 321 -70.91 -21.82 -8.14
N VAL E 322 -71.07 -22.51 -7.02
CA VAL E 322 -71.92 -23.70 -6.95
C VAL E 322 -73.41 -23.34 -7.14
N GLU E 323 -73.84 -22.27 -6.50
CA GLU E 323 -75.19 -21.72 -6.64
C GLU E 323 -75.44 -21.27 -8.07
N LYS E 324 -74.45 -20.61 -8.69
CA LYS E 324 -74.52 -20.14 -10.08
C LYS E 324 -74.69 -21.34 -11.02
N ALA E 325 -73.96 -22.46 -10.76
CA ALA E 325 -74.07 -23.69 -11.55
C ALA E 325 -75.47 -24.33 -11.40
N LEU E 326 -76.07 -24.26 -10.19
CA LEU E 326 -77.42 -24.81 -9.95
C LEU E 326 -78.48 -23.98 -10.66
N ARG E 327 -78.36 -22.63 -10.60
CA ARG E 327 -79.26 -21.68 -11.25
C ARG E 327 -79.22 -21.86 -12.77
N ASP E 328 -78.01 -21.96 -13.35
CA ASP E 328 -77.78 -22.14 -14.79
C ASP E 328 -78.23 -23.50 -15.30
N ALA E 329 -78.19 -24.54 -14.44
CA ALA E 329 -78.63 -25.90 -14.76
C ALA E 329 -80.13 -26.06 -14.51
N LYS E 330 -80.80 -25.00 -13.99
CA LYS E 330 -82.20 -24.96 -13.59
C LYS E 330 -82.54 -26.10 -12.60
N LEU E 331 -81.58 -26.40 -11.70
CA LEU E 331 -81.71 -27.46 -10.70
C LEU E 331 -81.65 -26.96 -9.28
N ASP E 332 -82.42 -27.60 -8.39
CA ASP E 332 -82.42 -27.32 -6.96
C ASP E 332 -81.34 -28.23 -6.36
N LYS E 333 -80.73 -27.84 -5.22
CA LYS E 333 -79.67 -28.62 -4.58
C LYS E 333 -80.09 -30.05 -4.18
N SER E 334 -81.41 -30.26 -3.93
CA SER E 334 -81.99 -31.56 -3.56
C SER E 334 -81.98 -32.55 -4.75
N GLN E 335 -81.86 -32.02 -5.99
CA GLN E 335 -81.86 -32.79 -7.23
C GLN E 335 -80.46 -33.37 -7.59
N ILE E 336 -79.44 -33.08 -6.77
CA ILE E 336 -78.08 -33.60 -6.98
C ILE E 336 -77.96 -34.98 -6.32
N HIS E 337 -77.74 -36.03 -7.14
CA HIS E 337 -77.58 -37.44 -6.74
C HIS E 337 -76.17 -37.77 -6.28
N ASP E 338 -75.13 -37.12 -6.85
CA ASP E 338 -73.72 -37.37 -6.50
C ASP E 338 -72.89 -36.11 -6.49
N ILE E 339 -72.03 -35.97 -5.46
CA ILE E 339 -71.08 -34.88 -5.31
C ILE E 339 -69.69 -35.50 -5.30
N VAL E 340 -68.80 -35.05 -6.21
CA VAL E 340 -67.43 -35.56 -6.36
C VAL E 340 -66.42 -34.47 -6.04
N LEU E 341 -65.43 -34.78 -5.18
CA LEU E 341 -64.35 -33.87 -4.82
C LEU E 341 -63.11 -34.19 -5.64
N VAL E 342 -62.58 -33.19 -6.36
CA VAL E 342 -61.38 -33.32 -7.22
C VAL E 342 -60.45 -32.14 -6.93
N GLY E 343 -59.14 -32.36 -7.01
CA GLY E 343 -58.14 -31.33 -6.74
C GLY E 343 -57.66 -31.40 -5.31
N GLY E 344 -56.38 -31.16 -5.09
CA GLY E 344 -55.73 -31.26 -3.78
C GLY E 344 -56.35 -30.47 -2.65
N SER E 345 -56.86 -29.25 -2.92
CA SER E 345 -57.45 -28.39 -1.89
C SER E 345 -58.80 -28.89 -1.34
N THR E 346 -59.41 -29.91 -1.96
CA THR E 346 -60.67 -30.49 -1.45
C THR E 346 -60.42 -31.37 -0.21
N ARG E 347 -59.13 -31.60 0.14
CA ARG E 347 -58.74 -32.34 1.33
C ARG E 347 -58.97 -31.49 2.59
N ILE E 348 -59.13 -30.16 2.43
CA ILE E 348 -59.35 -29.25 3.55
C ILE E 348 -60.70 -29.56 4.23
N PRO E 349 -60.68 -29.98 5.53
CA PRO E 349 -61.94 -30.29 6.23
C PRO E 349 -63.01 -29.22 6.21
N LYS E 350 -62.64 -27.90 6.25
CA LYS E 350 -63.63 -26.82 6.24
C LYS E 350 -64.40 -26.77 4.92
N ILE E 351 -63.69 -26.97 3.79
CA ILE E 351 -64.27 -26.98 2.46
C ILE E 351 -65.28 -28.14 2.35
N GLN E 352 -64.89 -29.36 2.82
CA GLN E 352 -65.77 -30.55 2.83
C GLN E 352 -67.00 -30.28 3.68
N LYS E 353 -66.82 -29.61 4.85
CA LYS E 353 -67.89 -29.26 5.80
C LYS E 353 -68.85 -28.26 5.16
N LEU E 354 -68.33 -27.17 4.54
CA LEU E 354 -69.15 -26.15 3.87
C LEU E 354 -70.03 -26.76 2.78
N LEU E 355 -69.45 -27.65 1.97
CA LEU E 355 -70.15 -28.32 0.86
C LEU E 355 -71.19 -29.35 1.34
N GLN E 356 -70.85 -30.17 2.37
CA GLN E 356 -71.75 -31.19 2.93
C GLN E 356 -72.94 -30.53 3.63
N ASP E 357 -72.71 -29.41 4.36
CA ASP E 357 -73.77 -28.66 5.03
C ASP E 357 -74.68 -27.99 4.01
N PHE E 358 -74.10 -27.53 2.86
CA PHE E 358 -74.86 -26.94 1.77
C PHE E 358 -75.84 -27.96 1.21
N PHE E 359 -75.40 -29.22 1.05
CA PHE E 359 -76.24 -30.32 0.54
C PHE E 359 -76.96 -31.09 1.65
N ASN E 360 -77.22 -30.42 2.79
CA ASN E 360 -77.96 -30.92 3.96
C ASN E 360 -77.49 -32.30 4.50
N GLY E 361 -76.18 -32.44 4.68
CA GLY E 361 -75.55 -33.63 5.24
C GLY E 361 -75.30 -34.81 4.32
N LYS E 362 -75.40 -34.58 2.99
CA LYS E 362 -75.17 -35.61 1.97
C LYS E 362 -73.67 -36.01 1.90
N GLU E 363 -73.39 -37.33 1.89
CA GLU E 363 -72.01 -37.84 1.83
C GLU E 363 -71.36 -37.54 0.49
N LEU E 364 -70.06 -37.23 0.52
CA LEU E 364 -69.27 -36.86 -0.65
C LEU E 364 -68.43 -38.02 -1.18
N ASN E 365 -68.20 -38.04 -2.50
CA ASN E 365 -67.33 -39.03 -3.15
C ASN E 365 -65.92 -38.45 -3.06
N LYS E 366 -65.06 -39.05 -2.19
CA LYS E 366 -63.70 -38.55 -1.91
C LYS E 366 -62.61 -39.62 -1.72
N SER E 367 -62.99 -40.92 -1.74
CA SER E 367 -62.07 -42.04 -1.51
C SER E 367 -60.87 -42.12 -2.46
N ILE E 368 -61.00 -41.60 -3.69
CA ILE E 368 -59.91 -41.60 -4.67
C ILE E 368 -59.06 -40.34 -4.41
N ASN E 369 -57.72 -40.47 -4.38
CA ASN E 369 -56.78 -39.36 -4.19
C ASN E 369 -57.25 -38.21 -5.10
N PRO E 370 -57.71 -37.04 -4.56
CA PRO E 370 -58.28 -35.99 -5.44
C PRO E 370 -57.33 -35.38 -6.48
N ASP E 371 -56.01 -35.49 -6.28
CA ASP E 371 -54.98 -35.02 -7.22
C ASP E 371 -54.85 -35.98 -8.42
N GLU E 372 -55.33 -37.22 -8.26
CA GLU E 372 -55.20 -38.30 -9.24
C GLU E 372 -56.52 -38.76 -9.87
N ALA E 373 -57.69 -38.35 -9.33
CA ALA E 373 -59.03 -38.80 -9.77
C ALA E 373 -59.31 -38.63 -11.26
N VAL E 374 -58.91 -37.50 -11.87
CA VAL E 374 -59.15 -37.23 -13.30
C VAL E 374 -58.33 -38.20 -14.17
N ALA E 375 -57.01 -38.37 -13.86
CA ALA E 375 -56.14 -39.31 -14.58
C ALA E 375 -56.64 -40.74 -14.40
N TYR E 376 -57.16 -41.08 -13.19
CA TYR E 376 -57.75 -42.39 -12.85
C TYR E 376 -58.89 -42.72 -13.81
N GLY E 377 -59.78 -41.75 -14.00
CA GLY E 377 -60.94 -41.86 -14.90
C GLY E 377 -60.57 -41.95 -16.35
N ALA E 378 -59.47 -41.28 -16.74
CA ALA E 378 -58.97 -41.31 -18.12
C ALA E 378 -58.26 -42.66 -18.39
N ALA E 379 -57.67 -43.29 -17.35
CA ALA E 379 -57.00 -44.59 -17.45
C ALA E 379 -58.01 -45.72 -17.67
N VAL E 380 -59.14 -45.64 -16.99
CA VAL E 380 -60.24 -46.60 -17.10
C VAL E 380 -60.80 -46.54 -18.52
N GLN E 381 -60.98 -45.33 -19.02
CA GLN E 381 -61.49 -45.10 -20.35
C GLN E 381 -60.50 -45.64 -21.37
N ALA E 382 -59.22 -45.47 -21.09
CA ALA E 382 -58.16 -45.92 -21.97
C ALA E 382 -58.19 -47.44 -22.15
N ALA E 383 -58.47 -48.16 -21.07
CA ALA E 383 -58.55 -49.63 -21.11
C ALA E 383 -59.75 -50.05 -21.97
N ILE E 384 -60.87 -49.33 -21.82
CA ILE E 384 -62.12 -49.54 -22.56
C ILE E 384 -61.89 -49.38 -24.08
N LEU E 385 -61.18 -48.31 -24.47
CA LEU E 385 -60.90 -47.99 -25.88
C LEU E 385 -59.75 -48.78 -26.50
N SER E 386 -59.18 -49.76 -25.78
CA SER E 386 -58.08 -50.59 -26.30
C SER E 386 -58.57 -51.76 -27.14
N GLY F 4 -26.83 -35.53 30.50
CA GLY F 4 -26.64 -36.97 30.53
C GLY F 4 -27.92 -37.75 30.34
N SER F 5 -28.84 -37.18 29.53
CA SER F 5 -30.15 -37.73 29.17
C SER F 5 -30.21 -38.09 27.66
N ASN F 6 -29.05 -38.22 27.02
CA ASN F 6 -28.87 -38.59 25.61
C ASN F 6 -29.70 -39.82 25.27
N SER F 7 -30.65 -39.68 24.36
CA SER F 7 -31.57 -40.73 23.98
C SER F 7 -31.29 -41.35 22.61
N PRO F 8 -31.75 -42.59 22.33
CA PRO F 8 -31.61 -43.12 20.96
C PRO F 8 -32.36 -42.26 19.93
N GLN F 9 -33.50 -41.64 20.32
CA GLN F 9 -34.32 -40.80 19.43
C GLN F 9 -33.57 -39.58 18.85
N GLU F 10 -32.81 -38.84 19.68
CA GLU F 10 -31.97 -37.73 19.22
C GLU F 10 -30.90 -38.20 18.19
N GLU F 11 -30.40 -39.45 18.29
CA GLU F 11 -29.42 -39.99 17.31
C GLU F 11 -29.96 -39.96 15.89
N VAL F 12 -31.28 -40.20 15.72
CA VAL F 12 -31.99 -40.16 14.44
C VAL F 12 -31.93 -38.70 13.88
N GLU F 13 -32.16 -37.69 14.76
CA GLU F 13 -32.13 -36.28 14.35
C GLU F 13 -30.72 -35.80 14.02
N LEU F 14 -29.75 -36.24 14.80
CA LEU F 14 -28.34 -35.89 14.59
C LEU F 14 -27.81 -36.46 13.28
N LYS F 15 -28.26 -37.68 12.90
CA LYS F 15 -27.89 -38.29 11.59
C LYS F 15 -28.48 -37.49 10.39
N LYS F 16 -29.70 -36.93 10.54
CA LYS F 16 -30.33 -36.09 9.49
C LYS F 16 -29.54 -34.78 9.34
N LEU F 17 -29.17 -34.17 10.47
CA LEU F 17 -28.37 -32.92 10.48
C LEU F 17 -26.95 -33.14 9.95
N LYS F 18 -26.36 -34.34 10.19
CA LYS F 18 -25.04 -34.69 9.69
C LYS F 18 -25.06 -34.84 8.16
N HIS F 19 -26.16 -35.41 7.58
CA HIS F 19 -26.32 -35.55 6.13
C HIS F 19 -26.46 -34.16 5.50
N LEU F 20 -27.20 -33.25 6.17
CA LEU F 20 -27.36 -31.86 5.75
C LEU F 20 -26.04 -31.09 5.85
N GLU F 21 -25.24 -31.32 6.90
CA GLU F 21 -23.89 -30.72 7.03
C GLU F 21 -22.99 -31.10 5.84
N LYS F 22 -23.06 -32.39 5.39
CA LYS F 22 -22.24 -32.92 4.29
C LYS F 22 -22.68 -32.36 2.93
N SER F 23 -23.98 -32.19 2.72
CA SER F 23 -24.51 -31.56 1.48
C SER F 23 -24.04 -30.07 1.42
N VAL F 24 -24.01 -29.38 2.57
CA VAL F 24 -23.56 -28.01 2.70
C VAL F 24 -22.09 -27.91 2.32
N GLU F 25 -21.24 -28.88 2.77
CA GLU F 25 -19.80 -28.93 2.39
C GLU F 25 -19.66 -29.01 0.87
N LYS F 26 -20.50 -29.83 0.17
CA LYS F 26 -20.43 -29.97 -1.30
C LYS F 26 -20.79 -28.64 -2.02
N ILE F 27 -21.87 -27.97 -1.58
CA ILE F 27 -22.29 -26.67 -2.14
C ILE F 27 -21.20 -25.63 -1.84
N ALA F 28 -20.64 -25.64 -0.61
CA ALA F 28 -19.55 -24.74 -0.20
C ALA F 28 -18.30 -24.91 -1.09
N ASP F 29 -18.00 -26.16 -1.55
CA ASP F 29 -16.88 -26.47 -2.46
C ASP F 29 -17.12 -25.82 -3.82
N GLN F 30 -18.39 -25.77 -4.27
CA GLN F 30 -18.81 -25.12 -5.53
C GLN F 30 -18.66 -23.60 -5.39
N LEU F 31 -19.10 -23.01 -4.25
CA LEU F 31 -18.96 -21.58 -3.96
C LEU F 31 -17.48 -21.17 -3.96
N GLU F 32 -16.59 -21.99 -3.34
CA GLU F 32 -15.14 -21.73 -3.30
C GLU F 32 -14.55 -21.69 -4.70
N GLU F 33 -15.05 -22.56 -5.61
CA GLU F 33 -14.61 -22.59 -7.01
C GLU F 33 -15.07 -21.34 -7.73
N LEU F 34 -16.32 -20.88 -7.46
CA LEU F 34 -16.85 -19.66 -8.04
C LEU F 34 -16.07 -18.42 -7.59
N ASN F 35 -15.75 -18.34 -6.27
CA ASN F 35 -15.02 -17.25 -5.64
C ASN F 35 -13.63 -17.05 -6.24
N LYS F 36 -12.91 -18.18 -6.51
CA LYS F 36 -11.56 -18.20 -7.11
C LYS F 36 -11.60 -17.72 -8.56
N GLU F 37 -12.68 -18.05 -9.30
CA GLU F 37 -12.88 -17.61 -10.69
C GLU F 37 -13.26 -16.11 -10.70
N LEU F 38 -14.14 -15.67 -9.77
CA LEU F 38 -14.49 -14.24 -9.63
C LEU F 38 -13.24 -13.41 -9.29
N THR F 39 -12.43 -13.92 -8.36
CA THR F 39 -11.16 -13.30 -7.94
C THR F 39 -10.22 -13.24 -9.15
N GLY F 40 -10.15 -14.36 -9.89
CA GLY F 40 -9.34 -14.49 -11.09
C GLY F 40 -9.72 -13.46 -12.14
N ILE F 41 -11.02 -13.27 -12.37
CA ILE F 41 -11.50 -12.26 -13.34
C ILE F 41 -11.24 -10.82 -12.84
N GLN F 42 -11.59 -10.49 -11.57
CA GLN F 42 -11.40 -9.15 -10.97
C GLN F 42 -9.93 -8.71 -10.90
N GLN F 43 -9.02 -9.67 -10.63
CA GLN F 43 -7.58 -9.41 -10.47
C GLN F 43 -6.76 -9.86 -11.70
N GLY F 44 -7.42 -10.03 -12.84
CA GLY F 44 -6.76 -10.50 -14.06
C GLY F 44 -6.53 -9.44 -15.13
N PHE F 45 -6.02 -9.89 -16.30
CA PHE F 45 -5.72 -9.05 -17.45
C PHE F 45 -6.54 -9.50 -18.68
N LEU F 46 -7.87 -9.48 -18.53
CA LEU F 46 -8.83 -9.84 -19.58
C LEU F 46 -9.36 -8.51 -20.18
N PRO F 47 -9.39 -8.34 -21.53
CA PRO F 47 -9.90 -7.07 -22.11
C PRO F 47 -11.23 -6.62 -21.50
N LYS F 48 -11.41 -5.33 -21.30
CA LYS F 48 -12.58 -4.79 -20.63
C LYS F 48 -13.92 -5.19 -21.23
N ASP F 49 -14.05 -5.27 -22.55
CA ASP F 49 -15.32 -5.67 -23.13
C ASP F 49 -15.67 -7.09 -22.70
N LEU F 50 -14.68 -7.96 -22.74
CA LEU F 50 -14.83 -9.37 -22.35
C LEU F 50 -15.08 -9.60 -20.86
N GLN F 51 -14.47 -8.77 -20.03
CA GLN F 51 -14.53 -8.84 -18.57
C GLN F 51 -16.00 -8.78 -18.11
N ALA F 52 -16.77 -7.84 -18.68
CA ALA F 52 -18.20 -7.70 -18.35
C ALA F 52 -18.94 -9.01 -18.67
N GLU F 53 -18.70 -9.60 -19.87
CA GLU F 53 -19.29 -10.87 -20.35
C GLU F 53 -18.83 -12.10 -19.53
N ALA F 54 -17.55 -12.17 -19.11
CA ALA F 54 -17.04 -13.29 -18.31
C ALA F 54 -17.66 -13.31 -16.92
N LEU F 55 -17.80 -12.11 -16.32
CA LEU F 55 -18.39 -11.92 -15.01
C LEU F 55 -19.82 -12.42 -15.01
N CYS F 56 -20.62 -11.94 -15.98
CA CYS F 56 -22.05 -12.29 -16.07
C CYS F 56 -22.28 -13.76 -16.42
N LYS F 57 -21.30 -14.45 -17.00
CA LYS F 57 -21.35 -15.89 -17.27
C LYS F 57 -21.36 -16.75 -15.98
N LEU F 58 -21.04 -16.16 -14.81
CA LEU F 58 -21.09 -16.84 -13.50
C LEU F 58 -22.49 -16.81 -12.89
N ASP F 59 -23.42 -16.04 -13.49
CA ASP F 59 -24.78 -15.85 -12.98
C ASP F 59 -25.58 -17.12 -12.82
N ARG F 60 -25.54 -18.00 -13.83
CA ARG F 60 -26.27 -19.27 -13.77
C ARG F 60 -25.75 -20.08 -12.57
N ARG F 61 -24.41 -20.19 -12.43
CA ARG F 61 -23.74 -20.92 -11.36
C ARG F 61 -23.96 -20.33 -9.96
N VAL F 62 -23.88 -18.97 -9.79
CA VAL F 62 -24.13 -18.38 -8.46
C VAL F 62 -25.62 -18.53 -8.05
N LYS F 63 -26.53 -18.39 -9.03
CA LYS F 63 -27.97 -18.54 -8.80
C LYS F 63 -28.32 -19.97 -8.37
N ALA F 64 -27.62 -20.97 -8.97
CA ALA F 64 -27.74 -22.39 -8.65
C ALA F 64 -27.25 -22.68 -7.25
N THR F 65 -26.16 -22.02 -6.80
CA THR F 65 -25.52 -22.17 -5.48
C THR F 65 -26.46 -21.61 -4.42
N ILE F 66 -27.02 -20.42 -4.67
CA ILE F 66 -28.00 -19.74 -3.80
C ILE F 66 -29.19 -20.65 -3.60
N GLU F 67 -29.74 -21.18 -4.71
CA GLU F 67 -30.87 -22.08 -4.69
C GLU F 67 -30.61 -23.38 -3.91
N GLN F 68 -29.40 -23.97 -4.03
CA GLN F 68 -29.09 -25.21 -3.30
C GLN F 68 -29.01 -24.95 -1.80
N PHE F 69 -28.45 -23.80 -1.39
CA PHE F 69 -28.37 -23.39 0.01
C PHE F 69 -29.78 -23.10 0.57
N MET F 70 -30.66 -22.51 -0.24
CA MET F 70 -32.06 -22.22 0.14
C MET F 70 -32.84 -23.49 0.34
N LYS F 71 -32.60 -24.55 -0.47
CA LYS F 71 -33.26 -25.84 -0.34
C LYS F 71 -32.79 -26.58 0.93
N ILE F 72 -31.52 -26.35 1.34
CA ILE F 72 -30.98 -26.93 2.58
C ILE F 72 -31.71 -26.29 3.75
N LEU F 73 -31.86 -24.94 3.76
CA LEU F 73 -32.58 -24.23 4.84
C LEU F 73 -34.03 -24.70 4.94
N GLU F 74 -34.71 -24.92 3.80
CA GLU F 74 -36.10 -25.43 3.74
C GLU F 74 -36.20 -26.83 4.32
N GLU F 75 -35.19 -27.70 4.06
CA GLU F 75 -35.12 -29.04 4.63
C GLU F 75 -34.88 -28.97 6.11
N ILE F 76 -33.95 -28.11 6.59
CA ILE F 76 -33.67 -27.89 8.03
C ILE F 76 -34.94 -27.39 8.76
N ASP F 77 -35.71 -26.54 8.09
CA ASP F 77 -36.93 -25.94 8.64
C ASP F 77 -38.08 -26.95 8.85
N THR F 78 -37.92 -28.21 8.36
CA THR F 78 -38.95 -29.25 8.56
C THR F 78 -38.75 -29.95 9.92
N LEU F 79 -37.57 -29.76 10.55
CA LEU F 79 -37.23 -30.40 11.82
C LEU F 79 -37.94 -29.74 12.99
N ILE F 80 -38.38 -30.57 13.95
CA ILE F 80 -39.03 -30.16 15.20
C ILE F 80 -38.17 -30.85 16.25
N LEU F 81 -37.47 -30.06 17.04
CA LEU F 81 -36.55 -30.61 18.03
C LEU F 81 -36.96 -30.21 19.43
N PRO F 82 -37.36 -31.19 20.29
CA PRO F 82 -37.77 -30.83 21.66
C PRO F 82 -36.67 -30.09 22.41
N GLU F 83 -37.06 -29.27 23.41
CA GLU F 83 -36.14 -28.49 24.23
C GLU F 83 -35.02 -29.36 24.85
N ASN F 84 -35.35 -30.61 25.21
CA ASN F 84 -34.42 -31.59 25.78
C ASN F 84 -33.37 -32.07 24.76
N PHE F 85 -33.60 -31.89 23.45
CA PHE F 85 -32.63 -32.27 22.40
C PHE F 85 -31.65 -31.10 22.21
N LYS F 86 -30.92 -30.73 23.28
CA LYS F 86 -29.96 -29.62 23.31
C LYS F 86 -28.85 -29.73 22.25
N ASP F 87 -28.19 -30.91 22.13
CA ASP F 87 -27.13 -31.08 21.12
C ASP F 87 -27.65 -30.92 19.71
N SER F 88 -28.86 -31.47 19.45
CA SER F 88 -29.54 -31.34 18.14
C SER F 88 -29.87 -29.87 17.82
N ARG F 89 -30.35 -29.11 18.81
CA ARG F 89 -30.67 -27.68 18.67
C ARG F 89 -29.44 -26.84 18.41
N LEU F 90 -28.33 -27.13 19.09
CA LEU F 90 -27.05 -26.43 18.91
C LEU F 90 -26.48 -26.67 17.51
N LYS F 91 -26.55 -27.93 17.04
CA LYS F 91 -26.06 -28.35 15.71
C LYS F 91 -26.92 -27.70 14.59
N ARG F 92 -28.25 -27.66 14.76
CA ARG F 92 -29.17 -27.04 13.78
C ARG F 92 -28.88 -25.53 13.64
N LYS F 93 -28.75 -24.84 14.78
CA LYS F 93 -28.47 -23.40 14.81
C LYS F 93 -27.14 -23.05 14.17
N GLY F 94 -26.11 -23.83 14.48
CA GLY F 94 -24.77 -23.66 13.92
C GLY F 94 -24.74 -23.85 12.42
N LEU F 95 -25.50 -24.84 11.93
CA LEU F 95 -25.60 -25.13 10.49
C LEU F 95 -26.36 -24.02 9.76
N VAL F 96 -27.48 -23.53 10.32
CA VAL F 96 -28.25 -22.41 9.72
C VAL F 96 -27.33 -21.16 9.62
N LYS F 97 -26.64 -20.80 10.69
CA LYS F 97 -25.75 -19.64 10.64
C LYS F 97 -24.65 -19.81 9.59
N LYS F 98 -24.10 -21.01 9.48
CA LYS F 98 -23.04 -21.31 8.51
C LYS F 98 -23.58 -21.13 7.08
N VAL F 99 -24.78 -21.67 6.82
CA VAL F 99 -25.44 -21.52 5.51
C VAL F 99 -25.70 -20.03 5.19
N GLN F 100 -26.20 -19.27 6.18
CA GLN F 100 -26.46 -17.84 6.03
C GLN F 100 -25.19 -17.02 5.76
N ALA F 101 -24.04 -17.39 6.35
CA ALA F 101 -22.76 -16.71 6.09
C ALA F 101 -22.30 -17.05 4.65
N PHE F 102 -22.60 -18.27 4.17
CA PHE F 102 -22.31 -18.65 2.78
C PHE F 102 -23.22 -17.87 1.81
N LEU F 103 -24.51 -17.74 2.15
CA LEU F 103 -25.49 -16.96 1.36
C LEU F 103 -25.08 -15.48 1.23
N ALA F 104 -24.46 -14.89 2.29
CA ALA F 104 -23.97 -13.52 2.25
C ALA F 104 -22.76 -13.39 1.30
N GLU F 105 -21.94 -14.46 1.15
CA GLU F 105 -20.82 -14.52 0.20
C GLU F 105 -21.40 -14.63 -1.22
N CYS F 106 -22.51 -15.40 -1.39
CA CYS F 106 -23.22 -15.59 -2.65
C CYS F 106 -23.75 -14.19 -3.15
N ASP F 107 -24.33 -13.41 -2.24
CA ASP F 107 -24.85 -12.05 -2.48
C ASP F 107 -23.73 -11.09 -2.95
N THR F 108 -22.55 -11.21 -2.34
CA THR F 108 -21.35 -10.44 -2.69
C THR F 108 -20.98 -10.72 -4.16
N VAL F 109 -20.96 -12.02 -4.56
CA VAL F 109 -20.71 -12.45 -5.95
C VAL F 109 -21.80 -11.81 -6.87
N GLU F 110 -23.10 -11.98 -6.53
CA GLU F 110 -24.23 -11.40 -7.28
C GLU F 110 -24.11 -9.89 -7.48
N GLN F 111 -23.60 -9.15 -6.48
CA GLN F 111 -23.39 -7.69 -6.57
C GLN F 111 -22.19 -7.28 -7.45
N ASN F 112 -21.33 -8.24 -7.80
CA ASN F 112 -20.12 -7.98 -8.58
C ASN F 112 -20.18 -8.49 -10.04
N ILE F 113 -21.33 -9.10 -10.42
CA ILE F 113 -21.55 -9.65 -11.77
C ILE F 113 -22.84 -9.09 -12.37
N CYS F 114 -22.93 -9.06 -13.71
CA CYS F 114 -24.08 -8.59 -14.48
C CYS F 114 -24.47 -7.12 -14.19
N GLN F 115 -23.52 -6.30 -13.68
CA GLN F 115 -23.77 -4.90 -13.35
C GLN F 115 -23.63 -4.02 -14.59
N GLU F 116 -24.61 -3.14 -14.81
CA GLU F 116 -24.63 -2.22 -15.95
C GLU F 116 -24.67 -0.78 -15.46
C TRS G . 54.89 24.36 -5.54
C1 TRS G . 54.77 23.53 -6.81
C2 TRS G . 56.34 24.45 -5.03
C3 TRS G . 53.95 23.78 -4.47
N TRS G . 54.43 25.76 -5.86
O1 TRS G . 55.63 23.99 -7.83
O2 TRS G . 56.99 23.19 -5.01
O3 TRS G . 53.95 24.54 -3.28
N1 N8Y H . 55.85 16.78 -14.37
C1 N8Y H . 56.69 16.38 -15.33
N2 N8Y H . 56.61 16.98 -16.56
C2 N8Y H . 57.48 16.56 -17.48
N3 N8Y H . 58.40 15.63 -17.39
C3 N8Y H . 58.49 15.01 -16.18
C4 N8Y H . 57.65 15.32 -15.08
C5 N8Y H . 57.82 14.63 -13.87
C6 N8Y H . 58.76 13.64 -13.77
O1 N8Y H . 58.99 12.87 -12.65
C7 N8Y H . 58.21 13.11 -11.49
C8 N8Y H . 59.58 13.32 -14.84
C9 N8Y H . 59.45 13.99 -16.02
C1 GOL I . 38.30 1.31 -21.86
O1 GOL I . 38.91 0.58 -22.88
C2 GOL I . 37.10 0.58 -21.30
O2 GOL I . 37.45 -0.77 -20.95
C3 GOL I . 35.94 0.66 -22.26
O3 GOL I . 36.28 0.11 -23.52
C1 GOL J . 26.02 28.61 0.76
O1 GOL J . 26.95 29.19 -0.15
C2 GOL J . 24.79 29.45 0.86
O2 GOL J . 24.36 29.52 2.22
C3 GOL J . 23.69 28.83 0.01
O3 GOL J . 22.59 29.72 -0.09
C1 GOL K . 40.75 -0.51 -39.78
O1 GOL K . 42.06 -0.04 -39.43
C2 GOL K . 39.74 -0.14 -38.73
O2 GOL K . 40.23 -0.52 -37.44
C3 GOL K . 38.44 -0.88 -38.99
O3 GOL K . 37.56 -0.75 -37.88
C1 GOL L . 56.07 5.79 -22.74
O1 GOL L . 57.32 5.49 -22.14
C2 GOL L . 54.91 5.39 -21.86
O2 GOL L . 54.93 3.97 -21.63
C3 GOL L . 53.60 5.77 -22.52
O3 GOL L . 52.52 5.67 -21.59
C1 GOL M . 64.28 19.92 -27.33
O1 GOL M . 63.46 21.05 -27.64
C2 GOL M . 64.62 19.10 -28.56
O2 GOL M . 65.30 17.91 -28.14
C3 GOL M . 63.41 18.73 -29.38
O3 GOL M . 63.61 17.55 -30.17
C1 GOL N . 60.62 4.76 17.75
O1 GOL N . 62.01 5.00 17.84
C2 GOL N . 60.26 3.37 18.22
O2 GOL N . 58.86 3.31 18.50
C3 GOL N . 60.61 2.34 17.16
O3 GOL N . 60.61 1.03 17.71
C1 GOL O . 29.51 5.47 -21.47
O1 GOL O . 29.62 6.32 -22.60
C2 GOL O . 30.24 6.04 -20.27
O2 GOL O . 31.52 6.51 -20.66
C3 GOL O . 29.48 7.14 -19.58
O3 GOL O . 30.04 7.41 -18.30
S DMS P . 46.37 30.40 -5.13
O DMS P . 44.90 30.57 -4.91
C1 DMS P . 46.47 29.85 -6.81
C2 DMS P . 46.82 28.86 -4.38
S DMS Q . 36.92 6.96 -14.22
O DMS Q . 37.10 5.68 -14.96
C1 DMS Q . 35.70 6.65 -12.97
C2 DMS Q . 35.90 7.94 -15.29
S DMS R . 63.92 8.42 2.79
O DMS R . 62.65 8.81 3.47
C1 DMS R . 65.08 9.73 3.07
C2 DMS R . 63.63 8.73 1.06
S DMS S . 72.67 24.30 9.62
O DMS S . 73.51 24.72 8.48
C1 DMS S . 73.06 25.46 10.89
C2 DMS S . 73.49 22.89 10.30
C1 GOL T . 31.61 -2.71 -21.13
O1 GOL T . 30.60 -1.91 -20.54
C2 GOL T . 32.89 -2.67 -20.30
O2 GOL T . 33.81 -3.64 -20.79
C3 GOL T . 33.53 -1.30 -20.40
O3 GOL T . 34.87 -1.38 -19.98
C1 GOL U . 58.38 -17.22 -30.30
O1 GOL U . 59.72 -17.14 -30.77
C2 GOL U . 58.32 -16.90 -28.82
O2 GOL U . 59.04 -15.69 -28.56
C3 GOL U . 56.89 -16.74 -28.40
O3 GOL U . 56.74 -15.60 -27.54
C1 GOL V . 45.21 -16.01 -21.01
O1 GOL V . 46.14 -15.84 -22.06
C2 GOL V . 44.73 -14.69 -20.47
O2 GOL V . 45.81 -14.01 -19.83
C3 GOL V . 43.61 -14.89 -19.48
O3 GOL V . 43.25 -13.68 -18.84
C1 GOL W . 54.51 -14.40 -11.23
O1 GOL W . 53.76 -15.60 -11.13
C2 GOL W . 54.51 -13.64 -9.93
O2 GOL W . 53.18 -13.34 -9.53
C3 GOL W . 55.30 -12.35 -10.07
O3 GOL W . 55.43 -11.71 -8.82
C TRS X . 4.39 21.79 17.70
C1 TRS X . 3.93 21.27 16.33
C2 TRS X . 5.90 21.65 17.89
C3 TRS X . 3.63 21.05 18.81
N TRS X . 4.04 23.24 17.77
O1 TRS X . 5.01 20.75 15.55
O2 TRS X . 6.33 20.29 17.92
O3 TRS X . 3.50 21.85 19.98
N1 N8Y Y . 4.36 12.95 9.73
C1 N8Y Y . 5.12 12.40 8.76
N2 N8Y Y . 4.95 12.82 7.47
C2 N8Y Y . 5.74 12.27 6.54
N3 N8Y Y . 6.66 11.35 6.69
C3 N8Y Y . 6.84 10.90 7.97
C4 N8Y Y . 6.10 11.38 9.08
C5 N8Y Y . 6.37 10.86 10.35
C6 N8Y Y . 7.32 9.90 10.52
O1 N8Y Y . 7.65 9.30 11.72
C7 N8Y Y . 6.96 9.72 12.89
C8 N8Y Y . 8.05 9.42 9.44
C9 N8Y Y . 7.82 9.90 8.20
C1 GOL Z . -14.13 -3.06 5.96
O1 GOL Z . -13.72 -3.38 4.65
C2 GOL Z . -15.39 -3.81 6.34
O2 GOL Z . -15.06 -5.13 6.75
C3 GOL Z . -16.25 -3.85 5.10
O3 GOL Z . -17.13 -2.75 5.12
C1 GOL AA . -19.60 6.15 -8.85
O1 GOL AA . -19.79 5.40 -7.67
C2 GOL AA . -19.40 5.22 -10.03
O2 GOL AA . -18.58 4.13 -9.61
C3 GOL AA . -18.75 5.90 -11.21
O3 GOL AA . -19.50 7.04 -11.65
C1 GOL BA . -8.16 32.73 31.64
O1 GOL BA . -8.62 31.58 30.94
C2 GOL BA . -6.83 32.45 32.30
O2 GOL BA . -5.77 32.57 31.36
C3 GOL BA . -6.56 33.38 33.47
O3 GOL BA . -5.39 32.97 34.17
C1 GOL CA . -21.52 19.51 20.29
O1 GOL CA . -22.78 18.94 20.62
C2 GOL CA . -21.32 19.53 18.79
O2 GOL CA . -20.20 20.36 18.46
C3 GOL CA . -21.06 18.12 18.28
O3 GOL CA . -21.10 18.09 16.86
S DMS DA . -3.98 27.86 18.52
O DMS DA . -5.42 27.92 18.88
C1 DMS DA . -3.93 27.23 16.87
C2 DMS DA . -3.32 26.45 19.37
CL CL EA . 13.92 5.99 25.92
C1 GOL FA . -17.94 -6.81 7.53
O1 GOL FA . -17.66 -6.41 6.19
C2 GOL FA . -19.03 -5.99 8.16
O2 GOL FA . -18.68 -4.59 8.10
C3 GOL FA . -20.35 -6.24 7.47
O3 GOL FA . -21.44 -6.05 8.35
C TRS GA . -57.49 -30.66 -12.53
C1 TRS GA . -56.97 -30.02 -11.23
C2 TRS GA . -56.38 -30.77 -13.58
C3 TRS GA . -58.11 -32.03 -12.26
N TRS GA . -58.58 -29.77 -13.08
O1 TRS GA . -57.66 -30.51 -10.09
O2 TRS GA . -56.00 -29.51 -14.13
O3 TRS GA . -57.15 -32.96 -11.75
N1 N8Y HA . -53.42 -29.43 -1.35
C1 N8Y HA . -53.61 -29.83 -0.08
N2 N8Y HA . -54.37 -29.03 0.73
C2 N8Y HA . -54.57 -29.45 1.97
N3 N8Y HA . -54.13 -30.56 2.55
C3 N8Y HA . -53.37 -31.37 1.76
C4 N8Y HA . -53.07 -31.07 0.40
C5 N8Y HA . -52.27 -31.98 -0.33
C6 N8Y HA . -51.80 -33.12 0.26
O1 N8Y HA . -51.03 -34.08 -0.34
C7 N8Y HA . -50.66 -33.88 -1.70
C8 N8Y HA . -52.10 -33.41 1.58
C9 N8Y HA . -52.87 -32.57 2.32
C1 GOL IA . -33.50 -15.46 6.49
O1 GOL IA . -34.08 -16.74 6.52
C2 GOL IA . -32.78 -15.22 5.18
O2 GOL IA . -31.64 -16.10 5.09
C3 GOL IA . -32.35 -13.78 5.22
O3 GOL IA . -31.80 -13.44 6.49
C1 GOL JA . -43.05 -1.76 13.55
O1 GOL JA . -43.48 -2.04 14.88
C2 GOL JA . -43.40 -2.91 12.63
O2 GOL JA . -42.70 -4.07 13.05
C3 GOL JA . -43.08 -2.62 11.19
O3 GOL JA . -41.68 -2.72 10.95
S DMS KA . -57.25 -22.27 -18.21
O DMS KA . -58.48 -21.49 -18.07
C1 DMS KA . -57.74 -23.87 -18.73
C2 DMS KA . -56.80 -22.73 -16.57
S DMS LA . -45.85 -47.05 -9.42
O DMS LA . -45.36 -46.27 -10.59
C1 DMS LA . -47.44 -47.69 -9.90
C2 DMS LA . -46.36 -45.85 -8.23
#